data_4S3P
#
_entry.id   4S3P
#
_cell.length_a   85.337
_cell.length_b   106.811
_cell.length_c   217.665
_cell.angle_alpha   90.000
_cell.angle_beta   90.000
_cell.angle_gamma   90.000
#
_symmetry.space_group_name_H-M   'P 2 2 21'
#
loop_
_entity.id
_entity.type
_entity.pdbx_description
1 polymer 4-alpha-glucanotransferase
2 water water
#
_entity_poly.entity_id   1
_entity_poly.type   'polypeptide(L)'
_entity_poly.pdbx_seq_one_letter_code
;MESKRLDNAALAAGISPNYINAHGKPQSISAETKRRLLDAMHQRTATKVAVTPVPNVMVYTSGKKMPMVVEGSGEYSWLL
TTEEGTQYKGHVTGGKAFNLPTKLPEGYHTLTLTQDDQRAHCRVIVAPKRCYEPQALLNKQKLWGACVQLYTLRSEKNWG
IGDFGDLKAMLVDVAKRGGSFIGLNPIHALYPANPESASPYSPSSRRWLNVIYIDVNAVEDFHLSEEAQAWWQLPTTQQT
LQQARDADWVDYSTVTALKMTALRMAWKGFAQRDDEQMAAFRQFVAEQGDSLFWQAAFDALHAQQVKEDEMRWGWPAWPE
MYQNVDSPEVRQFCEEHRDDVDFYLWLQWLAYSQFAACWEISQGYEMPIGLYRDLAVGVAEGGAETWCDRELYCLKASVG
APPDILGPLGQNWGLPPMDPHIITARAYEPFIELLRANMQNCGALRIDHVMSMLRLWWIPYGETADQGAYVHYPVDDLLS
ILALESKRHRCMVIGEDLGTVPVEIVGKLRSSGVYSYKVLYFENDHEKTFRAPKAYPEQSMAVAATHDLPTLRGYWECGD
LTLGKTLGLYPDEVVLRGLYQDRELAKQGLLDALHKYGCLPKRAGHKASLMSMTPTLNRGLQRYIADSNSALLGLQPEDW
LDMAEPVNIPGTSYQYKNWRRKLSATLESMFADDGVNKLLKDLDRRRRSAHHHHHH
;
_entity_poly.pdbx_strand_id   A,B
#
# COMPACT_ATOMS: atom_id res chain seq x y z
N MET A 1 8.54 -31.96 -23.20
CA MET A 1 7.64 -33.14 -23.14
C MET A 1 6.49 -32.95 -24.12
N GLU A 2 6.20 -33.99 -24.90
CA GLU A 2 5.00 -34.00 -25.75
C GLU A 2 3.77 -34.40 -24.92
N SER A 3 2.59 -34.19 -25.49
CA SER A 3 1.31 -34.31 -24.79
C SER A 3 1.23 -35.49 -23.83
N LYS A 4 1.38 -36.69 -24.38
CA LYS A 4 0.93 -37.90 -23.71
C LYS A 4 1.81 -38.30 -22.53
N ARG A 5 3.08 -37.95 -22.59
CA ARG A 5 4.01 -38.15 -21.48
C ARG A 5 3.65 -37.22 -20.32
N LEU A 6 3.41 -35.97 -20.70
CA LEU A 6 3.01 -34.92 -19.79
C LEU A 6 1.68 -35.23 -19.09
N ASP A 7 0.70 -35.62 -19.90
CA ASP A 7 -0.62 -36.02 -19.40
C ASP A 7 -0.50 -37.00 -18.25
N ASN A 8 0.41 -37.96 -18.37
CA ASN A 8 0.59 -38.97 -17.31
C ASN A 8 1.30 -38.43 -16.08
N ALA A 9 2.32 -37.62 -16.30
CA ALA A 9 3.05 -37.00 -15.20
C ALA A 9 2.11 -36.10 -14.37
N ALA A 10 1.29 -35.33 -15.09
CA ALA A 10 0.30 -34.45 -14.48
C ALA A 10 -0.70 -35.23 -13.64
N LEU A 11 -1.16 -36.34 -14.18
CA LEU A 11 -2.15 -37.16 -13.51
C LEU A 11 -1.53 -37.74 -12.22
N ALA A 12 -0.30 -38.23 -12.34
CA ALA A 12 0.38 -38.85 -11.20
C ALA A 12 0.74 -37.83 -10.13
N ALA A 13 0.86 -36.56 -10.52
CA ALA A 13 1.11 -35.47 -9.57
C ALA A 13 -0.14 -34.91 -8.88
N GLY A 14 -1.31 -35.49 -9.15
CA GLY A 14 -2.56 -35.04 -8.53
C GLY A 14 -3.28 -33.87 -9.19
N ILE A 15 -2.91 -33.55 -10.43
CA ILE A 15 -3.56 -32.48 -11.20
C ILE A 15 -4.74 -33.04 -11.97
N SER A 16 -5.94 -32.56 -11.69
CA SER A 16 -7.11 -33.04 -12.41
C SER A 16 -7.05 -32.56 -13.86
N PRO A 17 -7.30 -33.45 -14.83
CA PRO A 17 -7.12 -33.10 -16.25
C PRO A 17 -8.24 -32.26 -16.88
N ASN A 18 -9.29 -31.97 -16.13
CA ASN A 18 -10.40 -31.17 -16.66
C ASN A 18 -11.25 -30.56 -15.55
N TYR A 19 -12.22 -29.73 -15.97
CA TYR A 19 -13.18 -29.09 -15.05
C TYR A 19 -14.48 -28.75 -15.78
N ILE A 20 -15.55 -28.58 -15.02
CA ILE A 20 -16.83 -28.16 -15.59
C ILE A 20 -16.77 -26.66 -15.79
N ASN A 21 -16.92 -26.21 -17.03
CA ASN A 21 -16.70 -24.81 -17.36
C ASN A 21 -17.95 -23.96 -17.15
N ALA A 22 -17.90 -22.70 -17.57
CA ALA A 22 -18.94 -21.72 -17.30
C ALA A 22 -20.19 -21.94 -18.12
N HIS A 23 -20.10 -22.82 -19.12
CA HIS A 23 -21.27 -23.26 -19.89
C HIS A 23 -21.64 -24.70 -19.57
N GLY A 24 -21.23 -25.17 -18.39
CA GLY A 24 -21.60 -26.50 -17.88
C GLY A 24 -20.94 -27.69 -18.54
N LYS A 25 -19.96 -27.44 -19.41
CA LYS A 25 -19.33 -28.50 -20.19
C LYS A 25 -17.99 -28.89 -19.58
N PRO A 26 -17.62 -30.18 -19.68
CA PRO A 26 -16.28 -30.58 -19.24
C PRO A 26 -15.25 -30.03 -20.21
N GLN A 27 -14.15 -29.52 -19.68
CA GLN A 27 -13.11 -28.89 -20.50
C GLN A 27 -11.75 -29.32 -20.03
N SER A 28 -10.92 -29.74 -20.98
CA SER A 28 -9.58 -30.17 -20.65
C SER A 28 -8.66 -29.00 -20.33
N ILE A 29 -7.76 -29.24 -19.38
CA ILE A 29 -6.69 -28.31 -19.01
C ILE A 29 -5.72 -28.27 -20.17
N SER A 30 -5.09 -27.12 -20.43
CA SER A 30 -4.11 -27.03 -21.52
C SER A 30 -2.82 -27.75 -21.12
N ALA A 31 -2.07 -28.18 -22.12
CA ALA A 31 -0.75 -28.75 -21.86
C ALA A 31 0.14 -27.71 -21.16
N GLU A 32 -0.02 -26.43 -21.53
CA GLU A 32 0.76 -25.36 -20.93
C GLU A 32 0.49 -25.23 -19.42
N THR A 33 -0.77 -25.20 -19.04
CA THR A 33 -1.13 -25.19 -17.63
C THR A 33 -0.52 -26.40 -16.92
N LYS A 34 -0.61 -27.57 -17.52
CA LYS A 34 0.01 -28.76 -16.93
C LYS A 34 1.53 -28.60 -16.78
N ARG A 35 2.20 -28.12 -17.82
CA ARG A 35 3.65 -27.90 -17.78
C ARG A 35 4.01 -27.02 -16.60
N ARG A 36 3.23 -25.97 -16.40
CA ARG A 36 3.58 -24.92 -15.46
C ARG A 36 3.29 -25.29 -14.03
N LEU A 37 2.23 -26.04 -13.80
CA LEU A 37 1.92 -26.53 -12.45
C LEU A 37 2.84 -27.69 -12.01
N LEU A 38 3.36 -28.48 -12.94
CA LEU A 38 4.37 -29.49 -12.58
C LEU A 38 5.67 -28.82 -12.15
N ASP A 39 6.07 -27.81 -12.91
CA ASP A 39 7.25 -27.01 -12.60
C ASP A 39 7.10 -26.26 -11.27
N ALA A 40 5.86 -25.93 -10.90
CA ALA A 40 5.58 -25.25 -9.64
C ALA A 40 5.72 -26.17 -8.42
N MET A 41 5.49 -27.47 -8.61
CA MET A 41 5.51 -28.44 -7.53
C MET A 41 6.91 -28.88 -7.11
N HIS A 42 6.97 -29.49 -5.92
CA HIS A 42 8.22 -29.96 -5.34
C HIS A 42 8.21 -31.48 -5.21
N GLN A 43 8.38 -32.16 -6.34
CA GLN A 43 8.45 -33.61 -6.32
C GLN A 43 9.89 -34.05 -6.33
N ARG A 44 10.16 -35.17 -5.69
CA ARG A 44 11.48 -35.79 -5.70
C ARG A 44 11.44 -36.97 -6.68
N THR A 45 12.44 -37.08 -7.54
CA THR A 45 12.55 -38.19 -8.47
C THR A 45 12.90 -39.47 -7.69
N ALA A 46 12.10 -40.53 -7.86
CA ALA A 46 12.35 -41.81 -7.17
C ALA A 46 13.45 -42.57 -7.90
N THR A 47 14.41 -43.11 -7.15
CA THR A 47 15.49 -43.89 -7.77
C THR A 47 15.12 -45.37 -7.92
N LYS A 48 14.12 -45.82 -7.15
CA LYS A 48 13.73 -47.24 -7.12
C LYS A 48 14.93 -48.20 -7.09
N VAL A 49 15.92 -47.84 -6.29
CA VAL A 49 17.17 -48.62 -6.17
C VAL A 49 17.06 -49.60 -5.00
N ALA A 50 16.41 -49.15 -3.93
CA ALA A 50 15.99 -50.03 -2.84
C ALA A 50 14.80 -49.42 -2.10
N VAL A 51 13.76 -49.05 -2.85
CA VAL A 51 12.61 -48.30 -2.32
C VAL A 51 12.20 -48.75 -0.91
N THR A 52 11.74 -47.78 -0.13
CA THR A 52 11.56 -47.91 1.31
C THR A 52 10.60 -49.06 1.72
N PRO A 53 10.96 -49.84 2.78
CA PRO A 53 10.18 -50.96 3.31
C PRO A 53 8.73 -50.61 3.66
N VAL A 54 8.56 -49.51 4.38
CA VAL A 54 7.23 -48.96 4.71
C VAL A 54 7.20 -47.48 4.34
N PRO A 55 6.01 -46.92 4.06
CA PRO A 55 5.96 -45.49 3.79
C PRO A 55 6.32 -44.63 5.00
N ASN A 56 6.63 -43.37 4.75
CA ASN A 56 7.01 -42.42 5.79
C ASN A 56 5.88 -42.05 6.73
N VAL A 57 4.64 -42.32 6.30
CA VAL A 57 3.46 -42.01 7.10
C VAL A 57 2.29 -42.89 6.69
N MET A 58 1.50 -43.30 7.67
CA MET A 58 0.29 -44.07 7.44
C MET A 58 -0.75 -43.56 8.42
N VAL A 59 -1.99 -43.39 7.96
CA VAL A 59 -3.07 -42.97 8.84
C VAL A 59 -4.12 -44.05 8.92
N TYR A 60 -4.58 -44.33 10.14
CA TYR A 60 -5.63 -45.31 10.37
C TYR A 60 -6.72 -44.72 11.28
N THR A 61 -7.94 -45.22 11.10
CA THR A 61 -9.05 -44.92 11.97
C THR A 61 -9.12 -45.92 13.13
N SER A 62 -9.21 -45.44 14.37
CA SER A 62 -9.20 -46.32 15.55
C SER A 62 -10.34 -47.33 15.53
N GLY A 63 -10.13 -48.48 16.16
CA GLY A 63 -11.10 -49.57 16.19
C GLY A 63 -11.16 -50.40 14.92
N LYS A 64 -10.09 -50.40 14.14
CA LYS A 64 -10.03 -51.14 12.88
C LYS A 64 -8.70 -51.82 12.68
N LYS A 65 -8.72 -52.87 11.85
CA LYS A 65 -7.50 -53.52 11.43
C LYS A 65 -6.61 -52.47 10.83
N MET A 66 -5.31 -52.63 11.02
CA MET A 66 -4.35 -51.67 10.51
C MET A 66 -3.31 -52.41 9.68
N PRO A 67 -3.73 -52.88 8.49
CA PRO A 67 -2.78 -53.58 7.65
C PRO A 67 -1.68 -52.63 7.20
N MET A 68 -0.45 -52.96 7.56
CA MET A 68 0.73 -52.26 7.09
C MET A 68 1.42 -53.17 6.07
N VAL A 69 1.58 -52.68 4.83
CA VAL A 69 2.23 -53.47 3.76
C VAL A 69 3.74 -53.23 3.75
N VAL A 70 4.52 -54.32 3.67
CA VAL A 70 5.98 -54.24 3.74
C VAL A 70 6.62 -54.69 2.42
N GLU A 71 7.43 -53.82 1.82
CA GLU A 71 8.11 -54.12 0.56
C GLU A 71 9.48 -54.75 0.83
N GLY A 72 10.12 -55.26 -0.23
CA GLY A 72 11.45 -55.88 -0.14
C GLY A 72 11.41 -57.39 0.03
N SER A 73 12.38 -57.93 0.77
CA SER A 73 12.32 -59.32 1.26
C SER A 73 13.49 -59.60 2.21
N GLY A 74 13.35 -60.69 2.97
CA GLY A 74 14.23 -60.97 4.11
C GLY A 74 13.59 -60.48 5.39
N GLU A 75 13.99 -61.05 6.52
CA GLU A 75 13.39 -60.72 7.83
C GLU A 75 13.69 -59.30 8.30
N TYR A 76 12.63 -58.57 8.65
CA TYR A 76 12.75 -57.25 9.25
C TYR A 76 12.26 -57.35 10.69
N SER A 77 12.93 -56.68 11.61
CA SER A 77 12.43 -56.55 12.97
C SER A 77 11.76 -55.18 13.13
N TRP A 78 10.54 -55.18 13.65
CA TRP A 78 9.77 -53.94 13.81
C TRP A 78 9.60 -53.53 15.26
N LEU A 79 9.78 -52.24 15.52
CA LEU A 79 9.53 -51.66 16.83
C LEU A 79 8.47 -50.61 16.65
N LEU A 80 7.39 -50.68 17.44
CA LEU A 80 6.34 -49.66 17.40
C LEU A 80 6.19 -48.98 18.77
N THR A 81 6.68 -47.75 18.88
CA THR A 81 6.55 -46.98 20.12
C THR A 81 5.34 -46.05 20.00
N THR A 82 4.40 -46.15 20.94
CA THR A 82 3.25 -45.26 20.96
C THR A 82 3.66 -43.85 21.42
N GLU A 83 2.73 -42.90 21.40
CA GLU A 83 3.02 -41.54 21.84
C GLU A 83 3.20 -41.57 23.35
N GLU A 84 2.37 -42.35 24.04
CA GLU A 84 2.44 -42.52 25.49
C GLU A 84 3.76 -43.13 25.97
N GLY A 85 4.41 -43.92 25.10
CA GLY A 85 5.68 -44.58 25.44
C GLY A 85 5.71 -46.09 25.26
N THR A 86 4.53 -46.71 25.24
CA THR A 86 4.38 -48.18 25.13
C THR A 86 5.11 -48.77 23.91
N GLN A 87 5.80 -49.89 24.12
CA GLN A 87 6.58 -50.53 23.05
C GLN A 87 5.99 -51.85 22.57
N TYR A 88 6.00 -52.03 21.25
CA TYR A 88 5.65 -53.30 20.62
C TYR A 88 6.80 -53.70 19.69
N LYS A 89 7.15 -54.98 19.71
CA LYS A 89 8.28 -55.51 18.95
C LYS A 89 7.93 -56.81 18.24
N GLY A 90 8.61 -57.08 17.15
CA GLY A 90 8.33 -58.28 16.38
C GLY A 90 9.20 -58.40 15.14
N HIS A 91 8.90 -59.44 14.35
CA HIS A 91 9.59 -59.71 13.08
C HIS A 91 8.54 -59.79 11.97
N VAL A 92 8.95 -59.49 10.75
CA VAL A 92 8.06 -59.57 9.60
C VAL A 92 8.91 -59.78 8.35
N THR A 93 8.33 -60.41 7.34
CA THR A 93 9.04 -60.67 6.08
C THR A 93 8.50 -59.82 4.93
N GLY A 94 9.41 -59.28 4.12
CA GLY A 94 9.06 -58.41 3.00
C GLY A 94 8.16 -59.07 1.97
N GLY A 95 7.26 -58.28 1.40
CA GLY A 95 6.29 -58.77 0.42
C GLY A 95 5.01 -59.28 1.06
N LYS A 96 5.00 -59.39 2.39
CA LYS A 96 3.83 -59.81 3.14
C LYS A 96 3.49 -58.70 4.09
N ALA A 97 2.23 -58.26 4.09
CA ALA A 97 1.76 -57.24 5.04
C ALA A 97 1.60 -57.85 6.44
N PHE A 98 1.55 -56.98 7.44
CA PHE A 98 1.24 -57.41 8.79
C PHE A 98 0.34 -56.38 9.46
N ASN A 99 -0.59 -56.87 10.28
CA ASN A 99 -1.47 -55.99 11.04
C ASN A 99 -0.76 -55.43 12.27
N LEU A 100 -0.97 -54.15 12.55
CA LEU A 100 -0.43 -53.56 13.76
C LEU A 100 -1.21 -54.07 14.96
N PRO A 101 -0.58 -54.07 16.17
CA PRO A 101 -1.26 -54.57 17.36
C PRO A 101 -2.61 -53.90 17.52
N THR A 102 -3.64 -54.66 17.86
CA THR A 102 -4.99 -54.10 17.94
C THR A 102 -5.09 -53.14 19.12
N LYS A 103 -6.21 -52.42 19.20
CA LYS A 103 -6.53 -51.55 20.34
C LYS A 103 -5.47 -50.48 20.62
N LEU A 104 -4.84 -49.98 19.56
CA LEU A 104 -3.87 -48.91 19.70
C LEU A 104 -4.60 -47.65 20.04
N PRO A 105 -4.04 -46.84 20.95
CA PRO A 105 -4.66 -45.58 21.29
C PRO A 105 -4.56 -44.57 20.14
N GLU A 106 -5.38 -43.55 20.22
CA GLU A 106 -5.32 -42.46 19.25
C GLU A 106 -4.08 -41.62 19.51
N GLY A 107 -3.51 -41.06 18.45
CA GLY A 107 -2.35 -40.19 18.59
C GLY A 107 -1.31 -40.43 17.52
N TYR A 108 -0.06 -40.10 17.84
CA TYR A 108 1.02 -40.11 16.85
C TYR A 108 2.15 -41.06 17.27
N HIS A 109 2.27 -42.16 16.55
CA HIS A 109 3.19 -43.24 16.91
C HIS A 109 4.32 -43.37 15.91
N THR A 110 5.29 -44.21 16.25
CA THR A 110 6.49 -44.42 15.45
C THR A 110 6.81 -45.91 15.29
N LEU A 111 6.66 -46.39 14.06
CA LEU A 111 7.09 -47.72 13.65
C LEU A 111 8.50 -47.62 13.07
N THR A 112 9.39 -48.52 13.49
CA THR A 112 10.73 -48.57 12.94
C THR A 112 11.10 -50.01 12.55
N LEU A 113 11.41 -50.22 11.27
CA LEU A 113 11.89 -51.50 10.77
C LEU A 113 13.41 -51.49 10.66
N THR A 114 14.04 -52.63 10.91
CA THR A 114 15.48 -52.78 10.81
C THR A 114 15.83 -54.08 10.08
N GLN A 115 16.82 -54.00 9.20
CA GLN A 115 17.41 -55.16 8.51
C GLN A 115 18.88 -54.84 8.30
N ASP A 116 19.75 -55.60 8.96
CA ASP A 116 21.18 -55.27 9.05
C ASP A 116 21.29 -53.95 9.79
N ASP A 117 21.83 -52.91 9.15
CA ASP A 117 21.88 -51.59 9.75
C ASP A 117 20.64 -50.79 9.41
N GLN A 118 20.17 -50.97 8.18
CA GLN A 118 19.20 -50.06 7.56
C GLN A 118 17.91 -49.96 8.36
N ARG A 119 17.58 -48.74 8.78
CA ARG A 119 16.36 -48.46 9.54
C ARG A 119 15.42 -47.61 8.69
N ALA A 120 14.14 -47.94 8.72
CA ALA A 120 13.11 -47.11 8.08
C ALA A 120 12.07 -46.75 9.11
N HIS A 121 11.60 -45.50 9.06
CA HIS A 121 10.62 -45.03 10.02
C HIS A 121 9.33 -44.72 9.32
N CYS A 122 8.23 -44.99 9.99
CA CYS A 122 6.91 -44.63 9.50
C CYS A 122 6.15 -44.00 10.63
N ARG A 123 5.69 -42.77 10.45
CA ARG A 123 4.78 -42.18 11.40
C ARG A 123 3.43 -42.85 11.23
N VAL A 124 2.92 -43.39 12.33
CA VAL A 124 1.66 -44.07 12.33
C VAL A 124 0.70 -43.22 13.13
N ILE A 125 -0.35 -42.74 12.45
CA ILE A 125 -1.36 -41.90 13.06
C ILE A 125 -2.64 -42.70 13.20
N VAL A 126 -3.16 -42.73 14.42
CA VAL A 126 -4.45 -43.37 14.71
C VAL A 126 -5.43 -42.28 15.12
N ALA A 127 -6.51 -42.16 14.33
CA ALA A 127 -7.45 -41.06 14.46
C ALA A 127 -8.85 -41.57 14.78
N PRO A 128 -9.64 -40.78 15.50
CA PRO A 128 -11.05 -41.08 15.59
C PRO A 128 -11.70 -40.78 14.26
N LYS A 129 -12.90 -41.31 14.06
CA LYS A 129 -13.68 -41.02 12.88
C LYS A 129 -14.19 -39.56 12.91
N ARG A 130 -14.79 -39.16 14.03
CA ARG A 130 -15.44 -37.85 14.12
C ARG A 130 -14.61 -36.82 14.86
N CYS A 131 -14.75 -35.58 14.43
CA CYS A 131 -14.39 -34.43 15.22
C CYS A 131 -15.24 -34.38 16.50
N TYR A 132 -14.75 -33.56 17.42
CA TYR A 132 -15.33 -33.39 18.73
C TYR A 132 -16.58 -32.53 18.68
N GLU A 133 -17.48 -32.81 19.61
CA GLU A 133 -18.69 -32.02 19.79
C GLU A 133 -18.95 -31.82 21.27
N PRO A 134 -19.31 -30.60 21.68
CA PRO A 134 -19.66 -30.40 23.07
C PRO A 134 -20.87 -31.24 23.48
N GLN A 135 -21.02 -31.46 24.79
CA GLN A 135 -22.12 -32.27 25.30
C GLN A 135 -23.45 -31.64 24.90
N ALA A 136 -23.52 -30.31 24.99
CA ALA A 136 -24.69 -29.55 24.57
C ALA A 136 -25.24 -29.96 23.20
N LEU A 137 -24.37 -30.22 22.23
CA LEU A 137 -24.82 -30.57 20.90
C LEU A 137 -25.11 -32.07 20.80
N LEU A 138 -24.33 -32.89 21.51
CA LEU A 138 -24.68 -34.30 21.68
C LEU A 138 -26.06 -34.49 22.30
N ASN A 139 -26.45 -33.57 23.19
CA ASN A 139 -27.79 -33.61 23.77
C ASN A 139 -28.82 -32.84 22.95
N LYS A 140 -28.50 -32.52 21.69
CA LYS A 140 -29.44 -31.91 20.75
C LYS A 140 -29.92 -30.50 21.11
N GLN A 141 -29.17 -29.79 21.95
CA GLN A 141 -29.50 -28.41 22.25
C GLN A 141 -29.19 -27.51 21.05
N LYS A 142 -29.87 -26.39 21.02
CA LYS A 142 -29.67 -25.38 19.98
C LYS A 142 -29.06 -24.17 20.66
N LEU A 143 -27.85 -23.81 20.26
CA LEU A 143 -27.12 -22.69 20.85
C LEU A 143 -27.02 -21.52 19.88
N TRP A 144 -26.70 -20.35 20.43
CA TRP A 144 -26.43 -19.18 19.63
C TRP A 144 -25.22 -18.43 20.16
N GLY A 145 -24.67 -17.57 19.32
CA GLY A 145 -23.54 -16.74 19.70
C GLY A 145 -23.48 -15.48 18.85
N ALA A 146 -22.56 -14.59 19.19
CA ALA A 146 -22.32 -13.43 18.36
C ALA A 146 -21.16 -13.73 17.44
N CYS A 147 -21.32 -13.41 16.16
CA CYS A 147 -20.22 -13.47 15.21
C CYS A 147 -19.82 -12.05 14.92
N VAL A 148 -18.65 -11.65 15.39
CA VAL A 148 -18.19 -10.27 15.21
C VAL A 148 -16.90 -10.16 14.42
N GLN A 149 -16.72 -9.00 13.79
CA GLN A 149 -15.43 -8.57 13.26
C GLN A 149 -14.75 -7.76 14.34
N LEU A 150 -13.73 -8.37 14.97
CA LEU A 150 -13.14 -7.80 16.20
C LEU A 150 -12.78 -6.32 16.11
N TYR A 151 -12.18 -5.91 15.00
CA TYR A 151 -11.72 -4.51 14.78
C TYR A 151 -12.86 -3.46 14.78
N THR A 152 -14.09 -3.90 14.44
CA THR A 152 -15.26 -3.02 14.43
C THR A 152 -15.80 -2.65 15.80
N LEU A 153 -15.37 -3.33 16.86
CA LEU A 153 -15.95 -3.10 18.18
C LEU A 153 -15.53 -1.76 18.77
N ARG A 154 -16.52 -1.03 19.29
CA ARG A 154 -16.32 0.21 20.02
C ARG A 154 -16.53 -0.02 21.52
N SER A 155 -15.76 0.70 22.33
CA SER A 155 -15.89 0.66 23.78
C SER A 155 -15.32 1.92 24.39
N GLU A 156 -15.60 2.14 25.67
CA GLU A 156 -15.08 3.30 26.39
C GLU A 156 -13.56 3.29 26.59
N LYS A 157 -12.93 2.13 26.49
CA LYS A 157 -11.56 1.98 26.97
C LYS A 157 -10.52 1.71 25.89
N ASN A 158 -10.94 1.25 24.71
CA ASN A 158 -9.99 0.84 23.67
C ASN A 158 -9.30 2.05 22.99
N TRP A 159 -8.36 1.78 22.09
CA TRP A 159 -7.51 2.83 21.52
C TRP A 159 -7.89 3.20 20.08
N GLY A 160 -9.13 2.97 19.70
CA GLY A 160 -9.57 3.25 18.33
C GLY A 160 -9.69 2.02 17.44
N ILE A 161 -9.61 0.84 18.03
CA ILE A 161 -9.90 -0.42 17.34
C ILE A 161 -10.27 -1.45 18.38
N GLY A 162 -11.29 -2.24 18.08
CA GLY A 162 -11.64 -3.39 18.92
C GLY A 162 -10.43 -4.27 19.15
N ASP A 163 -10.34 -4.83 20.35
CA ASP A 163 -9.17 -5.57 20.77
C ASP A 163 -9.55 -6.61 21.80
N PHE A 164 -8.56 -7.32 22.33
CA PHE A 164 -8.85 -8.41 23.25
C PHE A 164 -9.51 -7.94 24.54
N GLY A 165 -9.32 -6.68 24.92
CA GLY A 165 -9.97 -6.13 26.11
C GLY A 165 -11.48 -6.10 25.92
N ASP A 166 -11.89 -5.62 24.76
CA ASP A 166 -13.29 -5.57 24.37
C ASP A 166 -13.85 -6.97 24.21
N LEU A 167 -13.07 -7.87 23.65
CA LEU A 167 -13.51 -9.25 23.50
C LEU A 167 -13.85 -9.85 24.86
N LYS A 168 -13.00 -9.61 25.84
CA LYS A 168 -13.20 -10.16 27.18
C LYS A 168 -14.47 -9.61 27.79
N ALA A 169 -14.67 -8.31 27.63
CA ALA A 169 -15.82 -7.64 28.17
C ALA A 169 -17.11 -8.09 27.50
N MET A 170 -17.05 -8.35 26.20
CA MET A 170 -18.24 -8.75 25.45
C MET A 170 -18.63 -10.19 25.78
N LEU A 171 -17.65 -11.04 26.00
CA LEU A 171 -17.95 -12.41 26.40
C LEU A 171 -18.97 -12.43 27.55
N VAL A 172 -18.78 -11.52 28.51
CA VAL A 172 -19.65 -11.46 29.69
C VAL A 172 -21.09 -11.10 29.31
N ASP A 173 -21.26 -10.05 28.53
CA ASP A 173 -22.60 -9.63 28.15
C ASP A 173 -23.30 -10.70 27.32
N VAL A 174 -22.57 -11.29 26.38
CA VAL A 174 -23.15 -12.35 25.57
C VAL A 174 -23.55 -13.52 26.48
N ALA A 175 -22.69 -13.90 27.41
CA ALA A 175 -22.94 -15.08 28.27
C ALA A 175 -24.15 -14.90 29.18
N LYS A 176 -24.26 -13.71 29.79
CA LYS A 176 -25.37 -13.40 30.67
C LYS A 176 -26.71 -13.50 29.95
N ARG A 177 -26.71 -13.35 28.62
CA ARG A 177 -27.93 -13.40 27.84
C ARG A 177 -28.19 -14.76 27.19
N GLY A 178 -27.47 -15.79 27.65
CA GLY A 178 -27.61 -17.14 27.11
C GLY A 178 -26.76 -17.44 25.89
N GLY A 179 -25.84 -16.53 25.57
CA GLY A 179 -24.97 -16.71 24.42
C GLY A 179 -23.95 -17.79 24.71
N SER A 180 -23.71 -18.64 23.72
CA SER A 180 -22.79 -19.78 23.88
C SER A 180 -21.39 -19.49 23.39
N PHE A 181 -21.22 -18.49 22.52
CA PHE A 181 -19.89 -18.17 22.02
C PHE A 181 -19.78 -16.78 21.43
N ILE A 182 -18.54 -16.34 21.23
CA ILE A 182 -18.27 -15.27 20.29
C ILE A 182 -17.38 -15.82 19.18
N GLY A 183 -17.81 -15.56 17.94
CA GLY A 183 -17.07 -15.91 16.75
C GLY A 183 -16.26 -14.72 16.29
N LEU A 184 -15.12 -15.02 15.66
CA LEU A 184 -14.16 -13.99 15.23
C LEU A 184 -13.81 -14.11 13.76
N ASN A 185 -13.45 -12.98 13.18
CA ASN A 185 -12.72 -12.94 11.92
C ASN A 185 -11.34 -13.57 12.14
N PRO A 186 -10.66 -13.95 11.06
CA PRO A 186 -9.28 -14.42 11.28
C PRO A 186 -8.42 -13.33 11.93
N ILE A 187 -7.76 -13.70 13.02
CA ILE A 187 -6.89 -12.77 13.77
C ILE A 187 -5.42 -13.10 13.50
N HIS A 188 -5.16 -13.54 12.27
CA HIS A 188 -3.84 -13.94 11.85
C HIS A 188 -2.95 -12.72 11.78
N ALA A 189 -1.71 -12.92 12.21
CA ALA A 189 -0.64 -11.93 12.08
C ALA A 189 -0.66 -11.27 10.72
N LEU A 190 -0.70 -9.94 10.73
CA LEU A 190 -0.63 -9.15 9.51
C LEU A 190 0.70 -8.39 9.53
N TYR A 191 0.72 -7.12 9.12
CA TYR A 191 1.97 -6.35 8.94
C TYR A 191 1.91 -5.01 9.70
N PRO A 192 2.49 -4.97 10.92
CA PRO A 192 2.62 -3.71 11.67
C PRO A 192 3.46 -2.64 10.99
N ALA A 193 4.36 -3.05 10.13
CA ALA A 193 5.14 -2.10 9.34
C ALA A 193 4.34 -1.56 8.14
N ASN A 194 3.22 -2.20 7.85
CA ASN A 194 2.36 -1.82 6.74
C ASN A 194 0.89 -1.95 7.15
N PRO A 195 0.49 -1.21 8.20
CA PRO A 195 -0.78 -1.44 8.87
C PRO A 195 -1.99 -1.29 7.96
N GLU A 196 -1.86 -0.50 6.90
CA GLU A 196 -2.98 -0.26 5.99
C GLU A 196 -3.35 -1.48 5.13
N SER A 197 -2.50 -2.50 5.05
CA SER A 197 -2.90 -3.75 4.42
C SER A 197 -3.58 -4.66 5.44
N ALA A 198 -4.87 -4.40 5.63
CA ALA A 198 -5.59 -4.88 6.79
C ALA A 198 -6.49 -6.09 6.55
N SER A 199 -6.46 -6.67 5.35
CA SER A 199 -7.30 -7.82 5.09
C SER A 199 -6.84 -9.00 5.93
N PRO A 200 -7.74 -9.59 6.73
CA PRO A 200 -7.36 -10.78 7.46
C PRO A 200 -7.08 -11.95 6.53
N TYR A 201 -7.48 -11.81 5.27
CA TYR A 201 -7.41 -12.92 4.28
C TYR A 201 -6.17 -12.94 3.36
N SER A 202 -5.20 -12.06 3.64
CA SER A 202 -3.82 -12.15 3.09
C SER A 202 -2.77 -12.01 4.22
N PRO A 203 -2.82 -12.92 5.20
CA PRO A 203 -2.01 -12.81 6.39
C PRO A 203 -0.54 -13.13 6.17
N SER A 204 0.30 -12.61 7.05
CA SER A 204 1.72 -12.92 7.03
C SER A 204 1.93 -14.39 7.36
N SER A 205 1.18 -14.86 8.36
CA SER A 205 1.27 -16.21 8.89
C SER A 205 -0.07 -16.63 9.48
N ARG A 206 -0.43 -17.90 9.37
CA ARG A 206 -1.67 -18.39 9.96
C ARG A 206 -1.44 -19.09 11.31
N ARG A 207 -0.22 -19.00 11.84
CA ARG A 207 0.11 -19.55 13.15
C ARG A 207 0.20 -18.49 14.26
N TRP A 208 0.53 -17.26 13.89
CA TRP A 208 0.73 -16.19 14.87
C TRP A 208 -0.39 -15.19 14.79
N LEU A 209 -0.39 -14.23 15.71
CA LEU A 209 -1.54 -13.38 15.96
C LEU A 209 -1.34 -11.96 15.49
N ASN A 210 -2.45 -11.31 15.16
CA ASN A 210 -2.44 -9.89 14.80
C ASN A 210 -2.23 -9.03 16.03
N VAL A 211 -1.07 -8.41 16.11
CA VAL A 211 -0.68 -7.70 17.34
C VAL A 211 -1.42 -6.38 17.58
N ILE A 212 -2.14 -5.90 16.58
CA ILE A 212 -2.92 -4.69 16.78
C ILE A 212 -4.05 -4.93 17.78
N TYR A 213 -4.34 -6.20 18.05
CA TYR A 213 -5.39 -6.52 18.99
C TYR A 213 -4.97 -6.46 20.45
N ILE A 214 -3.68 -6.35 20.73
CA ILE A 214 -3.21 -6.23 22.11
C ILE A 214 -3.95 -5.09 22.81
N ASP A 215 -4.47 -5.37 24.00
CA ASP A 215 -5.05 -4.34 24.85
C ASP A 215 -3.94 -3.73 25.68
N VAL A 216 -3.47 -2.55 25.27
CA VAL A 216 -2.33 -1.92 25.94
C VAL A 216 -2.63 -1.54 27.40
N ASN A 217 -3.90 -1.27 27.68
CA ASN A 217 -4.34 -0.98 29.03
C ASN A 217 -4.02 -2.13 29.98
N ALA A 218 -4.13 -3.36 29.48
CA ALA A 218 -3.88 -4.55 30.28
C ALA A 218 -2.39 -4.88 30.40
N VAL A 219 -1.50 -4.03 29.89
CA VAL A 219 -0.06 -4.31 29.93
C VAL A 219 0.57 -3.59 31.13
N GLU A 220 0.98 -4.37 32.12
CA GLU A 220 1.48 -3.86 33.41
C GLU A 220 2.62 -2.85 33.25
N ASP A 221 3.52 -3.15 32.32
CA ASP A 221 4.70 -2.32 32.12
C ASP A 221 4.41 -1.01 31.40
N PHE A 222 3.26 -0.92 30.74
CA PHE A 222 2.83 0.37 30.19
C PHE A 222 2.56 1.33 31.32
N HIS A 223 1.92 0.85 32.36
CA HIS A 223 1.53 1.71 33.49
C HIS A 223 2.72 2.09 34.34
N LEU A 224 3.69 1.18 34.44
CA LEU A 224 4.87 1.39 35.30
C LEU A 224 5.95 2.26 34.67
N SER A 225 6.03 2.30 33.35
CA SER A 225 7.04 3.10 32.64
C SER A 225 6.73 4.59 32.77
N GLU A 226 7.54 5.31 33.55
CA GLU A 226 7.47 6.78 33.61
C GLU A 226 7.48 7.39 32.21
N GLU A 227 8.44 6.95 31.39
CA GLU A 227 8.56 7.40 30.00
C GLU A 227 7.21 7.29 29.28
N ALA A 228 6.55 6.15 29.44
CA ALA A 228 5.25 5.88 28.82
C ALA A 228 4.11 6.76 29.35
N GLN A 229 4.12 7.08 30.63
CA GLN A 229 3.06 7.92 31.17
C GLN A 229 3.27 9.36 30.73
N ALA A 230 4.52 9.81 30.66
CA ALA A 230 4.85 11.11 30.08
C ALA A 230 4.29 11.21 28.67
N TRP A 231 4.45 10.15 27.89
CA TRP A 231 3.98 10.11 26.52
C TRP A 231 2.44 10.10 26.48
N TRP A 232 1.84 9.26 27.28
CA TRP A 232 0.38 9.16 27.38
C TRP A 232 -0.25 10.50 27.79
N GLN A 233 0.46 11.23 28.64
CA GLN A 233 -0.02 12.48 29.17
C GLN A 233 0.02 13.65 28.19
N LEU A 234 0.65 13.49 27.03
CA LEU A 234 0.77 14.62 26.10
C LEU A 234 -0.59 14.98 25.48
N PRO A 235 -0.82 16.28 25.23
CA PRO A 235 -2.11 16.67 24.66
C PRO A 235 -2.24 16.17 23.23
N THR A 236 -1.14 16.12 22.50
CA THR A 236 -1.16 15.57 21.15
C THR A 236 -1.41 14.07 21.15
N THR A 237 -0.93 13.36 22.17
CA THR A 237 -1.25 11.93 22.34
C THR A 237 -2.75 11.71 22.63
N GLN A 238 -3.31 12.48 23.54
CA GLN A 238 -4.72 12.33 23.92
C GLN A 238 -5.66 12.85 22.83
N GLN A 239 -5.18 13.81 22.04
CA GLN A 239 -5.96 14.31 20.90
C GLN A 239 -5.95 13.31 19.73
N THR A 240 -4.77 12.79 19.40
CA THR A 240 -4.63 11.79 18.35
C THR A 240 -5.51 10.59 18.66
N LEU A 241 -5.46 10.18 19.92
CA LEU A 241 -6.24 9.04 20.42
C LEU A 241 -7.75 9.28 20.36
N GLN A 242 -8.18 10.45 20.81
CA GLN A 242 -9.60 10.79 20.80
C GLN A 242 -10.15 10.75 19.37
N GLN A 243 -9.40 11.30 18.42
CA GLN A 243 -9.83 11.34 17.02
C GLN A 243 -9.90 9.94 16.41
N ALA A 244 -8.92 9.11 16.73
CA ALA A 244 -8.93 7.73 16.30
C ALA A 244 -10.18 7.02 16.83
N ARG A 245 -10.50 7.27 18.10
CA ARG A 245 -11.67 6.65 18.69
C ARG A 245 -12.97 7.17 18.07
N ASP A 246 -13.06 8.49 17.87
CA ASP A 246 -14.30 9.10 17.38
C ASP A 246 -14.61 8.77 15.93
N ALA A 247 -13.58 8.54 15.11
CA ALA A 247 -13.76 8.26 13.69
C ALA A 247 -14.70 7.08 13.47
N ASP A 248 -15.48 7.14 12.40
CA ASP A 248 -16.39 6.04 12.09
C ASP A 248 -15.65 4.89 11.40
N TRP A 249 -14.43 5.14 10.96
CA TRP A 249 -13.63 4.13 10.29
C TRP A 249 -12.32 3.92 11.01
N VAL A 250 -11.92 2.67 11.14
CA VAL A 250 -10.69 2.31 11.81
C VAL A 250 -9.53 2.96 11.08
N ASP A 251 -8.76 3.76 11.81
CA ASP A 251 -7.50 4.32 11.32
C ASP A 251 -6.37 3.38 11.75
N TYR A 252 -6.03 2.45 10.87
CA TYR A 252 -5.02 1.44 11.17
C TYR A 252 -3.64 2.03 11.39
N SER A 253 -3.32 3.04 10.60
CA SER A 253 -2.02 3.67 10.68
C SER A 253 -1.84 4.29 12.06
N THR A 254 -2.73 5.20 12.41
CA THR A 254 -2.66 5.91 13.68
C THR A 254 -2.67 4.96 14.87
N VAL A 255 -3.59 4.01 14.86
CA VAL A 255 -3.71 3.11 16.00
C VAL A 255 -2.43 2.27 16.13
N THR A 256 -1.87 1.86 15.01
CA THR A 256 -0.65 1.10 15.02
C THR A 256 0.50 1.94 15.56
N ALA A 257 0.57 3.19 15.14
CA ALA A 257 1.62 4.08 15.60
C ALA A 257 1.52 4.30 17.11
N LEU A 258 0.30 4.37 17.62
CA LEU A 258 0.08 4.61 19.06
C LEU A 258 0.47 3.42 19.91
N LYS A 259 0.00 2.24 19.52
CA LYS A 259 0.30 1.03 20.27
C LYS A 259 1.79 0.65 20.25
N MET A 260 2.44 0.78 19.10
CA MET A 260 3.84 0.38 18.99
C MET A 260 4.70 1.33 19.81
N THR A 261 4.38 2.62 19.76
CA THR A 261 5.13 3.61 20.50
C THR A 261 5.05 3.29 21.99
N ALA A 262 3.83 3.13 22.50
CA ALA A 262 3.60 2.77 23.91
C ALA A 262 4.25 1.43 24.32
N LEU A 263 4.08 0.41 23.48
CA LEU A 263 4.60 -0.91 23.80
C LEU A 263 6.13 -0.95 23.76
N ARG A 264 6.72 -0.15 22.88
CA ARG A 264 8.16 -0.10 22.78
C ARG A 264 8.78 0.42 24.07
N MET A 265 8.08 1.35 24.72
CA MET A 265 8.49 1.88 26.01
C MET A 265 8.22 0.86 27.12
N ALA A 266 7.06 0.21 27.05
CA ALA A 266 6.68 -0.81 28.02
C ALA A 266 7.72 -1.93 28.02
N TRP A 267 8.13 -2.33 26.83
CA TRP A 267 9.18 -3.33 26.66
C TRP A 267 10.48 -2.95 27.39
N LYS A 268 10.85 -1.68 27.37
CA LYS A 268 12.10 -1.28 28.04
C LYS A 268 12.08 -1.63 29.52
N GLY A 269 10.90 -1.52 30.14
CA GLY A 269 10.70 -1.95 31.53
C GLY A 269 10.64 -3.46 31.68
N PHE A 270 9.86 -4.13 30.83
CA PHE A 270 9.68 -5.58 30.91
C PHE A 270 10.99 -6.33 30.71
N ALA A 271 11.81 -5.84 29.78
CA ALA A 271 13.07 -6.48 29.47
C ALA A 271 14.00 -6.57 30.67
N GLN A 272 13.76 -5.77 31.72
CA GLN A 272 14.58 -5.82 32.94
C GLN A 272 14.03 -6.71 34.05
N ARG A 273 12.95 -7.44 33.79
CA ARG A 273 12.34 -8.26 34.83
C ARG A 273 13.14 -9.53 35.07
N ASP A 274 13.12 -9.98 36.31
CA ASP A 274 13.63 -11.30 36.69
C ASP A 274 12.57 -11.93 37.60
N ASP A 275 11.44 -12.30 37.01
CA ASP A 275 10.26 -12.75 37.77
C ASP A 275 9.45 -13.83 37.02
N GLU A 276 8.24 -14.11 37.51
CA GLU A 276 7.32 -15.09 36.88
C GLU A 276 7.07 -14.72 35.44
N GLN A 277 6.91 -13.44 35.21
CA GLN A 277 6.55 -12.91 33.92
C GLN A 277 7.60 -13.21 32.86
N MET A 278 8.83 -12.79 33.14
CA MET A 278 9.96 -13.02 32.24
C MET A 278 10.19 -14.52 32.07
N ALA A 279 10.04 -15.29 33.15
CA ALA A 279 10.11 -16.75 33.08
C ALA A 279 9.07 -17.31 32.10
N ALA A 280 7.83 -16.86 32.24
CA ALA A 280 6.73 -17.35 31.42
C ALA A 280 6.94 -17.00 29.96
N PHE A 281 7.49 -15.81 29.73
CA PHE A 281 7.74 -15.31 28.38
C PHE A 281 8.81 -16.13 27.71
N ARG A 282 9.94 -16.29 28.39
CA ARG A 282 11.08 -17.03 27.86
C ARG A 282 10.72 -18.48 27.57
N GLN A 283 9.87 -19.06 28.41
CA GLN A 283 9.42 -20.42 28.22
C GLN A 283 8.49 -20.56 27.02
N PHE A 284 7.59 -19.59 26.85
CA PHE A 284 6.74 -19.50 25.67
C PHE A 284 7.60 -19.56 24.40
N VAL A 285 8.60 -18.67 24.34
CA VAL A 285 9.48 -18.57 23.17
C VAL A 285 10.12 -19.92 22.86
N ALA A 286 10.62 -20.58 23.90
CA ALA A 286 11.31 -21.86 23.76
C ALA A 286 10.38 -22.93 23.24
N GLU A 287 9.22 -23.06 23.88
CA GLU A 287 8.23 -24.05 23.47
C GLU A 287 7.74 -23.85 22.04
N GLN A 288 7.68 -22.59 21.58
CA GLN A 288 7.19 -22.27 20.24
C GLN A 288 8.25 -22.39 19.16
N GLY A 289 9.53 -22.33 19.54
CA GLY A 289 10.62 -22.59 18.61
C GLY A 289 10.79 -21.61 17.46
N ASP A 290 11.38 -22.10 16.37
CA ASP A 290 11.84 -21.28 15.26
C ASP A 290 10.72 -20.57 14.48
N SER A 291 9.53 -21.16 14.41
CA SER A 291 8.44 -20.54 13.66
C SER A 291 8.15 -19.15 14.20
N LEU A 292 8.12 -19.05 15.53
CA LEU A 292 7.95 -17.79 16.21
C LEU A 292 9.13 -16.84 15.96
N PHE A 293 10.36 -17.34 16.11
CA PHE A 293 11.55 -16.49 15.90
C PHE A 293 11.51 -15.84 14.53
N TRP A 294 11.17 -16.60 13.50
CA TRP A 294 11.15 -16.08 12.13
C TRP A 294 10.03 -15.07 11.97
N GLN A 295 8.90 -15.28 12.66
CA GLN A 295 7.83 -14.29 12.65
C GLN A 295 8.33 -12.97 13.23
N ALA A 296 8.95 -13.02 14.41
CA ALA A 296 9.44 -11.79 15.03
C ALA A 296 10.54 -11.14 14.21
N ALA A 297 11.46 -11.95 13.72
CA ALA A 297 12.53 -11.44 12.88
C ALA A 297 12.00 -10.81 11.60
N PHE A 298 10.94 -11.38 11.05
CA PHE A 298 10.31 -10.79 9.87
C PHE A 298 9.79 -9.39 10.16
N ASP A 299 8.96 -9.28 11.20
CA ASP A 299 8.35 -7.99 11.56
C ASP A 299 9.41 -6.93 11.93
N ALA A 300 10.50 -7.39 12.54
CA ALA A 300 11.59 -6.51 12.94
C ALA A 300 12.32 -5.98 11.73
N LEU A 301 12.59 -6.86 10.80
CA LEU A 301 13.21 -6.48 9.54
C LEU A 301 12.30 -5.60 8.67
N HIS A 302 11.01 -5.94 8.63
CA HIS A 302 10.03 -5.21 7.83
C HIS A 302 9.95 -3.78 8.32
N ALA A 303 9.97 -3.61 9.64
CA ALA A 303 9.96 -2.27 10.26
C ALA A 303 11.10 -1.38 9.75
N GLN A 304 12.30 -1.96 9.58
CA GLN A 304 13.42 -1.22 9.02
C GLN A 304 13.24 -0.96 7.53
N GLN A 305 12.76 -1.97 6.82
CA GLN A 305 12.64 -1.85 5.37
C GLN A 305 11.73 -0.72 4.94
N VAL A 306 10.60 -0.51 5.63
CA VAL A 306 9.68 0.59 5.28
C VAL A 306 10.28 1.99 5.50
N LYS A 307 11.20 2.12 6.45
CA LYS A 307 11.94 3.36 6.63
C LYS A 307 12.79 3.71 5.41
N GLU A 308 13.53 2.73 4.91
CA GLU A 308 14.36 2.94 3.71
C GLU A 308 13.46 3.27 2.52
N ASP A 309 12.32 2.60 2.43
CA ASP A 309 11.35 2.85 1.36
C ASP A 309 10.02 2.25 1.76
N GLU A 310 8.97 3.07 1.76
CA GLU A 310 7.65 2.67 2.23
C GLU A 310 6.91 1.72 1.27
N MET A 311 7.48 1.48 0.10
CA MET A 311 6.89 0.55 -0.84
C MET A 311 7.33 -0.89 -0.64
N ARG A 312 8.04 -1.17 0.45
CA ARG A 312 8.49 -2.51 0.75
C ARG A 312 7.46 -3.27 1.55
N TRP A 313 6.30 -3.46 0.91
CA TRP A 313 5.13 -4.13 1.47
C TRP A 313 5.36 -5.57 2.03
N GLY A 314 6.36 -6.28 1.47
CA GLY A 314 6.68 -7.68 1.82
C GLY A 314 8.06 -8.09 1.30
N TRP A 315 8.45 -9.33 1.52
CA TRP A 315 9.85 -9.74 1.26
C TRP A 315 10.29 -9.74 -0.20
N PRO A 316 9.38 -10.06 -1.14
CA PRO A 316 9.77 -10.00 -2.54
C PRO A 316 10.11 -8.59 -3.05
N ALA A 317 9.76 -7.56 -2.29
CA ALA A 317 10.13 -6.20 -2.61
C ALA A 317 11.40 -5.75 -1.88
N TRP A 318 11.99 -6.60 -1.05
CA TRP A 318 13.19 -6.24 -0.31
C TRP A 318 14.41 -6.52 -1.18
N PRO A 319 15.52 -5.81 -0.93
CA PRO A 319 16.75 -6.17 -1.64
C PRO A 319 16.99 -7.66 -1.51
N GLU A 320 17.50 -8.28 -2.57
CA GLU A 320 17.46 -9.75 -2.67
C GLU A 320 18.25 -10.44 -1.57
N MET A 321 19.26 -9.74 -1.07
CA MET A 321 20.04 -10.26 0.04
C MET A 321 19.21 -10.51 1.29
N TYR A 322 18.13 -9.75 1.49
CA TYR A 322 17.25 -9.99 2.64
C TYR A 322 16.09 -10.96 2.35
N GLN A 323 16.06 -11.54 1.15
CA GLN A 323 15.01 -12.52 0.83
C GLN A 323 15.38 -13.95 1.23
N ASN A 324 16.59 -14.15 1.72
CA ASN A 324 17.02 -15.47 2.18
C ASN A 324 17.39 -15.40 3.66
N VAL A 325 16.64 -16.12 4.51
CA VAL A 325 16.86 -16.08 5.96
C VAL A 325 18.24 -16.56 6.40
N ASP A 326 18.92 -17.31 5.54
CA ASP A 326 20.25 -17.81 5.88
C ASP A 326 21.39 -16.99 5.28
N SER A 327 21.09 -15.85 4.65
CA SER A 327 22.14 -14.98 4.10
C SER A 327 22.99 -14.32 5.19
N PRO A 328 24.21 -13.90 4.86
CA PRO A 328 25.01 -13.25 5.90
C PRO A 328 24.31 -12.04 6.50
N GLU A 329 23.56 -11.30 5.68
CA GLU A 329 22.97 -10.04 6.11
C GLU A 329 21.72 -10.22 6.98
N VAL A 330 20.94 -11.26 6.75
CA VAL A 330 19.88 -11.55 7.69
C VAL A 330 20.49 -12.05 8.99
N ARG A 331 21.56 -12.83 8.92
CA ARG A 331 22.24 -13.30 10.14
C ARG A 331 22.81 -12.12 10.92
N GLN A 332 23.40 -11.18 10.20
CA GLN A 332 23.94 -9.95 10.79
C GLN A 332 22.87 -9.12 11.49
N PHE A 333 21.73 -8.95 10.82
CA PHE A 333 20.62 -8.18 11.35
C PHE A 333 20.10 -8.78 12.65
N CYS A 334 20.08 -10.10 12.72
CA CYS A 334 19.50 -10.81 13.85
C CYS A 334 20.40 -10.79 15.07
N GLU A 335 21.71 -10.83 14.86
CA GLU A 335 22.66 -10.72 15.98
C GLU A 335 22.60 -9.30 16.54
N GLU A 336 22.62 -8.34 15.63
CA GLU A 336 22.75 -6.95 15.95
C GLU A 336 21.48 -6.36 16.52
N HIS A 337 20.35 -6.66 15.87
CA HIS A 337 19.05 -6.13 16.31
C HIS A 337 18.24 -7.18 17.06
N ARG A 338 18.93 -7.97 17.89
CA ARG A 338 18.27 -8.99 18.69
C ARG A 338 17.15 -8.37 19.54
N ASP A 339 17.44 -7.23 20.14
CA ASP A 339 16.45 -6.52 20.94
C ASP A 339 15.17 -6.26 20.17
N ASP A 340 15.29 -5.89 18.89
CA ASP A 340 14.12 -5.62 18.07
C ASP A 340 13.36 -6.91 17.87
N VAL A 341 14.08 -7.97 17.55
CA VAL A 341 13.45 -9.27 17.38
C VAL A 341 12.75 -9.65 18.67
N ASP A 342 13.46 -9.48 19.79
CA ASP A 342 12.90 -9.74 21.11
C ASP A 342 11.58 -8.99 21.30
N PHE A 343 11.56 -7.71 20.96
CA PHE A 343 10.34 -6.91 21.07
C PHE A 343 9.15 -7.57 20.37
N TYR A 344 9.34 -7.99 19.12
CA TYR A 344 8.23 -8.56 18.36
C TYR A 344 7.87 -9.95 18.87
N LEU A 345 8.82 -10.64 19.51
CA LEU A 345 8.51 -11.88 20.21
C LEU A 345 7.56 -11.59 21.36
N TRP A 346 7.88 -10.54 22.11
CA TRP A 346 7.10 -10.14 23.26
C TRP A 346 5.65 -9.79 22.89
N LEU A 347 5.48 -9.14 21.75
CA LEU A 347 4.15 -8.75 21.30
C LEU A 347 3.29 -9.98 21.05
N GLN A 348 3.88 -11.00 20.44
CA GLN A 348 3.19 -12.28 20.25
C GLN A 348 2.86 -12.95 21.56
N TRP A 349 3.73 -12.80 22.55
CA TRP A 349 3.45 -13.34 23.86
C TRP A 349 2.29 -12.61 24.51
N LEU A 350 2.21 -11.31 24.31
CA LEU A 350 1.11 -10.54 24.86
C LEU A 350 -0.19 -10.96 24.21
N ALA A 351 -0.20 -11.01 22.88
CA ALA A 351 -1.42 -11.39 22.15
C ALA A 351 -1.90 -12.77 22.57
N TYR A 352 -0.98 -13.74 22.57
CA TYR A 352 -1.28 -15.08 23.06
C TYR A 352 -1.91 -15.07 24.45
N SER A 353 -1.23 -14.41 25.40
CA SER A 353 -1.67 -14.34 26.80
C SER A 353 -3.06 -13.75 26.91
N GLN A 354 -3.26 -12.62 26.25
CA GLN A 354 -4.51 -11.89 26.33
C GLN A 354 -5.64 -12.73 25.73
N PHE A 355 -5.34 -13.44 24.64
CA PHE A 355 -6.34 -14.31 24.04
C PHE A 355 -6.69 -15.44 25.00
N ALA A 356 -5.68 -15.94 25.69
CA ALA A 356 -5.86 -16.97 26.72
C ALA A 356 -6.77 -16.43 27.81
N ALA A 357 -6.51 -15.20 28.26
CA ALA A 357 -7.32 -14.58 29.30
C ALA A 357 -8.80 -14.54 28.89
N CYS A 358 -9.06 -14.22 27.62
CA CYS A 358 -10.42 -14.21 27.10
C CYS A 358 -11.03 -15.61 27.17
N TRP A 359 -10.24 -16.59 26.74
CA TRP A 359 -10.68 -17.98 26.76
C TRP A 359 -11.00 -18.41 28.18
N GLU A 360 -10.17 -18.00 29.14
CA GLU A 360 -10.40 -18.37 30.53
C GLU A 360 -11.70 -17.83 31.11
N ILE A 361 -12.03 -16.58 30.75
CA ILE A 361 -13.30 -15.99 31.16
C ILE A 361 -14.50 -16.77 30.64
N SER A 362 -14.47 -17.13 29.36
CA SER A 362 -15.56 -17.85 28.70
C SER A 362 -15.85 -19.19 29.37
N GLN A 363 -14.81 -19.81 29.94
CA GLN A 363 -14.96 -21.06 30.67
C GLN A 363 -15.42 -20.83 32.10
N GLY A 364 -15.02 -19.71 32.69
CA GLY A 364 -15.59 -19.28 33.96
C GLY A 364 -17.09 -19.18 33.89
N TYR A 365 -17.61 -18.57 32.81
CA TYR A 365 -19.05 -18.45 32.60
C TYR A 365 -19.66 -19.70 31.98
N GLU A 366 -18.88 -20.77 31.88
CA GLU A 366 -19.36 -22.07 31.45
C GLU A 366 -20.05 -22.03 30.09
N MET A 367 -19.45 -21.31 29.15
CA MET A 367 -19.96 -21.25 27.81
C MET A 367 -19.58 -22.56 27.10
N PRO A 368 -20.58 -23.30 26.60
CA PRO A 368 -20.30 -24.59 25.97
C PRO A 368 -19.23 -24.58 24.88
N ILE A 369 -19.08 -23.46 24.16
CA ILE A 369 -18.02 -23.30 23.12
C ILE A 369 -17.06 -22.15 23.46
N GLY A 370 -17.61 -21.01 23.83
CA GLY A 370 -16.82 -19.91 24.37
C GLY A 370 -16.22 -19.06 23.27
N LEU A 371 -15.15 -19.55 22.66
CA LEU A 371 -14.48 -18.82 21.59
C LEU A 371 -14.44 -19.64 20.34
N TYR A 372 -14.63 -18.96 19.21
CA TYR A 372 -14.86 -19.61 17.93
C TYR A 372 -14.03 -18.87 16.88
N ARG A 373 -12.87 -19.43 16.59
CA ARG A 373 -11.89 -18.82 15.68
C ARG A 373 -12.16 -19.16 14.23
N ASP A 374 -11.64 -18.33 13.34
CA ASP A 374 -11.74 -18.56 11.90
C ASP A 374 -10.34 -18.68 11.27
N LEU A 375 -10.16 -19.76 10.49
CA LEU A 375 -8.89 -20.04 9.82
C LEU A 375 -8.97 -19.73 8.34
N ALA A 376 -8.33 -18.64 7.92
CA ALA A 376 -8.24 -18.30 6.51
C ALA A 376 -7.58 -19.40 5.71
N VAL A 377 -7.92 -19.46 4.42
CA VAL A 377 -7.50 -20.55 3.52
C VAL A 377 -6.00 -20.62 3.20
N GLY A 378 -5.33 -19.47 3.26
CA GLY A 378 -3.88 -19.45 3.05
C GLY A 378 -3.18 -18.19 3.52
N VAL A 379 -1.88 -18.11 3.19
CA VAL A 379 -1.05 -16.94 3.51
C VAL A 379 -0.68 -16.15 2.26
N ALA A 380 -0.23 -14.92 2.48
CA ALA A 380 0.20 -14.06 1.40
C ALA A 380 1.58 -14.48 0.88
N GLU A 381 1.87 -14.16 -0.37
CA GLU A 381 3.14 -14.59 -0.97
C GLU A 381 4.34 -13.89 -0.34
N GLY A 382 4.13 -12.68 0.19
CA GLY A 382 5.26 -11.88 0.71
C GLY A 382 5.39 -11.73 2.22
N GLY A 383 4.75 -12.61 3.00
CA GLY A 383 4.76 -12.50 4.46
C GLY A 383 5.81 -13.39 5.09
N ALA A 384 5.73 -13.55 6.40
CA ALA A 384 6.72 -14.31 7.16
C ALA A 384 6.72 -15.82 6.89
N GLU A 385 5.57 -16.36 6.55
CA GLU A 385 5.42 -17.80 6.41
C GLU A 385 6.20 -18.28 5.19
N THR A 386 5.98 -17.65 4.03
CA THR A 386 6.71 -18.04 2.82
C THR A 386 8.18 -17.61 2.86
N TRP A 387 8.48 -16.61 3.69
CA TRP A 387 9.84 -16.12 3.83
C TRP A 387 10.76 -17.19 4.41
N CYS A 388 10.30 -17.89 5.45
CA CYS A 388 11.16 -18.82 6.22
C CYS A 388 10.93 -20.29 5.91
N ASP A 389 9.89 -20.60 5.13
CA ASP A 389 9.61 -21.97 4.76
C ASP A 389 9.11 -22.03 3.33
N ARG A 390 9.98 -21.61 2.42
CA ARG A 390 9.63 -21.43 1.02
C ARG A 390 9.34 -22.73 0.30
N GLU A 391 9.93 -23.82 0.77
CA GLU A 391 9.72 -25.11 0.13
C GLU A 391 8.24 -25.53 0.20
N LEU A 392 7.58 -25.14 1.29
CA LEU A 392 6.21 -25.57 1.59
C LEU A 392 5.17 -25.00 0.63
N TYR A 393 5.51 -23.90 -0.02
CA TYR A 393 4.54 -23.18 -0.85
C TYR A 393 5.03 -23.12 -2.27
N CYS A 394 4.10 -23.10 -3.21
CA CYS A 394 4.40 -23.06 -4.63
C CYS A 394 4.15 -21.66 -5.17
N LEU A 395 5.19 -20.83 -5.14
CA LEU A 395 5.05 -19.40 -5.47
C LEU A 395 4.77 -19.16 -6.95
N LYS A 396 5.04 -20.15 -7.78
CA LYS A 396 4.71 -20.09 -9.20
C LYS A 396 3.25 -20.46 -9.50
N ALA A 397 2.41 -20.57 -8.46
CA ALA A 397 0.97 -20.61 -8.63
C ALA A 397 0.25 -19.75 -7.59
N SER A 398 -0.99 -19.37 -7.90
CA SER A 398 -1.90 -18.69 -6.96
C SER A 398 -3.16 -19.53 -6.84
N VAL A 399 -3.70 -19.60 -5.63
CA VAL A 399 -4.98 -20.24 -5.42
C VAL A 399 -6.06 -19.28 -5.90
N GLY A 400 -7.15 -19.83 -6.41
CA GLY A 400 -8.34 -19.06 -6.76
C GLY A 400 -9.55 -19.96 -6.88
N ALA A 401 -10.45 -19.62 -7.82
CA ALA A 401 -11.60 -20.46 -8.14
C ALA A 401 -11.80 -20.49 -9.65
N PRO A 402 -12.33 -21.60 -10.19
CA PRO A 402 -12.54 -21.66 -11.64
C PRO A 402 -13.72 -20.82 -12.14
N PRO A 403 -13.74 -20.53 -13.45
CA PRO A 403 -14.98 -20.02 -14.02
C PRO A 403 -16.13 -20.97 -13.74
N ASP A 404 -17.28 -20.42 -13.40
CA ASP A 404 -18.51 -21.21 -13.31
C ASP A 404 -19.67 -20.41 -13.87
N ILE A 405 -20.85 -21.02 -13.87
CA ILE A 405 -22.08 -20.40 -14.36
C ILE A 405 -22.40 -19.02 -13.73
N LEU A 406 -22.09 -18.86 -12.44
CA LEU A 406 -22.34 -17.61 -11.71
C LEU A 406 -21.31 -16.53 -12.00
N GLY A 407 -20.03 -16.93 -12.02
CA GLY A 407 -18.92 -16.03 -12.29
C GLY A 407 -18.02 -16.59 -13.38
N PRO A 408 -18.33 -16.29 -14.65
CA PRO A 408 -17.62 -16.88 -15.81
C PRO A 408 -16.15 -16.48 -15.99
N LEU A 409 -15.65 -15.53 -15.20
CA LEU A 409 -14.22 -15.17 -15.23
C LEU A 409 -13.40 -15.92 -14.19
N GLY A 410 -14.06 -16.43 -13.15
CA GLY A 410 -13.37 -17.06 -12.05
C GLY A 410 -12.58 -16.03 -11.27
N GLN A 411 -12.02 -16.48 -10.15
CA GLN A 411 -11.34 -15.61 -9.21
C GLN A 411 -9.88 -15.99 -9.03
N ASN A 412 -9.10 -15.02 -8.58
CA ASN A 412 -7.72 -15.22 -8.17
C ASN A 412 -7.59 -14.64 -6.78
N TRP A 413 -7.25 -15.50 -5.82
CA TRP A 413 -7.17 -15.07 -4.43
C TRP A 413 -5.78 -14.56 -4.05
N GLY A 414 -4.79 -14.73 -4.92
CA GLY A 414 -3.42 -14.25 -4.68
C GLY A 414 -2.71 -14.88 -3.49
N LEU A 415 -2.91 -16.18 -3.32
CA LEU A 415 -2.29 -16.89 -2.24
C LEU A 415 -1.53 -18.07 -2.83
N PRO A 416 -0.23 -18.15 -2.59
CA PRO A 416 0.50 -19.32 -3.04
C PRO A 416 0.01 -20.55 -2.30
N PRO A 417 -0.28 -21.63 -3.05
CA PRO A 417 -0.79 -22.85 -2.46
C PRO A 417 0.26 -23.65 -1.69
N MET A 418 -0.16 -24.29 -0.61
CA MET A 418 0.67 -25.25 0.11
C MET A 418 0.81 -26.48 -0.79
N ASP A 419 2.03 -27.01 -0.87
CA ASP A 419 2.35 -28.09 -1.82
C ASP A 419 1.94 -29.44 -1.24
N PRO A 420 1.00 -30.14 -1.87
CA PRO A 420 0.53 -31.40 -1.31
C PRO A 420 1.63 -32.46 -1.17
N HIS A 421 2.64 -32.40 -2.04
CA HIS A 421 3.75 -33.33 -1.97
C HIS A 421 4.65 -33.11 -0.76
N ILE A 422 4.81 -31.86 -0.33
CA ILE A 422 5.59 -31.53 0.86
C ILE A 422 4.78 -31.84 2.12
N ILE A 423 3.49 -31.54 2.10
CA ILE A 423 2.62 -31.91 3.22
C ILE A 423 2.83 -33.38 3.56
N THR A 424 2.73 -34.26 2.56
CA THR A 424 2.85 -35.69 2.82
C THR A 424 4.29 -36.10 3.13
N ALA A 425 5.26 -35.50 2.45
CA ALA A 425 6.67 -35.83 2.67
C ALA A 425 7.12 -35.50 4.09
N ARG A 426 6.52 -34.45 4.67
CA ARG A 426 6.75 -34.10 6.06
C ARG A 426 5.79 -34.79 7.03
N ALA A 427 5.15 -35.87 6.59
CA ALA A 427 4.19 -36.61 7.40
C ALA A 427 3.10 -35.72 7.97
N TYR A 428 2.65 -34.75 7.17
CA TYR A 428 1.57 -33.83 7.54
C TYR A 428 1.93 -32.81 8.63
N GLU A 429 3.22 -32.70 8.96
CA GLU A 429 3.68 -31.79 10.02
C GLU A 429 3.08 -30.39 9.88
N PRO A 430 3.08 -29.80 8.66
CA PRO A 430 2.56 -28.44 8.54
C PRO A 430 1.04 -28.29 8.74
N PHE A 431 0.28 -29.34 8.42
CA PHE A 431 -1.16 -29.36 8.65
C PHE A 431 -1.44 -29.51 10.15
N ILE A 432 -0.57 -30.20 10.86
CA ILE A 432 -0.78 -30.46 12.28
C ILE A 432 -0.50 -29.19 13.09
N GLU A 433 0.64 -28.56 12.81
CA GLU A 433 1.01 -27.32 13.46
C GLU A 433 -0.01 -26.23 13.19
N LEU A 434 -0.56 -26.19 11.98
CA LEU A 434 -1.61 -25.24 11.63
C LEU A 434 -2.84 -25.41 12.51
N LEU A 435 -3.31 -26.64 12.66
CA LEU A 435 -4.46 -26.90 13.51
C LEU A 435 -4.10 -26.63 14.98
N ARG A 436 -2.93 -27.06 15.42
CA ARG A 436 -2.52 -26.81 16.80
C ARG A 436 -2.41 -25.33 17.14
N ALA A 437 -2.03 -24.51 16.17
CA ALA A 437 -1.95 -23.07 16.38
C ALA A 437 -3.35 -22.42 16.43
N ASN A 438 -4.31 -22.98 15.70
CA ASN A 438 -5.63 -22.37 15.56
C ASN A 438 -6.75 -22.99 16.39
N MET A 439 -6.48 -24.12 17.03
CA MET A 439 -7.47 -24.79 17.85
C MET A 439 -7.30 -24.49 19.33
N GLN A 440 -6.12 -24.04 19.73
CA GLN A 440 -5.85 -23.87 21.16
C GLN A 440 -6.56 -22.65 21.74
N ASN A 441 -6.90 -22.77 23.02
CA ASN A 441 -7.61 -21.73 23.75
C ASN A 441 -8.93 -21.33 23.07
N CYS A 442 -9.62 -22.30 22.46
CA CYS A 442 -10.94 -22.05 21.90
C CYS A 442 -11.66 -23.36 21.68
N GLY A 443 -13.01 -23.30 21.66
CA GLY A 443 -13.87 -24.49 21.58
C GLY A 443 -14.51 -24.77 20.22
N ALA A 444 -14.28 -23.91 19.24
CA ALA A 444 -14.71 -24.16 17.86
C ALA A 444 -13.76 -23.51 16.86
N LEU A 445 -13.61 -24.14 15.69
CA LEU A 445 -12.78 -23.59 14.62
C LEU A 445 -13.55 -23.61 13.30
N ARG A 446 -13.48 -22.51 12.58
CA ARG A 446 -14.11 -22.39 11.27
C ARG A 446 -13.02 -22.55 10.25
N ILE A 447 -13.17 -23.55 9.38
CA ILE A 447 -12.23 -23.76 8.29
C ILE A 447 -12.81 -23.10 7.05
N ASP A 448 -12.31 -21.90 6.73
CA ASP A 448 -12.56 -21.29 5.43
C ASP A 448 -12.33 -22.30 4.37
N HIS A 449 -13.25 -22.38 3.42
CA HIS A 449 -13.07 -23.16 2.21
C HIS A 449 -12.60 -24.57 2.56
N VAL A 450 -13.46 -25.28 3.27
CA VAL A 450 -13.14 -26.61 3.76
C VAL A 450 -12.92 -27.60 2.61
N MET A 451 -13.45 -27.28 1.44
CA MET A 451 -13.13 -27.99 0.20
C MET A 451 -11.63 -28.03 -0.12
N SER A 452 -10.86 -27.13 0.49
CA SER A 452 -9.40 -27.11 0.34
C SER A 452 -8.72 -28.44 0.63
N MET A 453 -9.38 -29.32 1.37
CA MET A 453 -8.80 -30.58 1.75
C MET A 453 -8.91 -31.65 0.66
N LEU A 454 -9.88 -31.49 -0.22
CA LEU A 454 -9.95 -32.32 -1.41
C LEU A 454 -9.04 -31.76 -2.48
N ARG A 455 -9.17 -30.45 -2.73
CA ARG A 455 -8.48 -29.83 -3.85
C ARG A 455 -8.52 -28.33 -3.80
N LEU A 456 -7.60 -27.71 -4.53
CA LEU A 456 -7.63 -26.27 -4.76
C LEU A 456 -7.43 -25.95 -6.23
N TRP A 457 -8.00 -24.82 -6.64
CA TRP A 457 -7.86 -24.34 -8.00
C TRP A 457 -6.56 -23.57 -8.09
N TRP A 458 -5.57 -24.15 -8.77
CA TRP A 458 -4.25 -23.57 -8.93
C TRP A 458 -4.16 -22.82 -10.24
N ILE A 459 -3.65 -21.59 -10.19
CA ILE A 459 -3.49 -20.75 -11.40
C ILE A 459 -2.02 -20.48 -11.60
N PRO A 460 -1.47 -20.77 -12.80
CA PRO A 460 -0.09 -20.44 -13.08
C PRO A 460 0.17 -18.96 -12.91
N TYR A 461 1.18 -18.61 -12.12
CA TYR A 461 1.44 -17.22 -11.72
C TYR A 461 1.21 -16.21 -12.82
N GLY A 462 0.44 -15.17 -12.51
CA GLY A 462 0.15 -14.09 -13.46
C GLY A 462 -0.64 -14.47 -14.68
N GLU A 463 -1.66 -15.30 -14.50
CA GLU A 463 -2.56 -15.67 -15.58
C GLU A 463 -3.96 -15.47 -15.06
N THR A 464 -4.92 -15.35 -15.96
CA THR A 464 -6.32 -15.34 -15.55
C THR A 464 -6.70 -16.74 -15.06
N ALA A 465 -7.71 -16.78 -14.21
CA ALA A 465 -8.16 -18.02 -13.58
C ALA A 465 -8.65 -19.13 -14.54
N ASP A 466 -9.02 -18.77 -15.76
CA ASP A 466 -9.34 -19.79 -16.79
C ASP A 466 -8.14 -20.69 -17.15
N GLN A 467 -6.91 -20.20 -16.89
CA GLN A 467 -5.70 -21.00 -17.12
C GLN A 467 -5.35 -21.92 -15.95
N GLY A 468 -6.27 -22.08 -15.01
CA GLY A 468 -6.02 -22.90 -13.84
C GLY A 468 -6.38 -24.38 -13.98
N ALA A 469 -6.22 -25.10 -12.87
CA ALA A 469 -6.60 -26.52 -12.77
C ALA A 469 -6.77 -26.94 -11.31
N TYR A 470 -7.61 -27.94 -11.06
CA TYR A 470 -7.75 -28.48 -9.71
C TYR A 470 -6.55 -29.36 -9.38
N VAL A 471 -5.91 -29.09 -8.24
CA VAL A 471 -4.84 -29.94 -7.73
C VAL A 471 -5.26 -30.56 -6.41
N HIS A 472 -5.15 -31.89 -6.34
CA HIS A 472 -5.71 -32.67 -5.23
C HIS A 472 -4.78 -32.86 -4.02
N TYR A 473 -5.42 -32.99 -2.87
CA TYR A 473 -4.75 -33.24 -1.60
C TYR A 473 -5.27 -34.55 -1.02
N PRO A 474 -4.54 -35.15 -0.06
CA PRO A 474 -5.02 -36.39 0.53
C PRO A 474 -6.16 -36.13 1.52
N VAL A 475 -7.36 -36.00 0.99
CA VAL A 475 -8.52 -35.65 1.77
C VAL A 475 -8.79 -36.59 2.95
N ASP A 476 -8.62 -37.90 2.76
CA ASP A 476 -8.98 -38.83 3.83
C ASP A 476 -8.04 -38.63 5.00
N ASP A 477 -6.75 -38.72 4.73
CA ASP A 477 -5.74 -38.46 5.76
C ASP A 477 -5.91 -37.13 6.50
N LEU A 478 -6.23 -36.06 5.77
CA LEU A 478 -6.42 -34.74 6.38
C LEU A 478 -7.70 -34.68 7.21
N LEU A 479 -8.75 -35.35 6.75
CA LEU A 479 -10.00 -35.40 7.51
C LEU A 479 -9.83 -36.23 8.79
N SER A 480 -8.95 -37.21 8.75
CA SER A 480 -8.62 -37.99 9.95
C SER A 480 -7.81 -37.13 10.92
N ILE A 481 -6.77 -36.48 10.41
CA ILE A 481 -5.94 -35.64 11.27
C ILE A 481 -6.77 -34.49 11.83
N LEU A 482 -7.66 -33.92 11.01
CA LEU A 482 -8.58 -32.91 11.50
C LEU A 482 -9.36 -33.45 12.70
N ALA A 483 -10.02 -34.59 12.53
CA ALA A 483 -10.76 -35.20 13.64
C ALA A 483 -9.90 -35.41 14.88
N LEU A 484 -8.68 -35.91 14.69
CA LEU A 484 -7.80 -36.26 15.80
C LEU A 484 -7.45 -35.03 16.63
N GLU A 485 -7.00 -33.98 15.95
CA GLU A 485 -6.65 -32.73 16.60
C GLU A 485 -7.88 -32.05 17.20
N SER A 486 -9.01 -32.12 16.51
CA SER A 486 -10.28 -31.59 17.03
C SER A 486 -10.62 -32.20 18.38
N LYS A 487 -10.51 -33.52 18.45
CA LYS A 487 -10.80 -34.23 19.68
C LYS A 487 -9.78 -33.92 20.78
N ARG A 488 -8.50 -33.89 20.41
CA ARG A 488 -7.41 -33.56 21.37
C ARG A 488 -7.49 -32.15 21.97
N HIS A 489 -8.07 -31.21 21.24
CA HIS A 489 -8.25 -29.83 21.69
C HIS A 489 -9.63 -29.55 22.29
N ARG A 490 -10.52 -30.54 22.26
CA ARG A 490 -11.94 -30.35 22.62
C ARG A 490 -12.52 -29.16 21.85
N CYS A 491 -12.27 -29.14 20.54
CA CYS A 491 -12.56 -28.00 19.69
C CYS A 491 -13.28 -28.47 18.43
N MET A 492 -14.60 -28.27 18.40
CA MET A 492 -15.42 -28.67 17.26
C MET A 492 -15.04 -27.87 16.02
N VAL A 493 -15.47 -28.36 14.87
CA VAL A 493 -15.01 -27.84 13.59
C VAL A 493 -16.21 -27.48 12.72
N ILE A 494 -16.17 -26.28 12.16
CA ILE A 494 -17.17 -25.87 11.21
C ILE A 494 -16.50 -25.71 9.87
N GLY A 495 -16.98 -26.43 8.86
CA GLY A 495 -16.40 -26.37 7.53
C GLY A 495 -17.19 -25.46 6.62
N GLU A 496 -16.63 -24.31 6.28
CA GLU A 496 -17.28 -23.38 5.37
C GLU A 496 -17.36 -23.99 3.98
N ASP A 497 -18.59 -24.28 3.57
CA ASP A 497 -18.86 -25.13 2.40
C ASP A 497 -19.94 -24.53 1.51
N LEU A 498 -19.82 -23.22 1.27
CA LEU A 498 -20.69 -22.50 0.34
C LEU A 498 -20.14 -22.75 -1.07
N GLY A 499 -21.00 -22.63 -2.07
CA GLY A 499 -20.62 -23.02 -3.41
C GLY A 499 -20.68 -24.54 -3.55
N THR A 500 -20.09 -25.04 -4.62
CA THR A 500 -20.30 -26.42 -5.03
C THR A 500 -19.51 -27.39 -4.18
N VAL A 501 -20.17 -28.45 -3.75
CA VAL A 501 -19.51 -29.53 -3.05
C VAL A 501 -19.97 -30.84 -3.70
N PRO A 502 -19.05 -31.62 -4.27
CA PRO A 502 -19.51 -32.90 -4.79
C PRO A 502 -20.21 -33.71 -3.70
N VAL A 503 -21.26 -34.45 -4.06
CA VAL A 503 -22.12 -35.19 -3.11
C VAL A 503 -21.27 -36.11 -2.21
N GLU A 504 -20.29 -36.77 -2.83
CA GLU A 504 -19.35 -37.64 -2.14
C GLU A 504 -18.74 -36.97 -0.91
N ILE A 505 -18.29 -35.74 -1.09
CA ILE A 505 -17.58 -35.02 -0.03
C ILE A 505 -18.54 -34.45 1.02
N VAL A 506 -19.76 -34.09 0.62
CA VAL A 506 -20.77 -33.71 1.60
C VAL A 506 -20.86 -34.80 2.65
N GLY A 507 -20.93 -36.05 2.17
CA GLY A 507 -21.02 -37.23 3.02
C GLY A 507 -19.83 -37.41 3.94
N LYS A 508 -18.62 -37.23 3.42
CA LYS A 508 -17.40 -37.44 4.24
C LYS A 508 -17.30 -36.40 5.34
N LEU A 509 -17.54 -35.15 4.98
CA LEU A 509 -17.57 -34.06 5.94
C LEU A 509 -18.58 -34.33 7.05
N ARG A 510 -19.78 -34.78 6.69
CA ARG A 510 -20.81 -35.05 7.69
C ARG A 510 -20.42 -36.17 8.66
N SER A 511 -19.84 -37.25 8.14
CA SER A 511 -19.48 -38.38 8.98
C SER A 511 -18.14 -38.18 9.70
N SER A 512 -17.37 -37.19 9.26
CA SER A 512 -16.16 -36.76 9.96
C SER A 512 -16.44 -35.77 11.10
N GLY A 513 -17.73 -35.52 11.38
CA GLY A 513 -18.14 -34.63 12.47
C GLY A 513 -17.99 -33.14 12.19
N VAL A 514 -17.74 -32.77 10.93
CA VAL A 514 -17.60 -31.37 10.56
C VAL A 514 -18.98 -30.73 10.40
N TYR A 515 -19.11 -29.51 10.88
CA TYR A 515 -20.37 -28.79 10.81
C TYR A 515 -20.45 -27.97 9.52
N SER A 516 -21.64 -27.97 8.92
CA SER A 516 -21.92 -27.24 7.68
C SER A 516 -22.24 -25.76 7.97
N TYR A 517 -22.16 -24.91 6.95
CA TYR A 517 -22.36 -23.47 7.12
C TYR A 517 -23.50 -22.99 6.23
N LYS A 518 -24.48 -22.32 6.82
CA LYS A 518 -25.71 -21.97 6.12
C LYS A 518 -26.02 -20.48 6.23
N VAL A 519 -26.16 -19.84 5.08
CA VAL A 519 -26.43 -18.42 5.01
C VAL A 519 -27.85 -18.23 4.48
N LEU A 520 -28.63 -17.46 5.25
CA LEU A 520 -30.04 -17.24 4.96
C LEU A 520 -30.25 -16.77 3.53
N TYR A 521 -29.50 -15.75 3.12
CA TYR A 521 -29.61 -15.23 1.74
C TYR A 521 -29.49 -16.32 0.67
N PHE A 522 -28.72 -17.37 0.93
CA PHE A 522 -28.50 -18.42 -0.07
C PHE A 522 -29.40 -19.64 0.04
N GLU A 523 -30.15 -19.78 1.14
CA GLU A 523 -30.88 -21.03 1.41
C GLU A 523 -32.29 -20.96 0.84
N ASN A 524 -32.32 -20.76 -0.47
CA ASN A 524 -33.52 -20.74 -1.27
C ASN A 524 -33.17 -21.36 -2.59
N ASP A 525 -34.12 -22.13 -3.15
CA ASP A 525 -33.92 -22.82 -4.41
C ASP A 525 -33.99 -21.82 -5.55
N HIS A 526 -33.99 -22.30 -6.79
CA HIS A 526 -33.94 -21.42 -7.95
C HIS A 526 -35.16 -20.51 -8.05
N GLU A 527 -36.31 -20.98 -7.57
CA GLU A 527 -37.55 -20.20 -7.62
C GLU A 527 -37.67 -19.23 -6.44
N LYS A 528 -36.62 -19.10 -5.64
CA LYS A 528 -36.63 -18.28 -4.43
C LYS A 528 -37.56 -18.82 -3.35
N THR A 529 -37.95 -20.08 -3.45
CA THR A 529 -38.66 -20.74 -2.37
C THR A 529 -37.63 -20.98 -1.28
N PHE A 530 -37.83 -20.38 -0.11
CA PHE A 530 -36.83 -20.47 0.96
C PHE A 530 -36.95 -21.76 1.76
N ARG A 531 -35.82 -22.28 2.19
CA ARG A 531 -35.82 -23.51 2.94
C ARG A 531 -36.48 -23.29 4.29
N ALA A 532 -37.28 -24.25 4.71
CA ALA A 532 -38.00 -24.17 5.98
C ALA A 532 -37.01 -24.23 7.11
N PRO A 533 -37.27 -23.50 8.21
CA PRO A 533 -36.34 -23.57 9.34
C PRO A 533 -36.06 -24.99 9.80
N LYS A 534 -37.09 -25.81 9.88
CA LYS A 534 -36.90 -27.17 10.40
C LYS A 534 -36.19 -28.12 9.43
N ALA A 535 -35.98 -27.67 8.19
CA ALA A 535 -35.23 -28.44 7.19
C ALA A 535 -33.73 -28.08 7.16
N TYR A 536 -33.30 -27.05 7.90
CA TYR A 536 -31.88 -26.80 8.03
C TYR A 536 -31.34 -28.06 8.70
N PRO A 537 -30.17 -28.54 8.28
CA PRO A 537 -29.68 -29.78 8.89
C PRO A 537 -29.16 -29.54 10.31
N GLU A 538 -29.44 -30.48 11.20
CA GLU A 538 -28.93 -30.45 12.58
C GLU A 538 -27.45 -30.09 12.68
N GLN A 539 -26.63 -30.75 11.87
CA GLN A 539 -25.18 -30.61 11.93
C GLN A 539 -24.71 -29.42 11.06
N SER A 540 -25.17 -28.21 11.41
CA SER A 540 -24.84 -27.00 10.66
C SER A 540 -24.82 -25.76 11.55
N MET A 541 -24.21 -24.69 11.04
CA MET A 541 -24.35 -23.36 11.64
C MET A 541 -25.17 -22.47 10.71
N ALA A 542 -26.13 -21.75 11.29
CA ALA A 542 -27.00 -20.86 10.54
C ALA A 542 -26.63 -19.42 10.85
N VAL A 543 -26.46 -18.61 9.80
CA VAL A 543 -26.24 -17.18 9.97
C VAL A 543 -27.07 -16.42 8.94
N ALA A 544 -27.39 -15.17 9.24
CA ALA A 544 -28.16 -14.35 8.32
C ALA A 544 -27.31 -13.95 7.12
N ALA A 545 -26.07 -13.61 7.40
CA ALA A 545 -25.17 -13.01 6.43
C ALA A 545 -23.75 -13.28 6.85
N THR A 546 -22.81 -12.80 6.05
CA THR A 546 -21.40 -12.84 6.39
C THR A 546 -20.81 -11.47 6.13
N HIS A 547 -19.54 -11.33 6.47
CA HIS A 547 -18.78 -10.11 6.22
C HIS A 547 -18.61 -9.76 4.74
N ASP A 548 -18.76 -10.74 3.84
CA ASP A 548 -18.68 -10.47 2.39
C ASP A 548 -20.00 -10.00 1.80
N LEU A 549 -21.05 -9.98 2.61
CA LEU A 549 -22.40 -9.72 2.13
C LEU A 549 -23.01 -8.49 2.80
N PRO A 550 -24.17 -8.05 2.31
CA PRO A 550 -24.89 -6.98 2.99
C PRO A 550 -25.48 -7.40 4.33
N THR A 551 -25.64 -6.41 5.20
CA THR A 551 -26.39 -6.60 6.42
C THR A 551 -27.85 -6.75 6.05
N LEU A 552 -28.66 -7.12 7.03
CA LEU A 552 -30.09 -7.33 6.79
C LEU A 552 -30.71 -6.10 6.15
N ARG A 553 -30.34 -4.92 6.62
CA ARG A 553 -30.85 -3.67 6.08
C ARG A 553 -30.33 -3.42 4.66
N GLY A 554 -29.01 -3.54 4.49
CA GLY A 554 -28.38 -3.38 3.18
C GLY A 554 -28.98 -4.28 2.12
N TYR A 555 -29.12 -5.57 2.45
CA TYR A 555 -29.82 -6.52 1.59
C TYR A 555 -31.20 -6.01 1.21
N TRP A 556 -32.01 -5.69 2.22
CA TRP A 556 -33.40 -5.38 1.98
C TRP A 556 -33.56 -4.11 1.16
N GLU A 557 -32.65 -3.16 1.33
CA GLU A 557 -32.73 -1.86 0.61
C GLU A 557 -31.96 -1.86 -0.69
N CYS A 558 -31.43 -3.02 -1.08
CA CYS A 558 -30.53 -3.13 -2.21
C CYS A 558 -29.35 -2.16 -2.10
N GLY A 559 -28.91 -1.87 -0.89
CA GLY A 559 -27.82 -0.94 -0.65
C GLY A 559 -26.51 -1.40 -1.27
N ASP A 560 -26.28 -2.72 -1.31
CA ASP A 560 -25.12 -3.27 -2.01
C ASP A 560 -25.12 -2.91 -3.50
N LEU A 561 -26.27 -3.04 -4.14
CA LEU A 561 -26.39 -2.76 -5.57
C LEU A 561 -26.25 -1.28 -5.86
N THR A 562 -26.91 -0.46 -5.05
CA THR A 562 -26.86 0.98 -5.22
C THR A 562 -25.48 1.55 -4.94
N LEU A 563 -24.91 1.20 -3.80
CA LEU A 563 -23.56 1.66 -3.48
C LEU A 563 -22.58 1.14 -4.50
N GLY A 564 -22.75 -0.12 -4.90
CA GLY A 564 -21.94 -0.73 -5.96
C GLY A 564 -21.96 0.09 -7.24
N LYS A 565 -23.15 0.55 -7.62
CA LYS A 565 -23.31 1.39 -8.79
C LYS A 565 -22.56 2.68 -8.59
N THR A 566 -22.72 3.25 -7.41
CA THR A 566 -22.02 4.47 -7.03
C THR A 566 -20.50 4.34 -7.18
N LEU A 567 -19.90 3.22 -6.80
CA LEU A 567 -18.44 3.08 -6.85
C LEU A 567 -17.87 2.47 -8.15
N GLY A 568 -18.72 2.36 -9.17
CA GLY A 568 -18.29 1.87 -10.50
C GLY A 568 -18.24 0.37 -10.71
N LEU A 569 -18.79 -0.41 -9.77
CA LEU A 569 -18.74 -1.88 -9.84
C LEU A 569 -19.74 -2.50 -10.83
N TYR A 570 -20.79 -1.76 -11.19
CA TYR A 570 -21.83 -2.27 -12.12
C TYR A 570 -21.99 -1.35 -13.31
N PRO A 571 -20.99 -1.38 -14.21
CA PRO A 571 -21.04 -0.51 -15.39
C PRO A 571 -22.09 -0.96 -16.39
N ASP A 572 -22.39 -2.27 -16.43
CA ASP A 572 -23.38 -2.86 -17.34
C ASP A 572 -24.80 -2.74 -16.77
N GLU A 573 -25.55 -1.74 -17.23
CA GLU A 573 -26.88 -1.46 -16.69
C GLU A 573 -27.89 -2.59 -16.91
N VAL A 574 -27.66 -3.43 -17.92
CA VAL A 574 -28.51 -4.61 -18.13
C VAL A 574 -28.31 -5.61 -16.99
N VAL A 575 -27.07 -6.02 -16.77
CA VAL A 575 -26.76 -6.95 -15.68
C VAL A 575 -27.31 -6.44 -14.35
N LEU A 576 -27.17 -5.13 -14.11
CA LEU A 576 -27.66 -4.52 -12.87
C LEU A 576 -29.17 -4.67 -12.70
N ARG A 577 -29.93 -4.38 -13.76
CA ARG A 577 -31.38 -4.61 -13.75
C ARG A 577 -31.71 -6.04 -13.33
N GLY A 578 -30.99 -7.00 -13.87
CA GLY A 578 -31.15 -8.40 -13.51
C GLY A 578 -31.00 -8.63 -12.02
N LEU A 579 -29.97 -8.03 -11.44
CA LEU A 579 -29.66 -8.21 -10.02
C LEU A 579 -30.72 -7.58 -9.09
N TYR A 580 -31.28 -6.44 -9.51
CA TYR A 580 -32.39 -5.83 -8.76
C TYR A 580 -33.61 -6.79 -8.77
N GLN A 581 -34.06 -7.18 -9.95
CA GLN A 581 -35.18 -8.10 -10.09
C GLN A 581 -34.94 -9.37 -9.28
N ASP A 582 -33.73 -9.89 -9.40
CA ASP A 582 -33.33 -11.08 -8.68
C ASP A 582 -33.45 -10.87 -7.18
N ARG A 583 -33.07 -9.68 -6.70
CA ARG A 583 -33.20 -9.35 -5.29
C ARG A 583 -34.67 -9.26 -4.87
N GLU A 584 -35.50 -8.61 -5.68
CA GLU A 584 -36.89 -8.39 -5.30
C GLU A 584 -37.66 -9.70 -5.20
N LEU A 585 -37.41 -10.62 -6.12
CA LEU A 585 -38.00 -11.96 -6.03
C LEU A 585 -37.49 -12.70 -4.80
N ALA A 586 -36.20 -12.53 -4.50
CA ALA A 586 -35.63 -13.13 -3.30
C ALA A 586 -36.32 -12.59 -2.05
N LYS A 587 -36.50 -11.28 -2.01
CA LYS A 587 -37.15 -10.65 -0.87
C LYS A 587 -38.57 -11.13 -0.66
N GLN A 588 -39.28 -11.31 -1.77
CA GLN A 588 -40.70 -11.70 -1.73
C GLN A 588 -40.85 -13.12 -1.19
N GLY A 589 -40.02 -14.02 -1.71
CA GLY A 589 -40.00 -15.40 -1.24
C GLY A 589 -39.60 -15.50 0.21
N LEU A 590 -38.70 -14.62 0.64
CA LEU A 590 -38.25 -14.61 2.03
C LEU A 590 -39.37 -14.11 2.92
N LEU A 591 -40.05 -13.05 2.49
CA LEU A 591 -41.18 -12.53 3.26
C LEU A 591 -42.29 -13.57 3.36
N ASP A 592 -42.60 -14.23 2.25
CA ASP A 592 -43.60 -15.31 2.24
C ASP A 592 -43.28 -16.33 3.29
N ALA A 593 -42.00 -16.68 3.38
CA ALA A 593 -41.52 -17.71 4.30
C ALA A 593 -41.53 -17.26 5.77
N LEU A 594 -41.24 -15.99 6.03
CA LEU A 594 -41.31 -15.47 7.40
C LEU A 594 -42.74 -15.60 7.92
N HIS A 595 -43.69 -15.11 7.14
CA HIS A 595 -45.12 -15.21 7.46
C HIS A 595 -45.51 -16.68 7.63
N LYS A 596 -45.13 -17.49 6.66
CA LYS A 596 -45.56 -18.88 6.65
C LYS A 596 -45.11 -19.61 7.92
N TYR A 597 -43.83 -19.54 8.25
CA TYR A 597 -43.31 -20.28 9.40
C TYR A 597 -43.39 -19.49 10.72
N GLY A 598 -44.26 -18.47 10.75
CA GLY A 598 -44.70 -17.81 11.98
C GLY A 598 -43.66 -16.96 12.65
N CYS A 599 -43.01 -16.09 11.88
CA CYS A 599 -41.99 -15.19 12.41
C CYS A 599 -42.47 -13.76 12.58
N LEU A 600 -43.70 -13.48 12.16
CA LEU A 600 -44.20 -12.11 12.08
C LEU A 600 -45.58 -11.94 12.69
N PRO A 601 -45.95 -10.71 13.05
CA PRO A 601 -47.34 -10.40 13.41
C PRO A 601 -48.29 -10.54 12.22
N LYS A 602 -49.58 -10.58 12.51
CA LYS A 602 -50.59 -10.77 11.48
C LYS A 602 -50.69 -9.51 10.63
N ARG A 603 -50.62 -8.37 11.32
CA ARG A 603 -50.70 -7.03 10.72
C ARG A 603 -49.62 -6.69 9.68
N ALA A 604 -48.43 -7.24 9.86
CA ALA A 604 -47.29 -7.01 8.95
C ALA A 604 -47.64 -7.28 7.49
N GLY A 605 -47.20 -6.40 6.59
CA GLY A 605 -47.56 -6.47 5.19
C GLY A 605 -47.01 -7.71 4.53
N HIS A 606 -47.65 -8.13 3.45
CA HIS A 606 -47.28 -9.36 2.74
C HIS A 606 -46.53 -9.08 1.42
N LYS A 607 -46.67 -7.88 0.88
CA LYS A 607 -45.99 -7.46 -0.34
C LYS A 607 -44.62 -6.83 0.01
N ALA A 608 -43.55 -7.43 -0.50
CA ALA A 608 -42.19 -7.06 -0.09
C ALA A 608 -41.67 -5.77 -0.71
N SER A 609 -42.10 -5.48 -1.94
CA SER A 609 -41.66 -4.26 -2.63
C SER A 609 -42.16 -3.00 -1.91
N LEU A 610 -43.29 -3.10 -1.23
CA LEU A 610 -43.85 -1.97 -0.47
C LEU A 610 -43.27 -1.79 0.92
N MET A 611 -42.49 -2.75 1.39
CA MET A 611 -41.98 -2.72 2.75
C MET A 611 -40.54 -2.22 2.83
N SER A 612 -40.30 -1.34 3.79
CA SER A 612 -38.96 -0.99 4.22
C SER A 612 -38.64 -1.69 5.53
N MET A 613 -37.37 -1.63 5.93
CA MET A 613 -36.88 -2.35 7.10
C MET A 613 -37.42 -1.70 8.35
N THR A 614 -37.81 -2.53 9.31
CA THR A 614 -38.40 -2.08 10.57
C THR A 614 -37.91 -2.98 11.70
N PRO A 615 -38.12 -2.57 12.95
CA PRO A 615 -37.70 -3.48 14.02
C PRO A 615 -38.38 -4.86 13.97
N THR A 616 -39.66 -4.90 13.59
CA THR A 616 -40.41 -6.14 13.44
C THR A 616 -39.86 -7.10 12.38
N LEU A 617 -39.46 -6.55 11.23
CA LEU A 617 -38.91 -7.34 10.14
C LEU A 617 -37.48 -7.79 10.45
N ASN A 618 -36.69 -6.88 10.98
CA ASN A 618 -35.35 -7.20 11.48
C ASN A 618 -35.39 -8.38 12.44
N ARG A 619 -36.33 -8.32 13.37
CA ARG A 619 -36.49 -9.39 14.35
C ARG A 619 -36.93 -10.68 13.68
N GLY A 620 -37.79 -10.57 12.68
CA GLY A 620 -38.36 -11.74 12.02
C GLY A 620 -37.35 -12.54 11.23
N LEU A 621 -36.46 -11.84 10.55
CA LEU A 621 -35.41 -12.48 9.79
C LEU A 621 -34.47 -13.28 10.69
N GLN A 622 -34.27 -12.80 11.91
CA GLN A 622 -33.39 -13.47 12.85
C GLN A 622 -34.11 -14.61 13.59
N ARG A 623 -35.38 -14.42 13.90
CA ARG A 623 -36.19 -15.53 14.43
C ARG A 623 -36.20 -16.73 13.51
N TYR A 624 -36.33 -16.46 12.21
CA TYR A 624 -36.33 -17.51 11.17
C TYR A 624 -35.15 -18.46 11.29
N ILE A 625 -33.93 -17.92 11.37
CA ILE A 625 -32.74 -18.77 11.57
C ILE A 625 -32.63 -19.29 12.99
N ALA A 626 -33.08 -18.51 13.97
CA ALA A 626 -33.13 -18.99 15.36
C ALA A 626 -34.10 -20.16 15.55
N ASP A 627 -35.18 -20.21 14.77
CA ASP A 627 -36.11 -21.35 14.79
C ASP A 627 -35.60 -22.55 13.99
N SER A 628 -34.44 -22.40 13.36
CA SER A 628 -33.94 -23.44 12.48
C SER A 628 -33.41 -24.60 13.29
N ASN A 629 -33.38 -25.75 12.65
CA ASN A 629 -32.83 -26.95 13.24
C ASN A 629 -31.29 -26.98 13.30
N SER A 630 -30.64 -26.01 12.66
CA SER A 630 -29.19 -25.83 12.82
C SER A 630 -28.85 -25.79 14.30
N ALA A 631 -27.87 -26.61 14.71
CA ALA A 631 -27.45 -26.66 16.11
C ALA A 631 -26.88 -25.33 16.60
N LEU A 632 -26.25 -24.58 15.70
CA LEU A 632 -25.62 -23.30 16.05
C LEU A 632 -26.18 -22.13 15.26
N LEU A 633 -26.34 -21.01 15.95
CA LEU A 633 -26.79 -19.76 15.34
C LEU A 633 -25.72 -18.69 15.53
N GLY A 634 -25.34 -18.05 14.43
CA GLY A 634 -24.41 -16.92 14.45
C GLY A 634 -25.13 -15.61 14.15
N LEU A 635 -25.09 -14.70 15.10
CA LEU A 635 -25.72 -13.39 14.94
C LEU A 635 -24.69 -12.26 14.82
N GLN A 636 -24.87 -11.44 13.81
CA GLN A 636 -24.05 -10.24 13.65
C GLN A 636 -24.63 -9.14 14.52
N PRO A 637 -23.78 -8.44 15.29
CA PRO A 637 -24.22 -7.25 16.02
C PRO A 637 -24.67 -6.12 15.09
N GLU A 638 -24.05 -6.05 13.91
CA GLU A 638 -24.45 -5.09 12.89
C GLU A 638 -25.96 -5.12 12.71
N ASP A 639 -26.53 -6.31 12.87
CA ASP A 639 -27.96 -6.48 12.71
C ASP A 639 -28.76 -6.13 13.97
N TRP A 640 -28.17 -6.28 15.15
CA TRP A 640 -28.81 -5.78 16.37
C TRP A 640 -28.84 -4.25 16.35
N LEU A 641 -27.91 -3.62 15.65
CA LEU A 641 -27.82 -2.16 15.59
C LEU A 641 -28.53 -1.62 14.38
N ASP A 642 -29.06 -2.52 13.55
CA ASP A 642 -29.83 -2.14 12.38
C ASP A 642 -28.99 -1.32 11.41
N MET A 643 -27.76 -1.76 11.20
CA MET A 643 -26.81 -1.03 10.37
C MET A 643 -26.99 -1.39 8.90
N ALA A 644 -26.88 -0.37 8.04
CA ALA A 644 -27.14 -0.48 6.60
C ALA A 644 -25.88 -0.74 5.80
N GLU A 645 -24.73 -0.50 6.42
CA GLU A 645 -23.48 -0.34 5.70
C GLU A 645 -22.59 -1.59 5.83
N PRO A 646 -22.02 -2.06 4.70
CA PRO A 646 -21.20 -3.26 4.69
C PRO A 646 -19.79 -3.05 5.26
N VAL A 647 -19.12 -4.16 5.55
CA VAL A 647 -17.76 -4.12 6.10
C VAL A 647 -16.71 -4.51 5.04
N ASN A 648 -17.14 -5.23 4.01
CA ASN A 648 -16.30 -5.56 2.88
C ASN A 648 -17.14 -5.74 1.64
N ILE A 649 -16.69 -5.23 0.49
CA ILE A 649 -17.36 -5.46 -0.79
C ILE A 649 -16.40 -6.27 -1.65
N PRO A 650 -16.67 -7.57 -1.83
CA PRO A 650 -15.72 -8.36 -2.65
C PRO A 650 -15.58 -7.82 -4.07
N GLY A 651 -14.35 -7.86 -4.60
CA GLY A 651 -14.06 -7.35 -5.93
C GLY A 651 -13.49 -5.94 -5.97
N THR A 652 -13.79 -5.14 -4.95
CA THR A 652 -13.17 -3.83 -4.80
C THR A 652 -11.74 -4.00 -4.32
N SER A 653 -10.89 -3.05 -4.68
CA SER A 653 -9.50 -2.99 -4.18
C SER A 653 -9.32 -1.74 -3.31
N TYR A 654 -9.58 -0.56 -3.89
CA TYR A 654 -9.54 0.71 -3.16
C TYR A 654 -10.89 1.40 -3.03
N GLN A 655 -11.91 0.94 -3.72
CA GLN A 655 -13.13 1.74 -3.90
C GLN A 655 -13.96 1.91 -2.62
N TYR A 656 -13.81 0.96 -1.71
CA TYR A 656 -14.52 0.99 -0.44
C TYR A 656 -13.51 0.75 0.67
N LYS A 657 -13.76 1.33 1.83
CA LYS A 657 -12.84 1.19 2.93
C LYS A 657 -13.12 -0.13 3.64
N ASN A 658 -12.66 -1.21 3.02
CA ASN A 658 -12.91 -2.56 3.51
C ASN A 658 -12.19 -2.78 4.83
N TRP A 659 -12.77 -3.59 5.72
CA TRP A 659 -12.12 -3.98 7.00
C TRP A 659 -11.98 -2.83 8.02
N ARG A 660 -12.80 -1.79 7.85
CA ARG A 660 -12.68 -0.57 8.62
C ARG A 660 -13.96 -0.04 9.26
N ARG A 661 -15.13 -0.41 8.73
CA ARG A 661 -16.40 0.16 9.19
C ARG A 661 -16.72 -0.26 10.63
N LYS A 662 -16.69 0.71 11.54
CA LYS A 662 -16.97 0.44 12.95
C LYS A 662 -18.46 0.16 13.23
N LEU A 663 -18.75 -0.57 14.30
CA LEU A 663 -20.13 -0.69 14.77
C LEU A 663 -20.65 0.70 15.10
N SER A 664 -21.95 0.92 14.90
CA SER A 664 -22.52 2.25 15.11
C SER A 664 -22.64 2.64 16.60
N ALA A 665 -22.50 1.67 17.51
CA ALA A 665 -22.51 1.94 18.95
C ALA A 665 -21.38 1.21 19.70
N THR A 666 -21.11 1.64 20.94
CA THR A 666 -20.14 0.98 21.80
C THR A 666 -20.78 -0.21 22.44
N LEU A 667 -19.96 -1.10 22.99
CA LEU A 667 -20.47 -2.22 23.76
C LEU A 667 -21.39 -1.78 24.93
N GLU A 668 -20.92 -0.81 25.69
CA GLU A 668 -21.61 -0.33 26.89
C GLU A 668 -23.01 0.13 26.52
N SER A 669 -23.06 0.99 25.49
CA SER A 669 -24.28 1.56 24.96
C SER A 669 -25.24 0.51 24.39
N MET A 670 -24.73 -0.31 23.50
CA MET A 670 -25.45 -1.44 22.93
C MET A 670 -26.13 -2.29 23.98
N PHE A 671 -25.37 -2.72 24.99
CA PHE A 671 -25.89 -3.66 25.98
C PHE A 671 -26.75 -2.99 27.04
N ALA A 672 -26.75 -1.67 27.08
CA ALA A 672 -27.70 -0.92 27.89
C ALA A 672 -29.01 -0.59 27.12
N ASP A 673 -29.05 -0.88 25.82
CA ASP A 673 -30.22 -0.55 24.98
C ASP A 673 -31.38 -1.52 25.19
N ASP A 674 -32.59 -0.98 25.31
CA ASP A 674 -33.81 -1.80 25.51
C ASP A 674 -34.07 -2.76 24.37
N GLY A 675 -34.06 -2.22 23.15
CA GLY A 675 -34.33 -2.99 21.93
C GLY A 675 -33.39 -4.16 21.74
N VAL A 676 -32.09 -3.91 21.95
CA VAL A 676 -31.08 -4.94 21.83
C VAL A 676 -31.32 -6.05 22.86
N ASN A 677 -31.52 -5.67 24.11
CA ASN A 677 -31.78 -6.65 25.16
C ASN A 677 -33.08 -7.43 24.94
N LYS A 678 -34.10 -6.74 24.46
CA LYS A 678 -35.36 -7.40 24.08
C LYS A 678 -35.20 -8.35 22.89
N LEU A 679 -34.48 -7.88 21.87
CA LEU A 679 -34.21 -8.70 20.69
C LEU A 679 -33.53 -10.02 21.11
N LEU A 680 -32.44 -9.91 21.86
CA LEU A 680 -31.66 -11.08 22.23
C LEU A 680 -32.39 -12.01 23.16
N LYS A 681 -33.19 -11.46 24.07
CA LYS A 681 -33.98 -12.33 24.92
C LYS A 681 -35.04 -13.07 24.11
N ASP A 682 -35.56 -12.45 23.06
CA ASP A 682 -36.51 -13.12 22.18
C ASP A 682 -35.80 -14.23 21.42
N LEU A 683 -34.67 -13.91 20.82
CA LEU A 683 -33.93 -14.86 20.01
C LEU A 683 -33.44 -16.04 20.84
N ASP A 684 -32.96 -15.77 22.06
CA ASP A 684 -32.49 -16.82 22.97
C ASP A 684 -33.61 -17.76 23.37
N ARG A 685 -34.80 -17.20 23.55
CA ARG A 685 -36.00 -18.00 23.82
C ARG A 685 -36.36 -18.85 22.62
N ARG A 686 -36.31 -18.26 21.44
CA ARG A 686 -36.59 -18.98 20.19
C ARG A 686 -35.68 -20.21 19.98
N ARG A 687 -34.41 -20.10 20.38
CA ARG A 687 -33.50 -21.24 20.36
C ARG A 687 -33.93 -22.33 21.34
N ARG A 688 -34.44 -21.93 22.50
CA ARG A 688 -34.94 -22.90 23.48
C ARG A 688 -36.22 -23.60 23.04
N SER A 689 -37.11 -22.90 22.33
CA SER A 689 -38.33 -23.53 21.79
C SER A 689 -38.04 -24.45 20.59
N ALA A 690 -36.87 -24.28 19.96
CA ALA A 690 -36.44 -25.12 18.84
C ALA A 690 -35.96 -26.51 19.23
N HIS A 691 -36.05 -26.86 20.52
CA HIS A 691 -35.84 -28.22 21.08
C HIS A 691 -34.42 -28.37 21.62
N GLU B 2 41.83 -4.67 -8.02
CA GLU B 2 42.99 -3.72 -7.93
C GLU B 2 42.48 -2.32 -7.62
N SER B 3 43.24 -1.59 -6.80
CA SER B 3 42.93 -0.20 -6.47
C SER B 3 42.98 0.65 -7.72
N LYS B 4 44.16 0.73 -8.34
CA LYS B 4 44.41 1.62 -9.48
C LYS B 4 43.34 1.50 -10.55
N ARG B 5 43.11 0.27 -11.00
CA ARG B 5 42.21 -0.01 -12.12
C ARG B 5 40.79 0.35 -11.78
N LEU B 6 40.36 -0.04 -10.58
CA LEU B 6 39.02 0.29 -10.09
C LEU B 6 38.87 1.78 -9.76
N ASP B 7 39.87 2.36 -9.09
CA ASP B 7 39.85 3.78 -8.72
C ASP B 7 39.74 4.67 -9.94
N ASN B 8 40.55 4.38 -10.96
CA ASN B 8 40.53 5.18 -12.19
C ASN B 8 39.23 5.03 -12.97
N ALA B 9 38.73 3.82 -13.07
CA ALA B 9 37.45 3.58 -13.73
C ALA B 9 36.32 4.32 -13.01
N ALA B 10 36.35 4.30 -11.68
CA ALA B 10 35.37 4.99 -10.87
C ALA B 10 35.48 6.49 -11.06
N LEU B 11 36.71 6.99 -11.10
CA LEU B 11 36.94 8.41 -11.30
C LEU B 11 36.37 8.83 -12.65
N ALA B 12 36.76 8.09 -13.70
CA ALA B 12 36.33 8.36 -15.06
C ALA B 12 34.82 8.27 -15.22
N ALA B 13 34.18 7.45 -14.39
CA ALA B 13 32.73 7.33 -14.41
C ALA B 13 32.00 8.49 -13.69
N GLY B 14 32.75 9.38 -13.05
CA GLY B 14 32.17 10.53 -12.36
C GLY B 14 31.84 10.28 -10.90
N ILE B 15 32.47 9.29 -10.29
CA ILE B 15 32.25 8.98 -8.89
C ILE B 15 33.33 9.69 -8.06
N SER B 16 32.90 10.58 -7.16
CA SER B 16 33.83 11.30 -6.30
C SER B 16 34.42 10.36 -5.25
N PRO B 17 35.77 10.29 -5.18
CA PRO B 17 36.43 9.28 -4.32
C PRO B 17 36.26 9.49 -2.80
N ASN B 18 35.68 10.62 -2.39
CA ASN B 18 35.43 10.91 -0.97
C ASN B 18 34.46 12.07 -0.78
N TYR B 19 33.89 12.15 0.41
CA TYR B 19 32.97 13.22 0.78
C TYR B 19 33.31 13.74 2.18
N ILE B 20 32.64 14.82 2.59
CA ILE B 20 32.89 15.41 3.90
C ILE B 20 31.87 14.84 4.91
N ASN B 21 32.38 14.19 5.95
CA ASN B 21 31.55 13.44 6.91
C ASN B 21 30.82 14.33 7.93
N ALA B 22 30.06 13.68 8.81
CA ALA B 22 29.31 14.35 9.89
C ALA B 22 30.21 14.99 10.98
N HIS B 23 31.45 14.50 11.10
CA HIS B 23 32.46 15.12 11.99
C HIS B 23 33.25 16.26 11.30
N GLY B 24 32.93 16.57 10.04
CA GLY B 24 33.52 17.71 9.33
C GLY B 24 34.67 17.44 8.38
N LYS B 25 35.26 16.24 8.46
CA LYS B 25 36.51 15.92 7.72
C LYS B 25 36.29 15.07 6.46
N PRO B 26 37.27 15.05 5.53
CA PRO B 26 37.07 14.26 4.31
C PRO B 26 37.24 12.78 4.59
N GLN B 27 36.59 11.93 3.80
CA GLN B 27 36.53 10.51 4.10
C GLN B 27 36.30 9.63 2.88
N SER B 28 37.09 8.56 2.77
CA SER B 28 37.11 7.74 1.57
C SER B 28 35.79 7.01 1.29
N ILE B 29 35.61 6.69 0.01
CA ILE B 29 34.63 5.73 -0.43
C ILE B 29 35.32 4.37 -0.57
N SER B 30 34.65 3.33 -0.08
CA SER B 30 35.19 1.98 -0.12
C SER B 30 35.30 1.53 -1.55
N ALA B 31 36.19 0.57 -1.79
CA ALA B 31 36.29 -0.09 -3.08
C ALA B 31 34.98 -0.83 -3.36
N GLU B 32 34.39 -1.42 -2.32
CA GLU B 32 33.10 -2.10 -2.44
C GLU B 32 32.01 -1.19 -2.99
N THR B 33 31.93 0.02 -2.47
CA THR B 33 30.96 1.00 -2.94
C THR B 33 31.21 1.35 -4.40
N LYS B 34 32.46 1.65 -4.74
CA LYS B 34 32.81 2.05 -6.09
C LYS B 34 32.46 0.97 -7.11
N ARG B 35 32.73 -0.28 -6.75
CA ARG B 35 32.46 -1.43 -7.63
C ARG B 35 30.96 -1.60 -7.89
N ARG B 36 30.15 -1.41 -6.85
CA ARG B 36 28.70 -1.55 -6.96
C ARG B 36 28.10 -0.47 -7.84
N LEU B 37 28.63 0.74 -7.72
CA LEU B 37 28.12 1.87 -8.49
C LEU B 37 28.53 1.82 -9.96
N LEU B 38 29.76 1.38 -10.23
CA LEU B 38 30.19 1.12 -11.62
C LEU B 38 29.30 0.10 -12.31
N ASP B 39 29.01 -0.98 -11.59
CA ASP B 39 28.14 -2.02 -12.10
C ASP B 39 26.75 -1.48 -12.42
N ALA B 40 26.29 -0.53 -11.62
CA ALA B 40 24.94 0.04 -11.76
C ALA B 40 24.76 0.89 -13.02
N MET B 41 25.84 1.53 -13.45
CA MET B 41 25.79 2.41 -14.62
C MET B 41 25.82 1.65 -15.95
N HIS B 42 25.38 2.34 -17.00
CA HIS B 42 25.36 1.81 -18.35
C HIS B 42 26.45 2.52 -19.12
N GLN B 43 27.48 1.78 -19.50
CA GLN B 43 28.52 2.32 -20.34
C GLN B 43 28.72 1.38 -21.51
N ARG B 44 29.36 1.87 -22.56
CA ARG B 44 29.69 1.04 -23.71
C ARG B 44 31.21 0.96 -23.87
N THR B 45 31.72 -0.27 -24.06
CA THR B 45 33.14 -0.48 -24.33
C THR B 45 33.45 0.05 -25.73
N ALA B 46 34.23 1.13 -25.80
CA ALA B 46 34.57 1.76 -27.09
C ALA B 46 35.66 0.95 -27.79
N THR B 47 35.35 0.45 -28.98
CA THR B 47 36.32 -0.29 -29.78
C THR B 47 37.38 0.66 -30.33
N LYS B 48 37.01 1.93 -30.48
CA LYS B 48 37.84 2.97 -31.09
C LYS B 48 38.82 2.39 -32.12
N VAL B 49 38.24 1.68 -33.08
CA VAL B 49 38.95 1.21 -34.25
C VAL B 49 39.13 2.40 -35.18
N ALA B 50 38.10 3.25 -35.23
CA ALA B 50 38.21 4.62 -35.74
C ALA B 50 37.59 5.52 -34.69
N VAL B 51 38.40 6.40 -34.07
CA VAL B 51 37.90 7.28 -33.00
C VAL B 51 36.88 8.22 -33.62
N THR B 52 35.84 8.56 -32.85
CA THR B 52 34.75 9.37 -33.39
C THR B 52 35.25 10.79 -33.73
N PRO B 53 35.04 11.22 -35.00
CA PRO B 53 35.51 12.51 -35.56
C PRO B 53 35.13 13.75 -34.75
N VAL B 54 33.86 13.82 -34.34
CA VAL B 54 33.37 14.83 -33.42
C VAL B 54 32.44 14.20 -32.41
N PRO B 55 32.40 14.76 -31.19
CA PRO B 55 31.54 14.17 -30.18
C PRO B 55 30.07 14.18 -30.62
N ASN B 56 29.25 13.36 -29.97
CA ASN B 56 27.84 13.23 -30.33
C ASN B 56 27.02 14.48 -30.00
N VAL B 57 27.54 15.30 -29.08
CA VAL B 57 26.85 16.49 -28.64
C VAL B 57 27.90 17.49 -28.20
N MET B 58 27.59 18.77 -28.41
CA MET B 58 28.45 19.83 -27.95
C MET B 58 27.59 21.04 -27.57
N VAL B 59 27.91 21.66 -26.44
CA VAL B 59 27.16 22.80 -25.95
C VAL B 59 28.05 24.03 -25.92
N TYR B 60 27.49 25.15 -26.39
CA TYR B 60 28.19 26.43 -26.41
C TYR B 60 27.29 27.55 -25.90
N THR B 61 27.90 28.60 -25.35
CA THR B 61 27.19 29.81 -24.99
C THR B 61 27.22 30.81 -26.16
N SER B 62 26.08 31.42 -26.45
CA SER B 62 25.97 32.35 -27.56
C SER B 62 26.84 33.57 -27.35
N GLY B 63 27.19 34.23 -28.44
CA GLY B 63 28.05 35.40 -28.42
C GLY B 63 29.50 35.10 -28.06
N LYS B 64 29.93 33.84 -28.23
CA LYS B 64 31.31 33.44 -27.93
C LYS B 64 31.91 32.61 -29.05
N LYS B 65 33.22 32.40 -28.95
CA LYS B 65 33.95 31.57 -29.88
C LYS B 65 33.49 30.12 -29.68
N MET B 66 33.33 29.38 -30.78
CA MET B 66 32.76 28.04 -30.74
C MET B 66 33.64 27.04 -31.48
N PRO B 67 34.85 26.76 -30.94
CA PRO B 67 35.77 25.87 -31.61
C PRO B 67 35.34 24.42 -31.46
N MET B 68 35.26 23.71 -32.58
CA MET B 68 35.00 22.28 -32.61
C MET B 68 36.31 21.57 -32.89
N VAL B 69 36.74 20.70 -31.96
CA VAL B 69 37.92 19.87 -32.18
C VAL B 69 37.52 18.65 -33.03
N VAL B 70 38.28 18.40 -34.09
CA VAL B 70 37.99 17.30 -35.02
C VAL B 70 39.09 16.23 -34.97
N GLU B 71 38.69 14.98 -34.75
CA GLU B 71 39.62 13.89 -34.51
C GLU B 71 39.90 13.07 -35.76
N GLY B 72 40.89 12.19 -35.66
CA GLY B 72 41.30 11.35 -36.78
C GLY B 72 42.18 12.13 -37.72
N SER B 73 42.02 11.89 -39.02
CA SER B 73 42.80 12.62 -40.05
C SER B 73 42.13 12.55 -41.43
N GLY B 74 42.72 13.28 -42.37
CA GLY B 74 42.17 13.41 -43.72
C GLY B 74 41.03 14.42 -43.80
N GLU B 75 40.67 14.79 -45.03
CA GLU B 75 39.65 15.80 -45.28
C GLU B 75 38.25 15.32 -44.93
N TYR B 76 37.52 16.17 -44.22
CA TYR B 76 36.10 15.98 -43.99
C TYR B 76 35.36 17.20 -44.56
N SER B 77 34.26 16.95 -45.26
CA SER B 77 33.32 18.02 -45.61
C SER B 77 32.29 18.11 -44.48
N TRP B 78 31.97 19.33 -44.06
CA TRP B 78 30.97 19.50 -43.01
C TRP B 78 29.73 20.24 -43.46
N LEU B 79 28.61 19.88 -42.84
CA LEU B 79 27.35 20.58 -43.03
C LEU B 79 26.80 20.92 -41.66
N LEU B 80 26.57 22.21 -41.41
CA LEU B 80 25.88 22.66 -40.20
C LEU B 80 24.49 23.16 -40.56
N THR B 81 23.47 22.48 -40.05
CA THR B 81 22.07 22.86 -40.30
C THR B 81 21.47 23.37 -38.99
N THR B 82 20.98 24.61 -38.99
CA THR B 82 20.36 25.19 -37.79
C THR B 82 18.92 24.73 -37.65
N GLU B 83 18.30 25.10 -36.53
CA GLU B 83 16.97 24.63 -36.15
C GLU B 83 15.97 25.22 -37.10
N GLU B 84 16.17 26.49 -37.43
CA GLU B 84 15.39 27.18 -38.46
C GLU B 84 15.59 26.58 -39.86
N GLY B 85 16.79 26.09 -40.14
CA GLY B 85 17.09 25.44 -41.41
C GLY B 85 18.10 26.15 -42.29
N THR B 86 18.82 27.11 -41.71
CA THR B 86 19.94 27.72 -42.37
C THR B 86 21.06 26.70 -42.46
N GLN B 87 21.80 26.72 -43.58
CA GLN B 87 22.89 25.78 -43.80
C GLN B 87 24.25 26.48 -43.91
N TYR B 88 25.28 25.79 -43.43
CA TYR B 88 26.66 26.22 -43.57
C TYR B 88 27.49 25.02 -44.02
N LYS B 89 28.38 25.23 -44.99
CA LYS B 89 29.22 24.14 -45.51
C LYS B 89 30.67 24.58 -45.67
N GLY B 90 31.58 23.67 -45.35
CA GLY B 90 33.00 23.92 -45.48
C GLY B 90 33.76 22.62 -45.54
N HIS B 91 35.08 22.74 -45.43
CA HIS B 91 35.98 21.60 -45.33
C HIS B 91 36.81 21.78 -44.07
N VAL B 92 37.37 20.69 -43.57
CA VAL B 92 38.24 20.73 -42.40
C VAL B 92 39.11 19.49 -42.37
N THR B 93 40.38 19.67 -42.00
CA THR B 93 41.31 18.56 -41.92
C THR B 93 41.25 17.95 -40.54
N GLY B 94 41.24 16.63 -40.47
CA GLY B 94 41.20 15.92 -39.20
C GLY B 94 42.44 16.21 -38.38
N GLY B 95 42.26 16.32 -37.07
CA GLY B 95 43.36 16.59 -36.17
C GLY B 95 43.59 18.06 -35.95
N LYS B 96 42.68 18.90 -36.44
CA LYS B 96 42.72 20.34 -36.15
C LYS B 96 41.44 20.75 -35.44
N ALA B 97 41.35 22.04 -35.10
CA ALA B 97 40.08 22.64 -34.69
C ALA B 97 39.66 23.67 -35.73
N PHE B 98 38.39 24.04 -35.68
CA PHE B 98 37.85 25.10 -36.51
C PHE B 98 36.63 25.67 -35.81
N ASN B 99 36.51 26.99 -35.83
CA ASN B 99 35.38 27.66 -35.21
C ASN B 99 34.14 27.50 -36.07
N LEU B 100 33.01 27.24 -35.43
CA LEU B 100 31.74 27.23 -36.13
C LEU B 100 31.39 28.67 -36.51
N PRO B 101 30.55 28.84 -37.54
CA PRO B 101 30.17 30.18 -37.97
C PRO B 101 29.75 31.04 -36.79
N THR B 102 30.23 32.27 -36.78
CA THR B 102 29.96 33.17 -35.67
C THR B 102 28.49 33.58 -35.72
N LYS B 103 28.00 34.08 -34.58
CA LYS B 103 26.66 34.64 -34.51
C LYS B 103 25.60 33.60 -34.82
N LEU B 104 25.86 32.36 -34.44
CA LEU B 104 24.86 31.32 -34.51
C LEU B 104 23.72 31.65 -33.55
N PRO B 105 22.48 31.45 -34.00
CA PRO B 105 21.35 31.72 -33.10
C PRO B 105 21.22 30.64 -32.01
N GLU B 106 20.65 31.02 -30.87
CA GLU B 106 20.37 30.05 -29.80
C GLU B 106 19.40 28.97 -30.31
N GLY B 107 19.60 27.74 -29.84
CA GLY B 107 18.75 26.64 -30.29
C GLY B 107 19.52 25.36 -30.53
N TYR B 108 18.87 24.45 -31.25
CA TYR B 108 19.33 23.07 -31.42
C TYR B 108 19.66 22.77 -32.88
N HIS B 109 20.95 22.75 -33.16
CA HIS B 109 21.46 22.63 -34.51
C HIS B 109 22.15 21.27 -34.71
N THR B 110 22.27 20.86 -35.97
CA THR B 110 22.92 19.59 -36.33
C THR B 110 24.16 19.81 -37.19
N LEU B 111 25.27 19.20 -36.78
CA LEU B 111 26.52 19.22 -37.54
C LEU B 111 26.86 17.80 -38.02
N THR B 112 26.88 17.59 -39.33
CA THR B 112 27.24 16.31 -39.90
C THR B 112 28.59 16.45 -40.58
N LEU B 113 29.48 15.47 -40.39
CA LEU B 113 30.77 15.41 -41.10
C LEU B 113 30.87 14.15 -41.96
N THR B 114 31.37 14.30 -43.19
CA THR B 114 31.40 13.20 -44.15
C THR B 114 32.80 12.99 -44.73
N GLN B 115 33.25 11.73 -44.73
CA GLN B 115 34.49 11.33 -45.38
C GLN B 115 34.18 10.04 -46.12
N ASP B 116 34.31 10.05 -47.44
CA ASP B 116 33.80 8.97 -48.29
C ASP B 116 32.30 8.79 -48.01
N ASP B 117 31.90 7.67 -47.40
CA ASP B 117 30.49 7.42 -47.06
C ASP B 117 30.30 7.28 -45.55
N GLN B 118 31.12 8.00 -44.79
CA GLN B 118 31.14 7.90 -43.33
C GLN B 118 30.60 9.19 -42.72
N ARG B 119 29.29 9.25 -42.53
CA ARG B 119 28.66 10.36 -41.81
C ARG B 119 29.00 10.27 -40.32
N ALA B 120 29.01 11.40 -39.64
CA ALA B 120 29.16 11.47 -38.20
C ALA B 120 28.45 12.71 -37.70
N HIS B 121 27.39 12.54 -36.91
CA HIS B 121 26.58 13.69 -36.48
C HIS B 121 27.00 14.20 -35.12
N CYS B 122 26.82 15.49 -34.90
CA CYS B 122 26.97 16.12 -33.60
C CYS B 122 25.83 17.10 -33.41
N ARG B 123 25.14 16.98 -32.28
CA ARG B 123 24.09 17.91 -31.89
C ARG B 123 24.74 19.11 -31.27
N VAL B 124 24.60 20.26 -31.93
CA VAL B 124 25.17 21.51 -31.43
C VAL B 124 24.08 22.33 -30.77
N ILE B 125 24.34 22.71 -29.52
CA ILE B 125 23.38 23.43 -28.70
C ILE B 125 23.96 24.81 -28.34
N VAL B 126 23.30 25.87 -28.80
CA VAL B 126 23.71 27.24 -28.52
C VAL B 126 22.77 27.84 -27.49
N ALA B 127 23.33 28.24 -26.35
CA ALA B 127 22.53 28.59 -25.17
C ALA B 127 22.85 29.96 -24.59
N PRO B 128 21.82 30.69 -24.14
CA PRO B 128 22.10 31.91 -23.39
C PRO B 128 22.82 31.62 -22.08
N LYS B 129 23.36 32.68 -21.48
CA LYS B 129 24.05 32.59 -20.20
C LYS B 129 23.01 32.51 -19.08
N ARG B 130 21.91 33.25 -19.23
CA ARG B 130 20.93 33.43 -18.17
C ARG B 130 19.56 32.83 -18.47
N CYS B 131 18.89 32.35 -17.42
CA CYS B 131 17.47 31.97 -17.51
C CYS B 131 16.59 33.20 -17.71
N TYR B 132 15.36 32.95 -18.15
CA TYR B 132 14.39 34.02 -18.28
C TYR B 132 14.03 34.61 -16.92
N GLU B 133 13.86 35.92 -16.89
CA GLU B 133 13.30 36.65 -15.76
C GLU B 133 12.28 37.60 -16.35
N PRO B 134 11.11 37.70 -15.73
CA PRO B 134 10.07 38.57 -16.25
C PRO B 134 10.35 40.06 -16.05
N GLN B 135 9.63 40.86 -16.82
CA GLN B 135 9.86 42.29 -16.86
C GLN B 135 9.85 42.89 -15.46
N ALA B 136 8.90 42.45 -14.64
CA ALA B 136 8.76 42.93 -13.26
C ALA B 136 10.05 42.78 -12.43
N LEU B 137 10.63 41.58 -12.41
CA LEU B 137 11.84 41.32 -11.61
C LEU B 137 13.09 41.95 -12.20
N LEU B 138 13.13 42.12 -13.53
CA LEU B 138 14.23 42.86 -14.16
C LEU B 138 14.18 44.33 -13.75
N ASN B 139 12.97 44.87 -13.59
CA ASN B 139 12.79 46.22 -13.05
C ASN B 139 12.83 46.24 -11.50
N LYS B 140 13.53 45.29 -10.90
CA LYS B 140 13.86 45.33 -9.47
C LYS B 140 12.65 45.28 -8.52
N GLN B 141 11.46 44.93 -9.02
CA GLN B 141 10.25 44.88 -8.17
C GLN B 141 10.25 43.72 -7.16
N LYS B 142 9.30 43.78 -6.23
CA LYS B 142 9.10 42.75 -5.20
C LYS B 142 7.66 42.21 -5.24
N LEU B 143 7.53 40.92 -5.55
CA LEU B 143 6.24 40.27 -5.79
C LEU B 143 5.96 39.20 -4.75
N TRP B 144 4.69 38.81 -4.67
CA TRP B 144 4.28 37.73 -3.80
C TRP B 144 3.24 36.85 -4.51
N GLY B 145 3.02 35.66 -3.94
CA GLY B 145 2.01 34.73 -4.42
C GLY B 145 1.69 33.68 -3.38
N ALA B 146 0.61 32.94 -3.61
CA ALA B 146 0.26 31.82 -2.74
C ALA B 146 1.00 30.58 -3.17
N CYS B 147 1.72 29.97 -2.25
CA CYS B 147 2.28 28.65 -2.47
C CYS B 147 1.34 27.67 -1.80
N VAL B 148 0.66 26.85 -2.60
CA VAL B 148 -0.35 25.94 -2.06
C VAL B 148 -0.04 24.48 -2.34
N GLN B 149 -0.67 23.60 -1.56
CA GLN B 149 -0.75 22.19 -1.87
C GLN B 149 -2.16 22.00 -2.44
N LEU B 150 -2.25 21.68 -3.72
CA LEU B 150 -3.52 21.77 -4.44
C LEU B 150 -4.59 20.85 -3.86
N TYR B 151 -4.18 19.67 -3.40
CA TYR B 151 -5.11 18.69 -2.84
C TYR B 151 -5.76 19.17 -1.54
N THR B 152 -5.16 20.15 -0.88
CA THR B 152 -5.68 20.67 0.39
C THR B 152 -6.84 21.63 0.22
N LEU B 153 -6.97 22.25 -0.94
CA LEU B 153 -8.00 23.29 -1.14
C LEU B 153 -9.40 22.73 -0.96
N ARG B 154 -10.22 23.44 -0.20
CA ARG B 154 -11.62 23.11 -0.01
C ARG B 154 -12.41 24.15 -0.78
N SER B 155 -13.57 23.76 -1.30
CA SER B 155 -14.47 24.67 -1.98
C SER B 155 -15.90 24.13 -2.02
N GLU B 156 -16.85 24.97 -2.44
CA GLU B 156 -18.26 24.55 -2.54
C GLU B 156 -18.48 23.60 -3.74
N LYS B 157 -17.60 23.64 -4.72
CA LYS B 157 -17.86 22.99 -6.01
C LYS B 157 -17.13 21.65 -6.21
N ASN B 158 -16.03 21.42 -5.48
CA ASN B 158 -15.16 20.27 -5.74
C ASN B 158 -15.68 18.95 -5.17
N TRP B 159 -14.99 17.84 -5.46
CA TRP B 159 -15.49 16.51 -5.16
C TRP B 159 -14.72 15.84 -4.04
N GLY B 160 -14.15 16.62 -3.13
CA GLY B 160 -13.48 16.06 -1.96
C GLY B 160 -11.97 16.20 -1.99
N ILE B 161 -11.45 16.69 -3.10
CA ILE B 161 -10.04 17.04 -3.19
C ILE B 161 -9.96 18.32 -3.97
N GLY B 162 -8.94 19.13 -3.68
CA GLY B 162 -8.67 20.33 -4.47
C GLY B 162 -8.25 19.93 -5.87
N ASP B 163 -8.70 20.70 -6.85
CA ASP B 163 -8.49 20.35 -8.24
C ASP B 163 -8.26 21.60 -9.08
N PHE B 164 -8.06 21.42 -10.39
CA PHE B 164 -7.79 22.54 -11.28
C PHE B 164 -8.91 23.59 -11.34
N GLY B 165 -10.13 23.18 -11.01
CA GLY B 165 -11.25 24.11 -10.90
C GLY B 165 -11.05 25.07 -9.74
N ASP B 166 -10.56 24.54 -8.62
CA ASP B 166 -10.23 25.38 -7.48
C ASP B 166 -9.00 26.23 -7.75
N LEU B 167 -8.04 25.68 -8.47
CA LEU B 167 -6.87 26.45 -8.85
C LEU B 167 -7.33 27.67 -9.63
N LYS B 168 -8.22 27.43 -10.60
CA LYS B 168 -8.71 28.50 -11.46
C LYS B 168 -9.44 29.61 -10.70
N ALA B 169 -10.28 29.20 -9.74
CA ALA B 169 -11.02 30.15 -8.91
C ALA B 169 -10.08 30.93 -8.00
N MET B 170 -9.06 30.27 -7.44
CA MET B 170 -8.15 30.94 -6.52
C MET B 170 -7.27 31.98 -7.23
N LEU B 171 -6.82 31.65 -8.44
CA LEU B 171 -6.00 32.58 -9.24
C LEU B 171 -6.64 33.95 -9.32
N VAL B 172 -7.95 33.98 -9.57
CA VAL B 172 -8.68 35.23 -9.64
C VAL B 172 -8.50 36.00 -8.33
N ASP B 173 -8.87 35.38 -7.21
CA ASP B 173 -8.80 36.06 -5.93
C ASP B 173 -7.40 36.52 -5.56
N VAL B 174 -6.39 35.73 -5.87
CA VAL B 174 -5.01 36.10 -5.58
C VAL B 174 -4.58 37.31 -6.44
N ALA B 175 -4.93 37.27 -7.73
CA ALA B 175 -4.59 38.36 -8.68
C ALA B 175 -5.26 39.68 -8.29
N LYS B 176 -6.54 39.62 -7.93
CA LYS B 176 -7.28 40.81 -7.48
C LYS B 176 -6.64 41.50 -6.28
N ARG B 177 -5.98 40.72 -5.43
CA ARG B 177 -5.34 41.24 -4.22
C ARG B 177 -3.86 41.63 -4.41
N GLY B 178 -3.38 41.56 -5.66
CA GLY B 178 -2.01 41.94 -5.99
C GLY B 178 -1.07 40.76 -6.13
N GLY B 179 -1.60 39.56 -5.98
CA GLY B 179 -0.79 38.37 -6.11
C GLY B 179 -0.26 38.27 -7.52
N SER B 180 0.98 37.79 -7.64
CA SER B 180 1.62 37.62 -8.93
C SER B 180 1.67 36.17 -9.39
N PHE B 181 1.45 35.21 -8.47
CA PHE B 181 1.45 33.79 -8.85
C PHE B 181 0.77 32.89 -7.83
N ILE B 182 0.41 31.68 -8.29
CA ILE B 182 0.13 30.57 -7.38
C ILE B 182 1.12 29.46 -7.67
N GLY B 183 1.88 29.07 -6.65
CA GLY B 183 2.84 28.00 -6.76
C GLY B 183 2.24 26.72 -6.25
N LEU B 184 2.62 25.60 -6.84
CA LEU B 184 2.01 24.31 -6.54
C LEU B 184 3.01 23.26 -6.11
N ASN B 185 2.51 22.28 -5.37
CA ASN B 185 3.21 21.02 -5.19
C ASN B 185 3.38 20.36 -6.54
N PRO B 186 4.32 19.42 -6.65
CA PRO B 186 4.39 18.69 -7.91
C PRO B 186 3.07 17.99 -8.23
N ILE B 187 2.62 18.17 -9.46
CA ILE B 187 1.40 17.56 -9.96
C ILE B 187 1.70 16.44 -10.98
N HIS B 188 2.84 15.79 -10.79
CA HIS B 188 3.24 14.64 -11.58
C HIS B 188 2.24 13.48 -11.45
N ALA B 189 2.12 12.70 -12.52
CA ALA B 189 1.23 11.55 -12.53
C ALA B 189 1.60 10.56 -11.45
N LEU B 190 0.61 10.18 -10.65
CA LEU B 190 0.79 9.13 -9.64
C LEU B 190 0.12 7.83 -10.08
N TYR B 191 -0.66 7.19 -9.22
CA TYR B 191 -1.19 5.86 -9.50
C TYR B 191 -2.68 5.81 -9.19
N PRO B 192 -3.53 6.09 -10.20
CA PRO B 192 -4.98 6.01 -10.04
C PRO B 192 -5.49 4.65 -9.54
N ALA B 193 -4.78 3.58 -9.88
CA ALA B 193 -5.14 2.24 -9.46
C ALA B 193 -4.63 1.91 -8.06
N ASN B 194 -3.77 2.77 -7.52
CA ASN B 194 -3.26 2.67 -6.14
C ASN B 194 -3.23 4.07 -5.58
N PRO B 195 -4.42 4.68 -5.42
CA PRO B 195 -4.47 6.09 -5.08
C PRO B 195 -3.91 6.42 -3.72
N GLU B 196 -3.91 5.48 -2.78
CA GLU B 196 -3.43 5.76 -1.42
C GLU B 196 -1.92 5.99 -1.35
N SER B 197 -1.21 5.63 -2.40
CA SER B 197 0.17 6.06 -2.55
C SER B 197 0.14 7.46 -3.14
N ALA B 198 0.00 8.44 -2.27
CA ALA B 198 -0.42 9.79 -2.66
C ALA B 198 0.70 10.82 -2.68
N SER B 199 1.93 10.37 -2.46
CA SER B 199 3.08 11.26 -2.37
C SER B 199 3.47 11.84 -3.75
N PRO B 200 3.52 13.18 -3.86
CA PRO B 200 4.01 13.79 -5.11
C PRO B 200 5.50 13.55 -5.41
N TYR B 201 6.26 13.12 -4.41
CA TYR B 201 7.70 12.94 -4.56
C TYR B 201 8.12 11.48 -4.84
N SER B 202 7.16 10.60 -5.13
CA SER B 202 7.47 9.28 -5.71
C SER B 202 6.64 8.98 -6.97
N PRO B 203 6.59 9.94 -7.91
CA PRO B 203 5.67 9.92 -9.05
C PRO B 203 5.95 8.81 -10.07
N SER B 204 4.89 8.36 -10.73
CA SER B 204 5.00 7.37 -11.81
C SER B 204 5.85 7.93 -12.96
N SER B 205 5.64 9.23 -13.24
CA SER B 205 6.31 9.94 -14.30
C SER B 205 6.33 11.44 -13.98
N ARG B 206 7.39 12.14 -14.38
CA ARG B 206 7.50 13.59 -14.20
C ARG B 206 7.17 14.36 -15.49
N ARG B 207 6.58 13.65 -16.44
CA ARG B 207 6.23 14.20 -17.74
C ARG B 207 4.73 14.37 -17.91
N TRP B 208 3.96 13.55 -17.21
CA TRP B 208 2.50 13.56 -17.34
C TRP B 208 1.88 14.02 -16.04
N LEU B 209 0.55 14.10 -16.01
CA LEU B 209 -0.15 14.77 -14.92
C LEU B 209 -0.97 13.84 -14.04
N ASN B 210 -1.11 14.23 -12.78
CA ASN B 210 -1.96 13.51 -11.85
C ASN B 210 -3.42 13.79 -12.19
N VAL B 211 -4.12 12.76 -12.67
CA VAL B 211 -5.48 12.91 -13.14
C VAL B 211 -6.52 13.13 -12.04
N ILE B 212 -6.17 12.88 -10.78
CA ILE B 212 -7.09 13.17 -9.69
C ILE B 212 -7.43 14.67 -9.59
N TYR B 213 -6.55 15.56 -10.09
CA TYR B 213 -6.84 17.00 -10.06
C TYR B 213 -7.81 17.45 -11.16
N ILE B 214 -8.30 16.53 -11.98
CA ILE B 214 -9.27 16.86 -13.00
C ILE B 214 -10.58 17.28 -12.36
N ASP B 215 -11.08 18.44 -12.76
CA ASP B 215 -12.37 18.94 -12.31
C ASP B 215 -13.43 18.35 -13.21
N VAL B 216 -14.18 17.39 -12.68
CA VAL B 216 -15.21 16.69 -13.46
C VAL B 216 -16.40 17.63 -13.76
N ASN B 217 -16.59 18.67 -12.96
CA ASN B 217 -17.64 19.65 -13.22
C ASN B 217 -17.52 20.29 -14.60
N ALA B 218 -16.29 20.56 -15.02
CA ALA B 218 -16.01 21.27 -16.28
C ALA B 218 -15.79 20.34 -17.48
N VAL B 219 -16.14 19.08 -17.34
CA VAL B 219 -16.10 18.15 -18.46
C VAL B 219 -17.50 18.06 -19.04
N GLU B 220 -17.65 18.42 -20.30
CA GLU B 220 -18.96 18.59 -20.90
C GLU B 220 -19.74 17.28 -20.99
N ASP B 221 -19.06 16.21 -21.41
CA ASP B 221 -19.68 14.92 -21.67
C ASP B 221 -20.20 14.22 -20.43
N PHE B 222 -19.72 14.64 -19.25
CA PHE B 222 -20.26 14.17 -17.97
C PHE B 222 -21.67 14.74 -17.74
N HIS B 223 -21.84 16.03 -18.01
CA HIS B 223 -23.15 16.66 -17.82
C HIS B 223 -24.17 16.05 -18.77
N LEU B 224 -23.71 15.68 -19.96
CA LEU B 224 -24.58 15.17 -21.03
C LEU B 224 -24.85 13.66 -21.01
N SER B 225 -24.09 12.88 -20.23
CA SER B 225 -24.31 11.44 -20.10
C SER B 225 -25.52 11.15 -19.24
N GLU B 226 -26.50 10.45 -19.80
CA GLU B 226 -27.71 10.11 -19.06
C GLU B 226 -27.44 9.08 -17.96
N GLU B 227 -26.50 8.18 -18.21
CA GLU B 227 -26.03 7.22 -17.20
C GLU B 227 -25.46 7.98 -16.00
N ALA B 228 -24.70 9.04 -16.30
CA ALA B 228 -24.02 9.81 -15.27
C ALA B 228 -24.95 10.66 -14.43
N GLN B 229 -25.98 11.24 -15.04
CA GLN B 229 -26.88 12.10 -14.29
C GLN B 229 -27.81 11.24 -13.40
N ALA B 230 -28.05 10.00 -13.79
CA ALA B 230 -28.76 9.05 -12.94
C ALA B 230 -27.89 8.62 -11.76
N TRP B 231 -26.60 8.45 -12.02
CA TRP B 231 -25.60 8.11 -10.99
C TRP B 231 -25.37 9.25 -10.00
N TRP B 232 -25.41 10.46 -10.51
CA TRP B 232 -25.28 11.66 -9.70
C TRP B 232 -26.44 11.79 -8.71
N GLN B 233 -27.64 11.42 -9.17
CA GLN B 233 -28.87 11.51 -8.37
C GLN B 233 -28.96 10.44 -7.26
N LEU B 234 -28.20 9.36 -7.36
CA LEU B 234 -28.26 8.28 -6.37
C LEU B 234 -27.91 8.84 -5.01
N PRO B 235 -28.73 8.53 -4.00
CA PRO B 235 -28.43 9.00 -2.64
C PRO B 235 -27.07 8.54 -2.16
N THR B 236 -26.70 7.30 -2.47
CA THR B 236 -25.40 6.78 -2.10
C THR B 236 -24.26 7.54 -2.75
N THR B 237 -24.51 8.19 -3.87
CA THR B 237 -23.50 9.02 -4.52
C THR B 237 -23.37 10.36 -3.80
N GLN B 238 -24.51 11.01 -3.56
CA GLN B 238 -24.50 12.30 -2.86
C GLN B 238 -24.02 12.16 -1.42
N GLN B 239 -24.28 11.01 -0.81
CA GLN B 239 -23.84 10.77 0.54
C GLN B 239 -22.33 10.52 0.59
N THR B 240 -21.83 9.65 -0.30
CA THR B 240 -20.39 9.39 -0.43
C THR B 240 -19.67 10.71 -0.67
N LEU B 241 -20.23 11.55 -1.53
CA LEU B 241 -19.64 12.83 -1.92
C LEU B 241 -19.60 13.83 -0.77
N GLN B 242 -20.74 14.00 -0.10
CA GLN B 242 -20.82 14.88 1.07
C GLN B 242 -19.73 14.49 2.06
N GLN B 243 -19.60 13.19 2.30
CA GLN B 243 -18.67 12.68 3.30
C GLN B 243 -17.21 12.85 2.92
N ALA B 244 -16.88 12.56 1.67
CA ALA B 244 -15.53 12.84 1.17
C ALA B 244 -15.22 14.34 1.33
N ARG B 245 -16.17 15.18 0.99
CA ARG B 245 -16.00 16.64 1.06
C ARG B 245 -15.90 17.17 2.49
N ASP B 246 -16.75 16.66 3.39
CA ASP B 246 -16.79 17.18 4.75
C ASP B 246 -15.61 16.72 5.58
N ALA B 247 -15.00 15.61 5.20
CA ALA B 247 -13.87 15.05 5.94
C ALA B 247 -12.72 16.03 5.99
N ASP B 248 -11.97 16.00 7.09
CA ASP B 248 -10.83 16.91 7.29
C ASP B 248 -9.56 16.38 6.64
N TRP B 249 -9.62 15.16 6.13
CA TRP B 249 -8.51 14.50 5.44
C TRP B 249 -8.99 13.96 4.11
N VAL B 250 -8.22 14.25 3.07
CA VAL B 250 -8.49 13.74 1.73
C VAL B 250 -8.59 12.23 1.76
N ASP B 251 -9.71 11.74 1.23
CA ASP B 251 -9.95 10.32 1.04
C ASP B 251 -9.61 10.01 -0.42
N TYR B 252 -8.31 9.82 -0.68
CA TYR B 252 -7.82 9.58 -2.02
C TYR B 252 -8.54 8.44 -2.73
N SER B 253 -8.82 7.37 -1.98
CA SER B 253 -9.49 6.18 -2.52
C SER B 253 -10.87 6.52 -3.03
N THR B 254 -11.63 7.21 -2.21
CA THR B 254 -13.04 7.47 -2.49
C THR B 254 -13.21 8.52 -3.59
N VAL B 255 -12.39 9.57 -3.53
CA VAL B 255 -12.41 10.59 -4.57
C VAL B 255 -12.07 9.93 -5.90
N THR B 256 -10.99 9.16 -5.92
CA THR B 256 -10.56 8.51 -7.14
C THR B 256 -11.65 7.57 -7.66
N ALA B 257 -12.25 6.79 -6.78
CA ALA B 257 -13.37 5.91 -7.14
C ALA B 257 -14.55 6.66 -7.78
N LEU B 258 -14.82 7.85 -7.26
CA LEU B 258 -15.92 8.68 -7.77
C LEU B 258 -15.58 9.28 -9.12
N LYS B 259 -14.39 9.87 -9.24
CA LYS B 259 -13.99 10.53 -10.47
C LYS B 259 -13.86 9.52 -11.61
N MET B 260 -13.10 8.44 -11.38
CA MET B 260 -12.93 7.40 -12.39
C MET B 260 -14.28 6.89 -12.84
N THR B 261 -15.21 6.74 -11.91
CA THR B 261 -16.52 6.20 -12.24
C THR B 261 -17.31 7.15 -13.16
N ALA B 262 -17.29 8.44 -12.81
CA ALA B 262 -17.95 9.48 -13.62
C ALA B 262 -17.26 9.72 -14.98
N LEU B 263 -15.95 9.83 -14.96
CA LEU B 263 -15.19 10.06 -16.19
C LEU B 263 -15.31 8.89 -17.17
N ARG B 264 -15.37 7.69 -16.61
CA ARG B 264 -15.52 6.44 -17.38
C ARG B 264 -16.87 6.43 -18.13
N MET B 265 -17.90 6.99 -17.50
CA MET B 265 -19.21 7.17 -18.15
C MET B 265 -19.13 8.32 -19.15
N ALA B 266 -18.45 9.40 -18.79
CA ALA B 266 -18.28 10.53 -19.70
C ALA B 266 -17.57 10.13 -21.00
N TRP B 267 -16.51 9.33 -20.86
CA TRP B 267 -15.74 8.82 -21.99
C TRP B 267 -16.64 8.13 -23.03
N LYS B 268 -17.66 7.42 -22.58
CA LYS B 268 -18.56 6.71 -23.49
C LYS B 268 -19.30 7.70 -24.40
N GLY B 269 -19.62 8.87 -23.86
CA GLY B 269 -20.14 9.96 -24.67
C GLY B 269 -19.08 10.50 -25.61
N PHE B 270 -17.90 10.81 -25.07
CA PHE B 270 -16.84 11.44 -25.84
C PHE B 270 -16.35 10.55 -26.98
N ALA B 271 -16.25 9.26 -26.71
CA ALA B 271 -15.67 8.33 -27.69
C ALA B 271 -16.39 8.39 -29.04
N GLN B 272 -17.68 8.70 -29.01
CA GLN B 272 -18.49 8.70 -30.23
C GLN B 272 -18.57 10.06 -30.95
N ARG B 273 -17.89 11.07 -30.41
CA ARG B 273 -17.82 12.39 -31.05
C ARG B 273 -17.06 12.32 -32.37
N ASP B 274 -17.50 13.14 -33.33
CA ASP B 274 -16.84 13.27 -34.63
C ASP B 274 -16.69 14.78 -34.94
N ASP B 275 -16.03 15.50 -34.05
CA ASP B 275 -16.00 16.96 -34.09
C ASP B 275 -14.59 17.53 -33.78
N GLU B 276 -14.52 18.81 -33.42
CA GLU B 276 -13.25 19.49 -33.12
C GLU B 276 -12.59 18.89 -31.89
N GLN B 277 -13.39 18.70 -30.84
CA GLN B 277 -12.91 18.06 -29.63
C GLN B 277 -12.10 16.81 -29.99
N MET B 278 -12.74 15.87 -30.67
CA MET B 278 -12.15 14.56 -30.94
C MET B 278 -10.81 14.67 -31.71
N ALA B 279 -10.77 15.59 -32.69
CA ALA B 279 -9.54 15.82 -33.46
C ALA B 279 -8.45 16.50 -32.62
N ALA B 280 -8.85 17.46 -31.79
CA ALA B 280 -7.93 18.15 -30.87
C ALA B 280 -7.30 17.15 -29.92
N PHE B 281 -8.11 16.18 -29.48
CA PHE B 281 -7.64 15.11 -28.62
C PHE B 281 -6.71 14.16 -29.37
N ARG B 282 -7.14 13.71 -30.55
CA ARG B 282 -6.31 12.77 -31.32
C ARG B 282 -5.00 13.43 -31.77
N GLN B 283 -5.02 14.74 -32.00
CA GLN B 283 -3.81 15.47 -32.40
C GLN B 283 -2.85 15.64 -31.22
N PHE B 284 -3.41 15.93 -30.05
CA PHE B 284 -2.64 15.95 -28.82
C PHE B 284 -1.87 14.66 -28.64
N VAL B 285 -2.54 13.53 -28.89
CA VAL B 285 -1.93 12.20 -28.72
C VAL B 285 -0.80 12.01 -29.73
N ALA B 286 -1.09 12.32 -30.99
CA ALA B 286 -0.12 12.25 -32.08
C ALA B 286 1.14 13.06 -31.75
N GLU B 287 0.96 14.28 -31.26
CA GLU B 287 2.08 15.14 -30.90
C GLU B 287 2.87 14.67 -29.67
N GLN B 288 2.20 14.20 -28.63
CA GLN B 288 2.91 13.72 -27.44
C GLN B 288 3.69 12.43 -27.70
N GLY B 289 3.19 11.59 -28.60
CA GLY B 289 3.90 10.39 -29.04
C GLY B 289 3.92 9.25 -28.04
N ASP B 290 5.00 8.48 -28.09
CA ASP B 290 5.12 7.18 -27.42
C ASP B 290 5.17 7.29 -25.92
N SER B 291 5.90 8.29 -25.41
CA SER B 291 5.98 8.49 -23.96
C SER B 291 4.57 8.59 -23.35
N LEU B 292 3.68 9.33 -24.01
CA LEU B 292 2.30 9.44 -23.57
C LEU B 292 1.57 8.11 -23.65
N PHE B 293 1.70 7.44 -24.78
CA PHE B 293 1.03 6.15 -24.95
C PHE B 293 1.36 5.21 -23.78
N TRP B 294 2.63 5.09 -23.45
CA TRP B 294 3.06 4.14 -22.42
C TRP B 294 2.57 4.53 -21.04
N GLN B 295 2.31 5.83 -20.81
CA GLN B 295 1.66 6.28 -19.58
C GLN B 295 0.24 5.73 -19.51
N ALA B 296 -0.50 5.82 -20.62
CA ALA B 296 -1.87 5.30 -20.68
C ALA B 296 -1.87 3.77 -20.56
N ALA B 297 -0.94 3.14 -21.27
CA ALA B 297 -0.79 1.68 -21.24
C ALA B 297 -0.47 1.18 -19.83
N PHE B 298 0.31 1.96 -19.10
CA PHE B 298 0.72 1.60 -17.75
C PHE B 298 -0.47 1.60 -16.81
N ASP B 299 -1.21 2.71 -16.80
CA ASP B 299 -2.35 2.87 -15.92
C ASP B 299 -3.44 1.86 -16.25
N ALA B 300 -3.63 1.58 -17.54
CA ALA B 300 -4.63 0.60 -17.98
C ALA B 300 -4.29 -0.82 -17.49
N LEU B 301 -3.02 -1.17 -17.59
CA LEU B 301 -2.55 -2.47 -17.12
C LEU B 301 -2.61 -2.57 -15.59
N HIS B 302 -2.23 -1.48 -14.94
CA HIS B 302 -2.21 -1.43 -13.49
C HIS B 302 -3.64 -1.59 -12.94
N ALA B 303 -4.61 -0.94 -13.56
CA ALA B 303 -6.02 -1.10 -13.18
C ALA B 303 -6.42 -2.57 -13.17
N GLN B 304 -5.89 -3.35 -14.11
CA GLN B 304 -6.12 -4.80 -14.16
C GLN B 304 -5.35 -5.57 -13.09
N GLN B 305 -4.09 -5.21 -12.93
CA GLN B 305 -3.22 -5.92 -12.00
C GLN B 305 -3.70 -5.88 -10.56
N VAL B 306 -4.26 -4.75 -10.12
CA VAL B 306 -4.76 -4.61 -8.73
C VAL B 306 -6.05 -5.42 -8.50
N LYS B 307 -6.87 -5.57 -9.54
CA LYS B 307 -8.05 -6.44 -9.46
C LYS B 307 -7.66 -7.86 -9.10
N GLU B 308 -6.66 -8.39 -9.79
CA GLU B 308 -6.20 -9.75 -9.55
C GLU B 308 -5.38 -9.91 -8.26
N ASP B 309 -4.71 -8.84 -7.83
CA ASP B 309 -4.03 -8.83 -6.54
C ASP B 309 -3.70 -7.38 -6.18
N GLU B 310 -4.36 -6.86 -5.15
CA GLU B 310 -4.25 -5.44 -4.79
C GLU B 310 -2.86 -5.00 -4.32
N MET B 311 -2.02 -5.95 -3.92
CA MET B 311 -0.65 -5.65 -3.47
C MET B 311 0.35 -5.48 -4.63
N ARG B 312 -0.16 -5.34 -5.86
CA ARG B 312 0.68 -5.04 -7.02
C ARG B 312 0.90 -3.54 -7.18
N TRP B 313 1.70 -2.99 -6.25
CA TRP B 313 2.08 -1.57 -6.18
C TRP B 313 2.59 -0.96 -7.49
N GLY B 314 3.40 -1.72 -8.22
CA GLY B 314 4.04 -1.27 -9.46
C GLY B 314 4.59 -2.45 -10.25
N TRP B 315 5.29 -2.18 -11.35
CA TRP B 315 5.63 -3.25 -12.30
C TRP B 315 6.55 -4.35 -11.80
N PRO B 316 7.47 -4.04 -10.85
CA PRO B 316 8.32 -5.12 -10.34
C PRO B 316 7.59 -6.18 -9.52
N ALA B 317 6.36 -5.85 -9.08
CA ALA B 317 5.46 -6.81 -8.43
C ALA B 317 4.50 -7.48 -9.41
N TRP B 318 4.49 -7.06 -10.67
CA TRP B 318 3.64 -7.71 -11.67
C TRP B 318 4.33 -8.96 -12.14
N PRO B 319 3.56 -9.91 -12.70
CA PRO B 319 4.17 -11.09 -13.34
C PRO B 319 5.24 -10.68 -14.34
N GLU B 320 6.31 -11.47 -14.41
CA GLU B 320 7.47 -11.04 -15.21
C GLU B 320 7.13 -10.85 -16.68
N MET B 321 6.06 -11.49 -17.14
CA MET B 321 5.60 -11.32 -18.52
C MET B 321 5.04 -9.92 -18.85
N TYR B 322 4.73 -9.11 -17.84
CA TYR B 322 4.28 -7.72 -18.04
C TYR B 322 5.30 -6.70 -17.60
N GLN B 323 6.49 -7.15 -17.19
CA GLN B 323 7.58 -6.26 -16.80
C GLN B 323 8.38 -5.80 -18.01
N ASN B 324 8.07 -6.36 -19.17
CA ASN B 324 8.72 -5.99 -20.41
C ASN B 324 7.68 -5.45 -21.39
N VAL B 325 7.88 -4.21 -21.84
CA VAL B 325 6.90 -3.52 -22.67
C VAL B 325 6.75 -4.08 -24.08
N ASP B 326 7.77 -4.79 -24.56
CA ASP B 326 7.72 -5.37 -25.89
C ASP B 326 7.24 -6.82 -25.89
N SER B 327 6.68 -7.30 -24.77
CA SER B 327 6.31 -8.71 -24.66
C SER B 327 5.07 -9.06 -25.49
N PRO B 328 4.97 -10.31 -25.98
CA PRO B 328 3.73 -10.76 -26.59
C PRO B 328 2.49 -10.40 -25.76
N GLU B 329 2.59 -10.61 -24.45
CA GLU B 329 1.49 -10.40 -23.54
C GLU B 329 1.12 -8.92 -23.39
N VAL B 330 2.11 -8.04 -23.29
CA VAL B 330 1.85 -6.60 -23.24
C VAL B 330 1.30 -6.09 -24.58
N ARG B 331 1.71 -6.71 -25.67
CA ARG B 331 1.21 -6.37 -27.00
C ARG B 331 -0.25 -6.82 -27.14
N GLN B 332 -0.50 -8.06 -26.75
CA GLN B 332 -1.86 -8.63 -26.66
C GLN B 332 -2.81 -7.71 -25.92
N PHE B 333 -2.38 -7.24 -24.75
CA PHE B 333 -3.19 -6.39 -23.91
C PHE B 333 -3.53 -5.05 -24.55
N CYS B 334 -2.54 -4.41 -25.14
CA CYS B 334 -2.74 -3.10 -25.78
C CYS B 334 -3.78 -3.11 -26.90
N GLU B 335 -3.94 -4.24 -27.60
CA GLU B 335 -4.98 -4.37 -28.64
C GLU B 335 -6.31 -4.82 -28.07
N GLU B 336 -6.27 -5.84 -27.23
CA GLU B 336 -7.48 -6.31 -26.53
C GLU B 336 -8.14 -5.21 -25.69
N HIS B 337 -7.33 -4.39 -25.03
CA HIS B 337 -7.83 -3.36 -24.14
C HIS B 337 -7.50 -1.98 -24.71
N ARG B 338 -7.60 -1.84 -26.02
CA ARG B 338 -7.36 -0.56 -26.65
C ARG B 338 -8.18 0.55 -26.00
N ASP B 339 -9.49 0.35 -25.88
CA ASP B 339 -10.38 1.37 -25.30
C ASP B 339 -9.91 1.83 -23.91
N ASP B 340 -9.45 0.88 -23.08
CA ASP B 340 -8.90 1.21 -21.76
C ASP B 340 -7.70 2.15 -21.90
N VAL B 341 -6.82 1.88 -22.87
CA VAL B 341 -5.69 2.77 -23.09
C VAL B 341 -6.22 4.13 -23.53
N ASP B 342 -7.10 4.14 -24.53
CA ASP B 342 -7.70 5.38 -25.02
C ASP B 342 -8.29 6.20 -23.87
N PHE B 343 -8.93 5.53 -22.92
CA PHE B 343 -9.49 6.21 -21.77
C PHE B 343 -8.43 6.99 -20.99
N TYR B 344 -7.32 6.34 -20.68
CA TYR B 344 -6.27 6.98 -19.90
C TYR B 344 -5.51 8.02 -20.71
N LEU B 345 -5.53 7.90 -22.04
CA LEU B 345 -5.07 8.99 -22.90
C LEU B 345 -5.98 10.21 -22.74
N TRP B 346 -7.29 9.96 -22.74
CA TRP B 346 -8.26 11.03 -22.57
C TRP B 346 -8.05 11.81 -21.26
N LEU B 347 -7.76 11.09 -20.17
CA LEU B 347 -7.59 11.75 -18.88
C LEU B 347 -6.41 12.70 -18.87
N GLN B 348 -5.31 12.29 -19.49
CA GLN B 348 -4.16 13.15 -19.61
C GLN B 348 -4.46 14.38 -20.47
N TRP B 349 -5.31 14.20 -21.48
CA TRP B 349 -5.74 15.34 -22.27
C TRP B 349 -6.58 16.31 -21.45
N LEU B 350 -7.47 15.77 -20.63
CA LEU B 350 -8.31 16.61 -19.80
C LEU B 350 -7.49 17.36 -18.77
N ALA B 351 -6.62 16.66 -18.06
CA ALA B 351 -5.74 17.28 -17.06
C ALA B 351 -4.91 18.39 -17.70
N TYR B 352 -4.31 18.07 -18.86
CA TYR B 352 -3.53 19.05 -19.63
C TYR B 352 -4.36 20.24 -20.14
N SER B 353 -5.54 19.97 -20.69
CA SER B 353 -6.43 21.02 -21.19
C SER B 353 -6.83 21.95 -20.05
N GLN B 354 -7.17 21.37 -18.90
CA GLN B 354 -7.69 22.14 -17.77
C GLN B 354 -6.59 22.99 -17.16
N PHE B 355 -5.39 22.42 -17.08
CA PHE B 355 -4.23 23.17 -16.62
C PHE B 355 -3.96 24.35 -17.54
N ALA B 356 -3.99 24.11 -18.85
CA ALA B 356 -3.84 25.18 -19.85
C ALA B 356 -4.90 26.27 -19.69
N ALA B 357 -6.12 25.88 -19.31
CA ALA B 357 -7.20 26.84 -19.08
C ALA B 357 -6.90 27.72 -17.90
N CYS B 358 -6.27 27.14 -16.87
CA CYS B 358 -5.84 27.88 -15.69
C CYS B 358 -4.76 28.89 -16.03
N TRP B 359 -3.80 28.45 -16.84
CA TRP B 359 -2.70 29.30 -17.29
C TRP B 359 -3.19 30.48 -18.12
N GLU B 360 -4.24 30.24 -18.92
CA GLU B 360 -4.87 31.31 -19.70
C GLU B 360 -5.49 32.38 -18.79
N ILE B 361 -6.18 31.95 -17.73
CA ILE B 361 -6.76 32.90 -16.79
C ILE B 361 -5.67 33.76 -16.18
N SER B 362 -4.55 33.15 -15.80
CA SER B 362 -3.47 33.87 -15.15
C SER B 362 -2.92 34.99 -16.01
N GLN B 363 -2.84 34.77 -17.31
CA GLN B 363 -2.39 35.80 -18.25
C GLN B 363 -3.53 36.76 -18.60
N GLY B 364 -4.77 36.34 -18.38
CA GLY B 364 -5.92 37.22 -18.43
C GLY B 364 -5.83 38.35 -17.42
N TYR B 365 -5.40 38.03 -16.20
CA TYR B 365 -5.19 39.05 -15.17
C TYR B 365 -3.75 39.59 -15.19
N GLU B 366 -3.08 39.44 -16.32
CA GLU B 366 -1.72 39.93 -16.52
C GLU B 366 -0.79 39.65 -15.34
N MET B 367 -0.93 38.43 -14.78
CA MET B 367 -0.09 38.01 -13.66
C MET B 367 1.32 37.74 -14.17
N PRO B 368 2.32 38.51 -13.68
CA PRO B 368 3.70 38.44 -14.15
C PRO B 368 4.33 37.05 -14.19
N ILE B 369 3.96 36.18 -13.25
CA ILE B 369 4.43 34.80 -13.21
C ILE B 369 3.29 33.83 -13.46
N GLY B 370 2.18 34.01 -12.75
CA GLY B 370 0.95 33.24 -13.01
C GLY B 370 0.92 31.91 -12.29
N LEU B 371 1.39 30.88 -12.97
CA LEU B 371 1.51 29.56 -12.37
C LEU B 371 2.99 29.21 -12.16
N TYR B 372 3.25 28.50 -11.08
CA TYR B 372 4.60 28.25 -10.63
C TYR B 372 4.66 26.78 -10.19
N ARG B 373 5.07 25.92 -11.13
CA ARG B 373 5.11 24.46 -10.92
C ARG B 373 6.35 24.00 -10.18
N ASP B 374 6.24 22.83 -9.54
CA ASP B 374 7.34 22.25 -8.80
C ASP B 374 7.74 20.95 -9.47
N LEU B 375 9.04 20.82 -9.78
CA LEU B 375 9.58 19.63 -10.44
C LEU B 375 10.32 18.75 -9.44
N ALA B 376 9.61 17.77 -8.90
CA ALA B 376 10.19 16.68 -8.10
C ALA B 376 11.52 16.15 -8.66
N VAL B 377 12.43 15.79 -7.76
CA VAL B 377 13.79 15.41 -8.13
C VAL B 377 13.88 14.08 -8.84
N GLY B 378 12.92 13.19 -8.68
CA GLY B 378 12.99 11.89 -9.34
C GLY B 378 11.69 11.13 -9.52
N VAL B 379 11.81 9.90 -10.00
CA VAL B 379 10.66 8.99 -10.17
C VAL B 379 10.86 7.70 -9.38
N ALA B 380 9.74 7.07 -9.04
CA ALA B 380 9.75 5.80 -8.33
C ALA B 380 10.29 4.68 -9.19
N GLU B 381 10.78 3.62 -8.53
CA GLU B 381 11.38 2.51 -9.25
C GLU B 381 10.33 1.69 -9.98
N GLY B 382 9.10 1.68 -9.48
CA GLY B 382 8.09 0.78 -10.02
C GLY B 382 7.05 1.44 -10.92
N GLY B 383 7.31 2.68 -11.34
CA GLY B 383 6.33 3.45 -12.12
C GLY B 383 6.45 3.28 -13.63
N ALA B 384 5.70 4.11 -14.36
CA ALA B 384 5.60 4.05 -15.82
C ALA B 384 6.88 4.48 -16.53
N GLU B 385 7.54 5.50 -15.97
CA GLU B 385 8.75 6.06 -16.58
C GLU B 385 9.86 5.00 -16.66
N THR B 386 10.07 4.28 -15.56
CA THR B 386 11.08 3.21 -15.52
C THR B 386 10.65 1.93 -16.29
N TRP B 387 9.34 1.77 -16.44
CA TRP B 387 8.75 0.63 -17.15
C TRP B 387 9.09 0.69 -18.64
N CYS B 388 8.80 1.82 -19.28
CA CYS B 388 9.02 1.96 -20.71
C CYS B 388 10.47 2.34 -21.09
N ASP B 389 11.20 3.01 -20.20
CA ASP B 389 12.58 3.40 -20.48
C ASP B 389 13.54 2.97 -19.37
N ARG B 390 13.86 1.69 -19.33
CA ARG B 390 14.68 1.14 -18.26
C ARG B 390 16.17 1.50 -18.39
N GLU B 391 16.69 1.54 -19.61
CA GLU B 391 18.08 1.90 -19.86
C GLU B 391 18.48 3.20 -19.13
N LEU B 392 17.55 4.12 -18.97
CA LEU B 392 17.84 5.47 -18.45
C LEU B 392 18.06 5.55 -16.94
N TYR B 393 17.58 4.55 -16.21
CA TYR B 393 17.64 4.59 -14.75
C TYR B 393 18.50 3.47 -14.21
N CYS B 394 19.27 3.77 -13.18
CA CYS B 394 20.10 2.76 -12.55
C CYS B 394 19.38 2.18 -11.35
N LEU B 395 18.67 1.07 -11.57
CA LEU B 395 17.83 0.47 -10.53
C LEU B 395 18.65 -0.23 -9.44
N LYS B 396 19.91 -0.49 -9.73
CA LYS B 396 20.82 -1.04 -8.76
C LYS B 396 21.40 0.03 -7.83
N ALA B 397 20.86 1.24 -7.87
CA ALA B 397 21.22 2.25 -6.88
C ALA B 397 20.03 3.12 -6.50
N SER B 398 20.17 3.81 -5.39
CA SER B 398 19.10 4.68 -4.93
C SER B 398 19.62 6.05 -4.54
N VAL B 399 18.81 7.06 -4.78
CA VAL B 399 19.21 8.43 -4.51
C VAL B 399 18.86 8.73 -3.06
N GLY B 400 19.77 9.41 -2.38
CA GLY B 400 19.50 9.86 -1.03
C GLY B 400 20.32 11.07 -0.66
N ALA B 401 20.88 11.02 0.55
CA ALA B 401 21.69 12.10 1.10
C ALA B 401 22.60 11.51 2.17
N PRO B 402 23.86 11.99 2.24
CA PRO B 402 24.84 11.35 3.11
C PRO B 402 24.70 11.74 4.58
N PRO B 403 25.45 11.06 5.47
CA PRO B 403 25.44 11.43 6.87
C PRO B 403 25.95 12.85 7.12
N ASP B 404 25.09 13.71 7.67
CA ASP B 404 25.46 15.05 8.13
C ASP B 404 25.30 15.13 9.67
N ILE B 405 25.67 16.27 10.26
CA ILE B 405 25.52 16.47 11.72
C ILE B 405 24.11 16.18 12.24
N LEU B 406 23.11 16.67 11.52
CA LEU B 406 21.72 16.59 11.96
C LEU B 406 21.20 15.14 11.93
N GLY B 407 21.36 14.48 10.78
CA GLY B 407 20.95 13.08 10.61
C GLY B 407 22.16 12.22 10.31
N PRO B 408 22.90 11.79 11.36
CA PRO B 408 24.14 11.01 11.13
C PRO B 408 23.96 9.63 10.47
N LEU B 409 22.73 9.15 10.33
CA LEU B 409 22.44 7.91 9.59
C LEU B 409 22.46 8.10 8.09
N GLY B 410 22.20 9.33 7.65
CA GLY B 410 21.97 9.62 6.23
C GLY B 410 20.51 9.38 5.88
N GLN B 411 20.16 9.59 4.62
CA GLN B 411 18.81 9.31 4.14
C GLN B 411 18.82 8.51 2.84
N ASN B 412 17.68 7.87 2.58
CA ASN B 412 17.40 7.20 1.33
C ASN B 412 16.05 7.68 0.84
N TRP B 413 16.04 8.27 -0.35
CA TRP B 413 14.80 8.78 -0.95
C TRP B 413 14.11 7.76 -1.84
N GLY B 414 14.72 6.59 -2.00
CA GLY B 414 14.11 5.48 -2.74
C GLY B 414 13.79 5.78 -4.19
N LEU B 415 14.68 6.48 -4.89
CA LEU B 415 14.50 6.79 -6.29
C LEU B 415 15.69 6.27 -7.08
N PRO B 416 15.45 5.54 -8.18
CA PRO B 416 16.59 5.22 -9.03
C PRO B 416 17.05 6.47 -9.78
N PRO B 417 18.36 6.76 -9.75
CA PRO B 417 18.90 7.93 -10.43
C PRO B 417 18.95 7.77 -11.94
N MET B 418 18.88 8.89 -12.67
CA MET B 418 19.17 8.91 -14.10
C MET B 418 20.63 8.66 -14.33
N ASP B 419 20.94 7.87 -15.36
CA ASP B 419 22.32 7.55 -15.66
C ASP B 419 22.91 8.72 -16.45
N PRO B 420 23.93 9.42 -15.89
CA PRO B 420 24.53 10.54 -16.63
C PRO B 420 25.10 10.15 -17.98
N HIS B 421 25.59 8.92 -18.08
CA HIS B 421 26.17 8.40 -19.32
C HIS B 421 25.13 8.21 -20.41
N ILE B 422 23.88 7.99 -20.03
CA ILE B 422 22.78 7.92 -20.99
C ILE B 422 22.25 9.30 -21.31
N ILE B 423 22.20 10.17 -20.31
CA ILE B 423 21.84 11.57 -20.54
C ILE B 423 22.73 12.12 -21.65
N THR B 424 24.05 12.06 -21.43
CA THR B 424 25.02 12.61 -22.38
C THR B 424 25.10 11.83 -23.68
N ALA B 425 24.92 10.52 -23.62
CA ALA B 425 24.91 9.70 -24.83
C ALA B 425 23.70 9.95 -25.72
N ARG B 426 22.60 10.42 -25.14
CA ARG B 426 21.39 10.79 -25.89
C ARG B 426 21.33 12.28 -26.16
N ALA B 427 22.47 12.94 -26.05
CA ALA B 427 22.57 14.37 -26.34
C ALA B 427 21.57 15.18 -25.55
N TYR B 428 21.42 14.81 -24.27
CA TYR B 428 20.57 15.51 -23.30
C TYR B 428 19.04 15.43 -23.56
N GLU B 429 18.61 14.55 -24.46
CA GLU B 429 17.19 14.40 -24.78
C GLU B 429 16.33 14.18 -23.51
N PRO B 430 16.73 13.26 -22.61
CA PRO B 430 15.92 13.08 -21.39
C PRO B 430 15.74 14.36 -20.56
N PHE B 431 16.81 15.15 -20.46
CA PHE B 431 16.76 16.38 -19.69
C PHE B 431 15.89 17.43 -20.40
N ILE B 432 16.04 17.53 -21.71
CA ILE B 432 15.27 18.49 -22.49
C ILE B 432 13.79 18.16 -22.47
N GLU B 433 13.45 16.90 -22.74
CA GLU B 433 12.05 16.48 -22.72
C GLU B 433 11.43 16.81 -21.37
N LEU B 434 12.21 16.61 -20.31
CA LEU B 434 11.74 16.86 -18.93
C LEU B 434 11.44 18.34 -18.69
N LEU B 435 12.38 19.21 -19.07
CA LEU B 435 12.16 20.66 -18.91
C LEU B 435 10.94 21.11 -19.73
N ARG B 436 10.81 20.61 -20.95
CA ARG B 436 9.66 20.94 -21.82
C ARG B 436 8.27 20.53 -21.28
N ALA B 437 8.22 19.41 -20.54
CA ALA B 437 6.96 18.94 -19.95
C ALA B 437 6.52 19.81 -18.75
N ASN B 438 7.50 20.30 -18.00
CA ASN B 438 7.26 21.02 -16.77
C ASN B 438 7.39 22.54 -16.90
N MET B 439 7.89 23.03 -18.03
CA MET B 439 8.04 24.49 -18.19
C MET B 439 6.84 25.11 -18.87
N GLN B 440 6.02 24.29 -19.53
CA GLN B 440 4.96 24.84 -20.37
C GLN B 440 3.72 25.20 -19.56
N ASN B 441 3.01 26.18 -20.09
CA ASN B 441 1.85 26.76 -19.42
C ASN B 441 2.10 27.18 -17.95
N CYS B 442 3.30 27.73 -17.70
CA CYS B 442 3.62 28.36 -16.41
C CYS B 442 4.75 29.36 -16.58
N GLY B 443 4.86 30.34 -15.69
CA GLY B 443 5.92 31.34 -15.74
C GLY B 443 7.07 31.11 -14.78
N ALA B 444 7.04 30.00 -14.05
CA ALA B 444 8.08 29.71 -13.08
C ALA B 444 8.17 28.22 -12.84
N LEU B 445 9.39 27.71 -12.76
CA LEU B 445 9.64 26.32 -12.36
C LEU B 445 10.57 26.25 -11.15
N ARG B 446 10.21 25.41 -10.19
CA ARG B 446 11.02 25.17 -9.01
C ARG B 446 11.74 23.87 -9.23
N ILE B 447 13.05 23.92 -9.45
CA ILE B 447 13.83 22.69 -9.51
C ILE B 447 14.05 22.22 -8.09
N ASP B 448 13.30 21.19 -7.73
CA ASP B 448 13.44 20.53 -6.46
C ASP B 448 14.83 19.95 -6.42
N HIS B 449 15.55 20.20 -5.34
CA HIS B 449 16.95 19.78 -5.17
C HIS B 449 17.82 20.10 -6.41
N VAL B 450 18.03 21.40 -6.63
CA VAL B 450 18.73 21.88 -7.81
C VAL B 450 20.18 21.40 -7.87
N MET B 451 20.76 21.12 -6.71
CA MET B 451 22.10 20.57 -6.64
C MET B 451 22.24 19.28 -7.48
N SER B 452 21.10 18.68 -7.80
CA SER B 452 21.05 17.48 -8.63
C SER B 452 21.84 17.63 -9.94
N MET B 453 21.92 18.86 -10.45
CA MET B 453 22.60 19.11 -11.72
C MET B 453 24.11 19.08 -11.62
N LEU B 454 24.65 19.26 -10.41
CA LEU B 454 26.05 18.96 -10.17
C LEU B 454 26.26 17.49 -9.84
N ARG B 455 25.49 16.99 -8.88
CA ARG B 455 25.68 15.64 -8.37
C ARG B 455 24.47 15.12 -7.61
N LEU B 456 24.43 13.81 -7.41
CA LEU B 456 23.47 13.17 -6.53
C LEU B 456 24.20 12.15 -5.65
N TRP B 457 23.75 11.99 -4.41
CA TRP B 457 24.28 10.94 -3.54
C TRP B 457 23.65 9.61 -3.93
N TRP B 458 24.47 8.70 -4.50
CA TRP B 458 24.00 7.39 -4.96
C TRP B 458 24.31 6.37 -3.89
N ILE B 459 23.30 5.53 -3.59
CA ILE B 459 23.40 4.46 -2.60
C ILE B 459 23.25 3.09 -3.28
N PRO B 460 24.25 2.19 -3.15
CA PRO B 460 24.08 0.88 -3.76
C PRO B 460 22.85 0.19 -3.22
N TYR B 461 22.01 -0.33 -4.11
CA TYR B 461 20.72 -0.92 -3.73
C TYR B 461 20.89 -1.98 -2.65
N GLY B 462 20.17 -1.80 -1.54
CA GLY B 462 20.23 -2.73 -0.41
C GLY B 462 21.26 -2.39 0.65
N GLU B 463 21.84 -1.20 0.56
CA GLU B 463 22.76 -0.73 1.59
C GLU B 463 22.13 0.48 2.25
N THR B 464 22.68 0.87 3.39
CA THR B 464 22.26 2.10 4.06
C THR B 464 23.07 3.24 3.46
N ALA B 465 22.57 4.46 3.64
CA ALA B 465 23.11 5.66 2.99
C ALA B 465 24.60 5.91 3.24
N ASP B 466 25.07 5.63 4.45
CA ASP B 466 26.50 5.73 4.77
C ASP B 466 27.41 4.99 3.78
N GLN B 467 26.87 4.03 3.05
CA GLN B 467 27.67 3.28 2.07
C GLN B 467 27.65 3.90 0.69
N GLY B 468 27.08 5.10 0.57
CA GLY B 468 26.90 5.74 -0.72
C GLY B 468 28.12 6.53 -1.18
N ALA B 469 27.90 7.38 -2.17
CA ALA B 469 28.94 8.20 -2.80
C ALA B 469 28.31 9.22 -3.73
N TYR B 470 29.02 10.31 -3.99
CA TYR B 470 28.51 11.32 -4.93
C TYR B 470 28.85 10.93 -6.36
N VAL B 471 27.83 10.89 -7.20
CA VAL B 471 28.01 10.70 -8.64
C VAL B 471 27.69 12.02 -9.36
N HIS B 472 28.62 12.44 -10.22
CA HIS B 472 28.58 13.77 -10.82
C HIS B 472 27.84 13.78 -12.15
N TYR B 473 27.16 14.89 -12.42
CA TYR B 473 26.51 15.14 -13.71
C TYR B 473 27.20 16.32 -14.40
N PRO B 474 27.06 16.43 -15.74
CA PRO B 474 27.69 17.55 -16.45
C PRO B 474 26.94 18.86 -16.19
N VAL B 475 27.31 19.51 -15.09
CA VAL B 475 26.63 20.70 -14.61
C VAL B 475 26.61 21.84 -15.62
N ASP B 476 27.75 22.13 -16.23
CA ASP B 476 27.85 23.28 -17.10
C ASP B 476 26.90 23.15 -18.26
N ASP B 477 26.89 21.97 -18.87
CA ASP B 477 25.97 21.71 -19.97
C ASP B 477 24.51 21.71 -19.51
N LEU B 478 24.24 21.15 -18.33
CA LEU B 478 22.87 21.12 -17.82
C LEU B 478 22.32 22.50 -17.49
N LEU B 479 23.17 23.38 -16.96
CA LEU B 479 22.76 24.75 -16.68
C LEU B 479 22.52 25.56 -17.95
N SER B 480 23.32 25.31 -18.98
CA SER B 480 23.13 26.00 -20.24
C SER B 480 21.81 25.61 -20.87
N ILE B 481 21.54 24.31 -20.93
CA ILE B 481 20.28 23.83 -21.50
C ILE B 481 19.11 24.34 -20.68
N LEU B 482 19.27 24.38 -19.36
CA LEU B 482 18.24 24.92 -18.47
C LEU B 482 17.90 26.34 -18.87
N ALA B 483 18.94 27.15 -19.06
CA ALA B 483 18.78 28.55 -19.42
C ALA B 483 18.10 28.69 -20.79
N LEU B 484 18.50 27.85 -21.72
CA LEU B 484 17.93 27.86 -23.06
C LEU B 484 16.44 27.60 -23.03
N GLU B 485 16.03 26.52 -22.35
CA GLU B 485 14.62 26.13 -22.32
C GLU B 485 13.80 27.10 -21.48
N SER B 486 14.40 27.64 -20.42
CA SER B 486 13.76 28.67 -19.61
C SER B 486 13.38 29.85 -20.48
N LYS B 487 14.34 30.28 -21.29
CA LYS B 487 14.18 31.45 -22.15
C LYS B 487 13.20 31.18 -23.29
N ARG B 488 13.29 30.01 -23.92
CA ARG B 488 12.34 29.61 -24.98
C ARG B 488 10.90 29.46 -24.46
N HIS B 489 10.75 29.08 -23.20
CA HIS B 489 9.43 28.96 -22.57
C HIS B 489 8.96 30.23 -21.86
N ARG B 490 9.86 31.21 -21.68
CA ARG B 490 9.57 32.40 -20.87
C ARG B 490 9.18 32.00 -19.45
N CYS B 491 9.89 31.00 -18.93
CA CYS B 491 9.61 30.43 -17.61
C CYS B 491 10.86 30.56 -16.76
N MET B 492 10.79 31.37 -15.72
CA MET B 492 11.94 31.57 -14.84
C MET B 492 12.12 30.36 -13.96
N VAL B 493 13.29 30.26 -13.35
CA VAL B 493 13.67 29.04 -12.63
C VAL B 493 14.10 29.38 -11.19
N ILE B 494 13.60 28.59 -10.25
CA ILE B 494 13.92 28.73 -8.84
C ILE B 494 14.53 27.43 -8.35
N GLY B 495 15.81 27.48 -7.99
CA GLY B 495 16.53 26.29 -7.55
C GLY B 495 16.52 26.13 -6.04
N GLU B 496 15.78 25.13 -5.56
CA GLU B 496 15.71 24.83 -4.14
C GLU B 496 17.09 24.39 -3.70
N ASP B 497 17.69 25.15 -2.79
CA ASP B 497 19.10 24.98 -2.42
C ASP B 497 19.31 25.12 -0.92
N LEU B 498 18.43 24.49 -0.15
CA LEU B 498 18.53 24.48 1.30
C LEU B 498 19.72 23.60 1.68
N GLY B 499 20.41 23.95 2.76
CA GLY B 499 21.56 23.16 3.18
C GLY B 499 22.82 23.51 2.41
N THR B 500 23.64 22.49 2.17
CA THR B 500 25.04 22.69 1.77
C THR B 500 25.21 22.84 0.27
N VAL B 501 25.86 23.93 -0.13
CA VAL B 501 26.16 24.22 -1.53
C VAL B 501 27.56 24.80 -1.62
N PRO B 502 28.49 24.11 -2.32
CA PRO B 502 29.84 24.69 -2.44
C PRO B 502 29.79 26.09 -3.05
N VAL B 503 30.66 26.98 -2.61
CA VAL B 503 30.62 28.39 -3.05
C VAL B 503 30.80 28.52 -4.57
N GLU B 504 31.55 27.61 -5.19
CA GLU B 504 31.71 27.63 -6.64
C GLU B 504 30.35 27.49 -7.37
N ILE B 505 29.46 26.70 -6.80
CA ILE B 505 28.15 26.42 -7.41
C ILE B 505 27.09 27.46 -7.07
N VAL B 506 27.22 28.13 -5.94
CA VAL B 506 26.34 29.27 -5.67
C VAL B 506 26.58 30.27 -6.79
N GLY B 507 27.85 30.43 -7.17
CA GLY B 507 28.23 31.32 -8.24
C GLY B 507 27.66 30.94 -9.59
N LYS B 508 27.75 29.67 -9.94
CA LYS B 508 27.24 29.19 -11.24
C LYS B 508 25.73 29.35 -11.33
N LEU B 509 25.04 28.96 -10.25
CA LEU B 509 23.59 29.07 -10.21
C LEU B 509 23.19 30.53 -10.34
N ARG B 510 23.90 31.42 -9.64
CA ARG B 510 23.54 32.83 -9.69
C ARG B 510 23.81 33.44 -11.06
N SER B 511 24.98 33.22 -11.63
CA SER B 511 25.26 33.80 -12.93
C SER B 511 24.39 33.18 -14.04
N SER B 512 23.87 31.97 -13.80
CA SER B 512 22.94 31.34 -14.74
C SER B 512 21.48 31.75 -14.56
N GLY B 513 21.22 32.74 -13.70
CA GLY B 513 19.87 33.31 -13.54
C GLY B 513 18.90 32.50 -12.69
N VAL B 514 19.45 31.58 -11.89
CA VAL B 514 18.64 30.70 -11.04
C VAL B 514 18.42 31.33 -9.67
N TYR B 515 17.15 31.42 -9.28
CA TYR B 515 16.79 32.04 -8.04
C TYR B 515 16.97 31.08 -6.89
N SER B 516 17.53 31.61 -5.81
CA SER B 516 17.74 30.86 -4.57
C SER B 516 16.42 30.68 -3.79
N TYR B 517 16.46 29.91 -2.71
CA TYR B 517 15.27 29.59 -1.94
C TYR B 517 15.54 29.72 -0.45
N LYS B 518 14.83 30.61 0.22
CA LYS B 518 15.15 30.97 1.60
C LYS B 518 13.98 30.81 2.56
N VAL B 519 14.16 29.95 3.56
CA VAL B 519 13.15 29.67 4.56
C VAL B 519 13.48 30.41 5.85
N LEU B 520 12.54 31.24 6.28
CA LEU B 520 12.69 32.10 7.44
C LEU B 520 13.26 31.34 8.62
N TYR B 521 12.72 30.16 8.90
CA TYR B 521 13.18 29.40 10.05
C TYR B 521 14.69 29.20 10.04
N PHE B 522 15.28 28.96 8.86
CA PHE B 522 16.70 28.61 8.76
C PHE B 522 17.64 29.81 8.62
N GLU B 523 17.11 31.01 8.41
CA GLU B 523 17.97 32.16 8.14
C GLU B 523 18.47 32.86 9.40
N ASN B 524 19.37 32.16 10.09
CA ASN B 524 19.95 32.65 11.33
C ASN B 524 21.26 31.94 11.62
N ASP B 525 22.13 32.62 12.36
CA ASP B 525 23.51 32.19 12.52
C ASP B 525 23.71 31.25 13.72
N HIS B 526 24.96 31.09 14.13
CA HIS B 526 25.35 30.26 15.28
C HIS B 526 24.41 30.43 16.46
N GLU B 527 24.29 31.66 16.94
CA GLU B 527 23.57 31.96 18.19
C GLU B 527 22.17 32.55 17.98
N LYS B 528 21.55 32.23 16.84
CA LYS B 528 20.14 32.54 16.56
C LYS B 528 19.80 34.00 16.24
N THR B 529 20.82 34.79 15.86
CA THR B 529 20.58 36.12 15.33
C THR B 529 20.01 35.95 13.93
N PHE B 530 18.78 36.41 13.71
CA PHE B 530 18.14 36.26 12.42
C PHE B 530 18.57 37.34 11.44
N ARG B 531 18.94 36.93 10.24
CA ARG B 531 19.36 37.85 9.20
C ARG B 531 18.28 38.90 8.93
N ALA B 532 18.72 40.14 8.72
CA ALA B 532 17.81 41.28 8.47
C ALA B 532 17.06 41.14 7.16
N PRO B 533 15.78 41.56 7.10
CA PRO B 533 15.04 41.49 5.84
C PRO B 533 15.81 42.03 4.63
N LYS B 534 16.44 43.19 4.76
CA LYS B 534 17.14 43.81 3.62
C LYS B 534 18.51 43.20 3.31
N ALA B 535 18.95 42.22 4.11
CA ALA B 535 20.15 41.43 3.80
C ALA B 535 19.83 40.11 3.09
N TYR B 536 18.56 39.86 2.77
CA TYR B 536 18.20 38.71 1.93
C TYR B 536 18.66 38.98 0.48
N PRO B 537 19.07 37.92 -0.25
CA PRO B 537 19.45 38.13 -1.65
C PRO B 537 18.32 38.56 -2.57
N GLU B 538 18.61 39.53 -3.41
CA GLU B 538 17.68 39.99 -4.45
C GLU B 538 17.16 38.81 -5.27
N GLN B 539 18.11 38.02 -5.77
CA GLN B 539 17.83 36.90 -6.66
C GLN B 539 17.45 35.65 -5.87
N SER B 540 16.27 35.69 -5.26
CA SER B 540 15.77 34.57 -4.44
C SER B 540 14.26 34.68 -4.18
N MET B 541 13.68 33.59 -3.65
CA MET B 541 12.31 33.60 -3.17
C MET B 541 12.34 33.32 -1.67
N ALA B 542 11.62 34.14 -0.90
CA ALA B 542 11.48 33.94 0.54
C ALA B 542 10.13 33.32 0.88
N VAL B 543 10.15 32.38 1.82
CA VAL B 543 8.93 31.78 2.36
C VAL B 543 9.06 31.62 3.87
N ALA B 544 7.93 31.46 4.54
CA ALA B 544 7.93 31.29 5.99
C ALA B 544 8.37 29.87 6.36
N ALA B 545 7.87 28.92 5.56
CA ALA B 545 7.99 27.50 5.85
C ALA B 545 7.70 26.71 4.56
N THR B 546 8.09 25.45 4.54
CA THR B 546 7.75 24.54 3.44
C THR B 546 6.77 23.50 3.95
N HIS B 547 6.24 22.72 3.04
CA HIS B 547 5.38 21.58 3.36
C HIS B 547 6.04 20.53 4.27
N ASP B 548 7.38 20.43 4.23
CA ASP B 548 8.11 19.48 5.10
C ASP B 548 8.32 19.99 6.53
N LEU B 549 7.90 21.24 6.78
CA LEU B 549 8.16 21.92 8.04
C LEU B 549 6.87 22.39 8.66
N PRO B 550 6.88 22.66 9.98
CA PRO B 550 5.69 23.17 10.66
C PRO B 550 5.15 24.50 10.12
N THR B 551 3.83 24.68 10.23
CA THR B 551 3.21 25.98 9.95
C THR B 551 3.78 26.98 10.93
N LEU B 552 3.50 28.25 10.74
CA LEU B 552 3.93 29.24 11.71
C LEU B 552 3.48 28.88 13.12
N ARG B 553 2.20 28.56 13.29
CA ARG B 553 1.69 28.28 14.63
C ARG B 553 2.36 27.04 15.21
N GLY B 554 2.46 25.98 14.42
CA GLY B 554 3.07 24.73 14.87
C GLY B 554 4.52 24.86 15.28
N TYR B 555 5.26 25.68 14.53
CA TYR B 555 6.64 26.07 14.87
C TYR B 555 6.69 26.74 16.21
N TRP B 556 5.95 27.84 16.32
CA TRP B 556 5.94 28.65 17.52
C TRP B 556 5.55 27.87 18.76
N GLU B 557 4.64 26.92 18.61
CA GLU B 557 4.16 26.11 19.74
C GLU B 557 4.93 24.81 19.96
N CYS B 558 5.95 24.54 19.14
CA CYS B 558 6.65 23.25 19.12
C CYS B 558 5.69 22.08 18.86
N GLY B 559 4.64 22.31 18.09
CA GLY B 559 3.72 21.25 17.73
C GLY B 559 4.42 20.12 16.95
N ASP B 560 5.40 20.46 16.11
CA ASP B 560 6.14 19.44 15.38
C ASP B 560 6.93 18.50 16.29
N LEU B 561 7.51 19.02 17.36
CA LEU B 561 8.28 18.19 18.29
C LEU B 561 7.36 17.37 19.20
N THR B 562 6.30 18.02 19.66
CA THR B 562 5.34 17.40 20.55
C THR B 562 4.59 16.27 19.84
N LEU B 563 4.09 16.55 18.65
CA LEU B 563 3.44 15.53 17.82
C LEU B 563 4.43 14.41 17.46
N GLY B 564 5.64 14.79 17.08
CA GLY B 564 6.70 13.84 16.69
C GLY B 564 6.95 12.81 17.78
N LYS B 565 7.01 13.26 19.02
CA LYS B 565 7.16 12.38 20.16
C LYS B 565 5.96 11.46 20.32
N THR B 566 4.75 12.01 20.16
CA THR B 566 3.51 11.22 20.19
C THR B 566 3.53 10.06 19.19
N LEU B 567 4.19 10.27 18.06
CA LEU B 567 4.24 9.28 17.01
C LEU B 567 5.55 8.48 17.00
N GLY B 568 6.31 8.58 18.10
CA GLY B 568 7.52 7.78 18.27
C GLY B 568 8.71 8.11 17.40
N LEU B 569 8.87 9.38 17.02
CA LEU B 569 9.99 9.80 16.19
C LEU B 569 11.14 10.40 17.00
N TYR B 570 10.94 10.53 18.30
CA TYR B 570 11.94 11.11 19.18
C TYR B 570 12.03 10.22 20.42
N PRO B 571 12.52 8.97 20.24
CA PRO B 571 12.72 8.04 21.34
C PRO B 571 13.91 8.43 22.22
N ASP B 572 14.91 9.07 21.61
CA ASP B 572 16.06 9.60 22.36
C ASP B 572 15.61 10.86 23.10
N GLU B 573 15.39 10.72 24.41
CA GLU B 573 14.80 11.76 25.22
C GLU B 573 15.77 12.94 25.41
N VAL B 574 17.06 12.63 25.42
CA VAL B 574 18.09 13.63 25.55
C VAL B 574 18.07 14.53 24.32
N VAL B 575 18.19 13.92 23.15
CA VAL B 575 18.26 14.65 21.89
C VAL B 575 17.07 15.59 21.70
N LEU B 576 15.90 15.17 22.16
CA LEU B 576 14.67 15.94 21.99
C LEU B 576 14.72 17.23 22.81
N ARG B 577 15.12 17.11 24.08
CA ARG B 577 15.36 18.28 24.94
C ARG B 577 16.21 19.32 24.23
N GLY B 578 17.24 18.85 23.54
CA GLY B 578 18.10 19.72 22.74
C GLY B 578 17.31 20.53 21.73
N LEU B 579 16.41 19.87 21.01
CA LEU B 579 15.60 20.52 19.99
C LEU B 579 14.58 21.48 20.59
N TYR B 580 14.05 21.19 21.77
CA TYR B 580 13.14 22.11 22.46
C TYR B 580 13.84 23.41 22.88
N GLN B 581 15.03 23.26 23.47
CA GLN B 581 15.84 24.42 23.88
C GLN B 581 16.24 25.23 22.67
N ASP B 582 16.61 24.53 21.62
CA ASP B 582 17.03 25.17 20.39
C ASP B 582 15.90 25.95 19.76
N ARG B 583 14.68 25.43 19.87
CA ARG B 583 13.51 26.15 19.39
C ARG B 583 13.21 27.38 20.26
N GLU B 584 13.30 27.24 21.58
CA GLU B 584 13.11 28.38 22.45
C GLU B 584 14.07 29.49 22.00
N LEU B 585 15.35 29.16 21.86
CA LEU B 585 16.35 30.13 21.41
C LEU B 585 15.98 30.78 20.10
N ALA B 586 15.56 29.97 19.14
CA ALA B 586 15.21 30.47 17.82
C ALA B 586 14.07 31.47 17.92
N LYS B 587 13.01 31.09 18.62
CA LYS B 587 11.84 31.95 18.78
C LYS B 587 12.22 33.30 19.38
N GLN B 588 13.07 33.26 20.39
CA GLN B 588 13.57 34.48 21.02
C GLN B 588 14.35 35.35 20.03
N GLY B 589 15.22 34.74 19.23
CA GLY B 589 15.99 35.48 18.24
C GLY B 589 15.09 36.06 17.15
N LEU B 590 14.05 35.30 16.81
CA LEU B 590 13.09 35.72 15.80
C LEU B 590 12.27 36.90 16.31
N LEU B 591 11.80 36.80 17.54
CA LEU B 591 11.07 37.89 18.18
C LEU B 591 11.90 39.16 18.27
N ASP B 592 13.14 39.04 18.75
CA ASP B 592 14.08 40.16 18.79
C ASP B 592 14.13 40.84 17.43
N ALA B 593 14.23 40.04 16.38
CA ALA B 593 14.34 40.56 15.02
C ALA B 593 13.05 41.25 14.60
N LEU B 594 11.89 40.66 14.88
CA LEU B 594 10.61 41.31 14.56
C LEU B 594 10.51 42.72 15.15
N HIS B 595 10.85 42.87 16.43
CA HIS B 595 10.89 44.17 17.08
C HIS B 595 11.88 45.09 16.41
N LYS B 596 13.10 44.60 16.24
CA LYS B 596 14.21 45.41 15.71
C LYS B 596 13.95 45.97 14.30
N TYR B 597 13.36 45.18 13.42
CA TYR B 597 13.03 45.68 12.09
C TYR B 597 11.54 46.01 11.96
N GLY B 598 10.97 46.58 13.03
CA GLY B 598 9.64 47.19 13.04
C GLY B 598 8.47 46.40 12.47
N CYS B 599 8.37 45.12 12.80
CA CYS B 599 7.23 44.29 12.36
C CYS B 599 6.13 44.15 13.42
N LEU B 600 6.35 44.71 14.60
CA LEU B 600 5.37 44.62 15.69
C LEU B 600 5.12 45.99 16.33
N PRO B 601 3.99 46.14 17.06
CA PRO B 601 3.77 47.34 17.87
C PRO B 601 4.77 47.40 19.03
N LYS B 602 5.13 48.59 19.48
CA LYS B 602 6.12 48.74 20.55
C LYS B 602 5.66 48.10 21.87
N ARG B 603 4.34 48.19 22.10
CA ARG B 603 3.72 47.63 23.30
C ARG B 603 3.77 46.11 23.37
N ALA B 604 4.02 45.45 22.24
CA ALA B 604 4.19 43.98 22.19
C ALA B 604 5.38 43.51 23.03
N GLY B 605 5.21 42.35 23.66
CA GLY B 605 6.15 41.87 24.67
C GLY B 605 7.42 41.32 24.06
N HIS B 606 8.48 41.26 24.88
CA HIS B 606 9.81 40.89 24.41
C HIS B 606 10.29 39.48 24.83
N LYS B 607 9.48 38.71 25.55
CA LYS B 607 9.84 37.31 25.94
C LYS B 607 9.04 36.31 25.12
N ALA B 608 9.74 35.57 24.26
CA ALA B 608 9.12 34.63 23.32
C ALA B 608 8.37 33.48 23.99
N SER B 609 8.85 33.01 25.13
CA SER B 609 8.25 31.88 25.83
C SER B 609 6.95 32.27 26.56
N LEU B 610 6.69 33.56 26.68
CA LEU B 610 5.45 34.04 27.25
C LEU B 610 4.48 34.53 26.16
N MET B 611 4.88 34.41 24.90
CA MET B 611 4.05 34.88 23.81
C MET B 611 3.41 33.71 23.05
N SER B 612 2.09 33.67 23.07
CA SER B 612 1.38 32.68 22.27
C SER B 612 1.09 33.29 20.91
N MET B 613 0.70 32.44 19.96
CA MET B 613 0.42 32.87 18.60
C MET B 613 -0.89 33.64 18.56
N THR B 614 -0.79 34.90 18.17
CA THR B 614 -1.92 35.78 17.99
C THR B 614 -1.93 36.25 16.52
N PRO B 615 -3.01 36.92 16.11
CA PRO B 615 -3.00 37.49 14.75
C PRO B 615 -1.83 38.44 14.47
N THR B 616 -1.46 39.24 15.49
CA THR B 616 -0.39 40.25 15.39
C THR B 616 0.99 39.65 15.23
N LEU B 617 1.23 38.51 15.87
CA LEU B 617 2.47 37.78 15.67
C LEU B 617 2.49 37.13 14.29
N ASN B 618 1.47 36.33 14.01
CA ASN B 618 1.25 35.77 12.69
C ASN B 618 1.51 36.81 11.59
N ARG B 619 0.93 38.00 11.74
CA ARG B 619 1.13 39.08 10.77
C ARG B 619 2.58 39.56 10.78
N GLY B 620 3.12 39.85 11.95
CA GLY B 620 4.50 40.28 12.06
C GLY B 620 5.44 39.30 11.38
N LEU B 621 5.22 38.01 11.61
CA LEU B 621 6.14 37.00 11.09
C LEU B 621 6.15 37.00 9.57
N GLN B 622 4.99 37.15 8.97
CA GLN B 622 4.90 37.16 7.52
C GLN B 622 5.40 38.50 6.97
N ARG B 623 5.13 39.58 7.71
CA ARG B 623 5.68 40.91 7.43
C ARG B 623 7.18 40.90 7.28
N TYR B 624 7.84 40.18 8.19
CA TYR B 624 9.28 40.15 8.22
C TYR B 624 9.86 39.81 6.87
N ILE B 625 9.33 38.77 6.25
CA ILE B 625 9.86 38.30 4.96
C ILE B 625 9.29 39.10 3.81
N ALA B 626 8.08 39.61 3.94
CA ALA B 626 7.56 40.53 2.92
C ALA B 626 8.47 41.76 2.78
N ASP B 627 8.99 42.26 3.89
CA ASP B 627 9.96 43.39 3.88
C ASP B 627 11.30 43.07 3.25
N SER B 628 11.60 41.79 3.07
CA SER B 628 12.92 41.39 2.64
C SER B 628 13.23 41.81 1.21
N ASN B 629 14.51 41.79 0.91
CA ASN B 629 14.99 42.15 -0.41
C ASN B 629 14.83 41.04 -1.44
N SER B 630 14.44 39.84 -1.01
CA SER B 630 14.06 38.76 -1.93
C SER B 630 13.08 39.28 -2.96
N ALA B 631 13.37 39.00 -4.24
CA ALA B 631 12.48 39.39 -5.32
C ALA B 631 11.11 38.70 -5.26
N LEU B 632 11.03 37.53 -4.65
CA LEU B 632 9.77 36.80 -4.56
C LEU B 632 9.40 36.38 -3.15
N LEU B 633 8.11 36.35 -2.87
CA LEU B 633 7.59 35.98 -1.58
C LEU B 633 6.55 34.88 -1.78
N GLY B 634 6.73 33.76 -1.09
CA GLY B 634 5.77 32.67 -1.15
C GLY B 634 5.02 32.64 0.17
N LEU B 635 3.72 32.88 0.12
CA LEU B 635 2.91 32.82 1.31
C LEU B 635 2.11 31.56 1.29
N GLN B 636 2.11 30.86 2.42
CA GLN B 636 1.24 29.72 2.62
C GLN B 636 -0.17 30.15 3.08
N PRO B 637 -1.22 29.57 2.47
CA PRO B 637 -2.58 29.84 2.95
C PRO B 637 -2.83 29.23 4.32
N GLU B 638 -2.15 28.12 4.59
CA GLU B 638 -2.20 27.50 5.91
C GLU B 638 -1.92 28.54 6.98
N ASP B 639 -0.98 29.44 6.70
CA ASP B 639 -0.63 30.47 7.67
C ASP B 639 -1.66 31.58 7.76
N TRP B 640 -2.33 31.92 6.65
CA TRP B 640 -3.43 32.88 6.72
C TRP B 640 -4.56 32.36 7.59
N LEU B 641 -4.73 31.04 7.60
CA LEU B 641 -5.80 30.44 8.41
C LEU B 641 -5.36 30.11 9.84
N ASP B 642 -4.14 30.51 10.22
CA ASP B 642 -3.66 30.30 11.58
C ASP B 642 -3.73 28.83 11.97
N MET B 643 -3.33 27.95 11.05
CA MET B 643 -3.40 26.49 11.26
C MET B 643 -2.14 25.98 11.93
N ALA B 644 -2.32 25.04 12.84
CA ALA B 644 -1.21 24.46 13.60
C ALA B 644 -0.73 23.10 13.06
N GLU B 645 -1.53 22.46 12.22
CA GLU B 645 -1.22 21.09 11.85
C GLU B 645 -0.37 20.99 10.57
N PRO B 646 0.61 20.08 10.55
CA PRO B 646 1.46 19.93 9.38
C PRO B 646 0.79 19.15 8.24
N VAL B 647 1.34 19.23 7.03
CA VAL B 647 0.82 18.45 5.89
C VAL B 647 1.65 17.21 5.61
N ASN B 648 2.91 17.24 6.03
CA ASN B 648 3.84 16.13 5.87
C ASN B 648 4.90 16.17 6.96
N ILE B 649 5.19 15.02 7.53
CA ILE B 649 6.25 14.92 8.52
C ILE B 649 7.31 14.01 7.91
N PRO B 650 8.46 14.58 7.51
CA PRO B 650 9.54 13.74 7.00
C PRO B 650 9.97 12.73 8.04
N GLY B 651 10.29 11.52 7.58
CA GLY B 651 10.69 10.43 8.48
C GLY B 651 9.60 9.40 8.72
N THR B 652 8.35 9.83 8.57
CA THR B 652 7.24 8.94 8.82
C THR B 652 6.99 8.15 7.57
N SER B 653 6.54 6.90 7.75
CA SER B 653 5.95 6.10 6.69
C SER B 653 4.44 6.12 6.90
N TYR B 654 3.94 5.35 7.87
CA TYR B 654 2.50 5.30 8.14
C TYR B 654 2.05 6.12 9.35
N GLN B 655 2.97 6.66 10.14
CA GLN B 655 2.62 7.27 11.42
C GLN B 655 1.76 8.53 11.30
N TYR B 656 1.77 9.15 10.13
CA TYR B 656 0.99 10.37 9.94
C TYR B 656 0.41 10.42 8.53
N LYS B 657 -0.84 10.89 8.44
CA LYS B 657 -1.56 11.01 7.18
C LYS B 657 -0.97 12.12 6.33
N ASN B 658 0.13 11.79 5.67
CA ASN B 658 0.83 12.74 4.82
C ASN B 658 0.05 13.06 3.55
N TRP B 659 0.19 14.30 3.09
CA TRP B 659 -0.38 14.74 1.80
C TRP B 659 -1.92 14.67 1.79
N ARG B 660 -2.53 14.95 2.95
CA ARG B 660 -3.96 14.74 3.15
C ARG B 660 -4.68 15.81 4.00
N ARG B 661 -3.94 16.53 4.84
CA ARG B 661 -4.53 17.56 5.71
C ARG B 661 -5.10 18.72 4.91
N LYS B 662 -6.42 18.84 4.87
CA LYS B 662 -7.07 19.92 4.12
C LYS B 662 -6.90 21.25 4.83
N LEU B 663 -7.12 22.33 4.12
CA LEU B 663 -7.18 23.66 4.72
C LEU B 663 -8.41 23.73 5.61
N SER B 664 -8.37 24.60 6.62
CA SER B 664 -9.43 24.65 7.60
C SER B 664 -10.69 25.33 7.07
N ALA B 665 -10.60 26.07 5.96
CA ALA B 665 -11.78 26.74 5.36
C ALA B 665 -11.81 26.71 3.84
N THR B 666 -13.00 26.90 3.27
CA THR B 666 -13.19 26.88 1.83
C THR B 666 -12.61 28.13 1.25
N LEU B 667 -12.33 28.10 -0.05
CA LEU B 667 -11.83 29.29 -0.72
C LEU B 667 -12.80 30.44 -0.51
N GLU B 668 -14.09 30.16 -0.72
CA GLU B 668 -15.16 31.15 -0.59
C GLU B 668 -15.15 31.76 0.81
N SER B 669 -15.08 30.90 1.80
CA SER B 669 -15.02 31.32 3.18
C SER B 669 -13.82 32.26 3.39
N MET B 670 -12.61 31.79 3.10
CA MET B 670 -11.41 32.52 3.51
C MET B 670 -11.19 33.85 2.78
N PHE B 671 -11.66 33.94 1.54
CA PHE B 671 -11.56 35.20 0.79
C PHE B 671 -12.69 36.19 1.08
N ALA B 672 -13.63 35.80 1.92
CA ALA B 672 -14.63 36.74 2.45
C ALA B 672 -14.39 37.10 3.94
N ASP B 673 -13.31 36.58 4.51
CA ASP B 673 -12.94 36.84 5.92
C ASP B 673 -12.18 38.16 6.02
N ASP B 674 -12.61 39.05 6.92
CA ASP B 674 -11.98 40.37 7.08
C ASP B 674 -10.51 40.27 7.45
N GLY B 675 -10.19 39.40 8.42
CA GLY B 675 -8.83 39.22 8.92
C GLY B 675 -7.87 38.80 7.84
N VAL B 676 -8.28 37.82 7.03
CA VAL B 676 -7.49 37.33 5.90
C VAL B 676 -7.26 38.45 4.86
N ASN B 677 -8.30 39.17 4.48
CA ASN B 677 -8.15 40.25 3.49
C ASN B 677 -7.24 41.37 3.98
N LYS B 678 -7.37 41.73 5.26
CA LYS B 678 -6.49 42.70 5.91
C LYS B 678 -5.04 42.25 5.89
N LEU B 679 -4.83 40.98 6.22
CA LEU B 679 -3.49 40.41 6.20
C LEU B 679 -2.85 40.56 4.83
N LEU B 680 -3.58 40.16 3.80
CA LEU B 680 -3.04 40.17 2.45
C LEU B 680 -2.93 41.58 1.89
N LYS B 681 -3.82 42.48 2.30
CA LYS B 681 -3.69 43.87 1.90
C LYS B 681 -2.44 44.47 2.56
N ASP B 682 -2.22 44.11 3.82
CA ASP B 682 -1.04 44.61 4.56
C ASP B 682 0.26 44.02 4.01
N LEU B 683 0.24 42.75 3.63
CA LEU B 683 1.44 42.11 3.10
C LEU B 683 1.73 42.57 1.67
N ASP B 684 0.68 42.79 0.88
CA ASP B 684 0.84 43.28 -0.49
C ASP B 684 1.50 44.65 -0.48
N ARG B 685 1.02 45.51 0.43
CA ARG B 685 1.55 46.86 0.58
C ARG B 685 2.99 46.86 1.11
N ARG B 686 3.29 45.92 1.99
CA ARG B 686 4.64 45.75 2.51
C ARG B 686 5.65 45.46 1.38
N ARG B 687 5.27 44.57 0.46
CA ARG B 687 6.09 44.27 -0.72
C ARG B 687 6.37 45.52 -1.54
N ARG B 688 5.36 46.39 -1.69
CA ARG B 688 5.51 47.62 -2.46
C ARG B 688 6.59 48.52 -1.84
N SER B 689 6.66 48.55 -0.51
CA SER B 689 7.64 49.40 0.19
C SER B 689 9.07 48.85 0.24
N ALA B 690 9.33 47.70 -0.41
CA ALA B 690 10.69 47.12 -0.46
C ALA B 690 11.37 47.39 -1.81
#